data_6X3C
#
_entry.id   6X3C
#
_cell.length_a   105.540
_cell.length_b   105.620
_cell.length_c   178.200
_cell.angle_alpha   90.000
_cell.angle_beta   90.000
_cell.angle_gamma   90.000
#
_symmetry.space_group_name_H-M   'P 21 21 21'
#
loop_
_entity.id
_entity.type
_entity.pdbx_description
1 polymer 'Virginiamycin A acetyltransferase'
2 non-polymer 'THIOACETIC ACID S-{2-[3-(2-HYDROXY-3,3-DIMETHYL-4-PHOSPHONOOXY-BUTYRYLAMINO)-PROPIONYLAMINO]-ETHYL} ESTER'
3 non-polymer (3R,4R,5E,10E,12E,14S,16R,26aR)-16-fluoro-14-hydroxy-12-methyl-3-(propan-2-yl)-4-(prop-2-en-1-yl)-3,4,8,9,14,15,16,17,24,25,26,26a-dodecahydro-1H,7H,22H-21,18-(azeno)pyrrolo[2,1-c][1,8,4,19]dioxadiazacyclotetracosine-1,7,22-trione
4 non-polymer 'PHOSPHATE ION'
5 non-polymer 'SULFATE ION'
6 non-polymer 'CHLORIDE ION'
7 non-polymer 'MAGNESIUM ION'
8 water water
#
_entity_poly.entity_id   1
_entity_poly.type   'polypeptide(L)'
_entity_poly.pdbx_seq_one_letter_code
;HGPDPENILPIKGNRNLQFIKPTITNENILVGEYSYYDSKRGESFEDQVLYHYEVIGDKLIIGRFCSIGPGTTFIMNGAN
HRMDGSTYPFHLFRMGWEKYMPSLKDLPLKGDIEIGNDVWIGRDVTIMPGVKIGDGAIIAAEAVVTKNVAPYSIVGGNPL
KFIRKRFSDGVIEEWLALQWWNLDMKIINENLPFIINGDIEMLKRKR
;
_entity_poly.pdbx_strand_id   A,B,C,D,E,F
#
loop_
_chem_comp.id
_chem_comp.type
_chem_comp.name
_chem_comp.formula
CL non-polymer 'CHLORIDE ION' 'Cl -1'
MG non-polymer 'MAGNESIUM ION' 'Mg 2'
O7S non-polymer (3R,4R,5E,10E,12E,14S,16R,26aR)-16-fluoro-14-hydroxy-12-methyl-3-(propan-2-yl)-4-(prop-2-en-1-yl)-3,4,8,9,14,15,16,17,24,25,26,26a-dodecahydro-1H,7H,22H-21,18-(azeno)pyrrolo[2,1-c][1,8,4,19]dioxadiazacyclotetracosine-1,7,22-trione 'C30 H40 F N3 O6'
PO4 non-polymer 'PHOSPHATE ION' 'O4 P -3'
SO4 non-polymer 'SULFATE ION' 'O4 S -2'
SXA non-polymer 'THIOACETIC ACID S-{2-[3-(2-HYDROXY-3,3-DIMETHYL-4-PHOSPHONOOXY-BUTYRYLAMINO)-PROPIONYLAMINO]-ETHYL} ESTER' 'C13 H25 N2 O8 P S'
#
# COMPACT_ATOMS: atom_id res chain seq x y z
N HIS A 1 6.12 -1.91 38.76
CA HIS A 1 5.35 -3.13 38.47
C HIS A 1 4.17 -2.82 37.56
N GLY A 2 4.13 -3.51 36.43
CA GLY A 2 3.32 -3.12 35.31
C GLY A 2 4.23 -2.70 34.17
N PRO A 3 3.66 -2.42 33.01
CA PRO A 3 4.48 -2.05 31.85
C PRO A 3 4.94 -0.61 31.93
N ASP A 4 5.91 -0.29 31.08
CA ASP A 4 6.50 1.04 31.02
C ASP A 4 5.59 1.95 30.20
N PRO A 5 4.97 2.97 30.80
CA PRO A 5 4.12 3.86 30.01
C PRO A 5 4.85 4.53 28.86
N GLU A 6 6.18 4.54 28.89
CA GLU A 6 7.00 5.22 27.90
C GLU A 6 7.50 4.29 26.80
N ASN A 7 7.10 3.02 26.81
CA ASN A 7 7.55 2.06 25.81
C ASN A 7 6.53 2.00 24.68
N ILE A 8 6.99 2.27 23.46
CA ILE A 8 6.06 2.47 22.34
C ILE A 8 5.29 1.18 22.06
N LEU A 9 6.00 0.05 21.97
CA LEU A 9 5.34 -1.21 21.64
C LEU A 9 5.33 -2.12 22.88
N PRO A 10 4.35 -1.95 23.77
CA PRO A 10 4.39 -2.66 25.05
C PRO A 10 4.01 -4.14 24.99
N ILE A 11 3.52 -4.64 23.86
CA ILE A 11 3.15 -6.04 23.72
C ILE A 11 4.20 -6.72 22.84
N LYS A 12 4.84 -7.76 23.39
CA LYS A 12 5.82 -8.53 22.63
C LYS A 12 5.21 -9.05 21.35
N GLY A 13 5.97 -8.96 20.26
CA GLY A 13 5.53 -9.47 18.98
C GLY A 13 4.50 -8.62 18.27
N ASN A 14 3.71 -7.87 19.03
CA ASN A 14 2.69 -7.01 18.45
C ASN A 14 3.32 -5.72 17.96
N ARG A 15 3.08 -5.38 16.70
CA ARG A 15 3.64 -4.18 16.10
C ARG A 15 2.58 -3.14 15.75
N ASN A 16 1.32 -3.38 16.09
CA ASN A 16 0.24 -2.44 15.79
C ASN A 16 -0.22 -1.64 17.01
N LEU A 17 -0.31 -2.25 18.18
CA LEU A 17 -0.77 -1.58 19.41
C LEU A 17 0.37 -0.78 19.98
N GLN A 18 0.22 0.54 20.15
CA GLN A 18 1.24 1.48 20.62
C GLN A 18 0.83 2.35 21.79
N PHE A 19 1.70 2.65 22.74
CA PHE A 19 1.39 3.61 23.84
C PHE A 19 1.53 4.95 23.16
N ILE A 20 0.57 5.85 23.23
CA ILE A 20 0.55 7.06 22.40
C ILE A 20 1.56 8.08 22.90
N LYS A 21 1.62 8.31 24.22
CA LYS A 21 2.44 9.36 24.79
C LYS A 21 3.85 9.37 24.22
N PRO A 22 4.60 8.26 24.27
CA PRO A 22 5.99 8.30 23.80
C PRO A 22 6.14 8.52 22.30
N THR A 23 5.07 8.40 21.52
CA THR A 23 5.14 8.61 20.09
C THR A 23 4.90 10.05 19.68
N ILE A 24 4.39 10.89 20.59
CA ILE A 24 3.95 12.22 20.20
C ILE A 24 5.16 13.10 19.92
N THR A 25 5.36 13.54 18.66
CA THR A 25 6.45 14.47 18.27
C THR A 25 5.87 15.86 18.02
N ASN A 26 4.81 15.96 17.21
CA ASN A 26 4.12 17.23 16.86
C ASN A 26 3.43 17.78 18.12
N GLU A 27 3.35 19.11 18.25
CA GLU A 27 2.74 19.83 19.41
C GLU A 27 1.22 19.90 19.26
N ASN A 28 0.55 20.37 20.32
CA ASN A 28 -0.93 20.55 20.47
C ASN A 28 -1.62 19.18 20.54
N ILE A 29 -0.92 18.17 21.09
CA ILE A 29 -1.44 16.79 21.33
C ILE A 29 -0.95 16.38 22.73
N LEU A 30 -1.85 16.17 23.70
CA LEU A 30 -1.51 15.85 25.08
C LEU A 30 -2.24 14.57 25.42
N VAL A 31 -1.61 13.43 25.29
CA VAL A 31 -2.22 12.14 25.60
C VAL A 31 -1.61 11.61 26.89
N GLY A 32 -2.45 11.18 27.81
CA GLY A 32 -1.97 10.67 29.08
C GLY A 32 -1.32 9.30 28.95
N GLU A 33 -0.56 8.95 29.98
CA GLU A 33 0.18 7.71 29.98
C GLU A 33 -0.75 6.50 29.98
N TYR A 34 -0.24 5.40 29.43
CA TYR A 34 -0.93 4.11 29.35
C TYR A 34 -2.08 4.08 28.35
N SER A 35 -2.51 5.24 27.85
CA SER A 35 -3.43 5.26 26.72
C SER A 35 -2.72 4.70 25.49
N TYR A 36 -3.45 3.91 24.70
CA TYR A 36 -2.85 3.23 23.56
C TYR A 36 -3.72 3.36 22.32
N TYR A 37 -3.08 3.11 21.17
CA TYR A 37 -3.76 3.07 19.88
C TYR A 37 -3.46 1.73 19.22
N ASP A 38 -4.53 0.98 18.82
CA ASP A 38 -4.50 -0.32 18.12
C ASP A 38 -4.54 0.01 16.63
N SER A 39 -3.40 0.03 15.93
CA SER A 39 -3.45 0.47 14.53
C SER A 39 -3.95 -0.62 13.61
N LYS A 40 -4.56 -0.25 12.49
CA LYS A 40 -5.12 -1.17 11.49
C LYS A 40 -3.97 -1.78 10.70
N ARG A 41 -3.08 -0.91 10.27
CA ARG A 41 -1.95 -1.20 9.37
C ARG A 41 -0.62 -0.64 9.88
N GLY A 42 -0.46 -0.34 11.16
CA GLY A 42 0.81 0.17 11.70
C GLY A 42 0.95 1.67 11.62
N GLU A 43 -0.09 2.37 11.14
CA GLU A 43 -0.05 3.83 11.03
C GLU A 43 0.03 4.39 12.42
N SER A 44 0.70 5.51 12.60
CA SER A 44 0.92 6.12 13.92
C SER A 44 -0.34 6.79 14.41
N PHE A 45 -0.41 7.02 15.68
CA PHE A 45 -1.58 7.72 16.19
C PHE A 45 -1.69 9.11 15.59
N GLU A 46 -0.56 9.82 15.48
CA GLU A 46 -0.60 11.17 14.91
C GLU A 46 -1.13 11.17 13.48
N ASP A 47 -0.85 10.10 12.72
CA ASP A 47 -1.42 10.00 11.38
C ASP A 47 -2.93 10.15 11.39
N GLN A 48 -3.57 9.84 12.50
CA GLN A 48 -5.02 9.86 12.62
C GLN A 48 -5.56 11.20 13.10
N VAL A 49 -4.71 12.19 13.34
CA VAL A 49 -5.14 13.53 13.75
C VAL A 49 -5.08 14.41 12.50
N LEU A 50 -6.24 14.76 11.99
CA LEU A 50 -6.37 15.37 10.67
C LEU A 50 -6.72 16.85 10.78
N TYR A 51 -6.29 17.61 9.78
CA TYR A 51 -6.57 19.04 9.72
C TYR A 51 -6.00 19.77 10.93
N HIS A 52 -4.94 19.22 11.53
CA HIS A 52 -4.32 19.82 12.70
C HIS A 52 -3.24 20.78 12.22
N TYR A 53 -3.55 22.07 12.22
CA TYR A 53 -2.63 23.11 11.81
C TYR A 53 -2.18 23.90 13.03
N GLU A 54 -0.87 24.03 13.20
CA GLU A 54 -0.33 24.79 14.32
C GLU A 54 -0.81 26.23 14.28
N VAL A 55 -1.14 26.73 13.08
CA VAL A 55 -1.61 28.10 12.93
C VAL A 55 -2.97 28.31 13.57
N ILE A 56 -3.77 27.24 13.73
CA ILE A 56 -5.09 27.37 14.36
C ILE A 56 -5.01 27.12 15.86
N GLY A 57 -4.00 26.37 16.33
CA GLY A 57 -3.67 26.33 17.73
C GLY A 57 -4.55 25.48 18.62
N ASP A 58 -5.57 24.82 18.06
CA ASP A 58 -6.39 23.93 18.84
C ASP A 58 -5.59 22.68 19.22
N LYS A 59 -6.00 22.04 20.30
CA LYS A 59 -5.27 20.90 20.86
C LYS A 59 -6.17 19.68 20.94
N LEU A 60 -5.53 18.51 20.94
CA LEU A 60 -6.19 17.23 21.16
C LEU A 60 -5.69 16.69 22.49
N ILE A 61 -6.57 16.62 23.48
CA ILE A 61 -6.20 16.24 24.84
C ILE A 61 -6.92 14.94 25.18
N ILE A 62 -6.14 13.90 25.48
CA ILE A 62 -6.66 12.60 25.86
C ILE A 62 -6.07 12.22 27.22
N GLY A 63 -6.87 11.55 28.04
CA GLY A 63 -6.46 11.21 29.39
C GLY A 63 -5.60 9.98 29.50
N ARG A 64 -5.81 9.23 30.58
CA ARG A 64 -5.04 8.03 30.87
C ARG A 64 -5.89 6.78 30.70
N PHE A 65 -5.20 5.65 30.51
CA PHE A 65 -5.82 4.34 30.40
C PHE A 65 -6.98 4.34 29.42
N CYS A 66 -6.79 5.01 28.29
CA CYS A 66 -7.76 5.01 27.20
C CYS A 66 -7.37 3.99 26.13
N SER A 67 -8.38 3.40 25.50
CA SER A 67 -8.18 2.47 24.39
C SER A 67 -8.83 3.08 23.15
N ILE A 68 -8.02 3.57 22.22
CA ILE A 68 -8.49 4.21 21.01
C ILE A 68 -8.35 3.21 19.87
N GLY A 69 -9.49 2.84 19.27
CA GLY A 69 -9.56 1.71 18.37
C GLY A 69 -9.07 1.97 16.98
N PRO A 70 -8.77 0.89 16.25
CA PRO A 70 -8.14 1.03 14.92
C PRO A 70 -9.00 1.83 13.96
N GLY A 71 -8.35 2.79 13.29
CA GLY A 71 -9.02 3.61 12.31
C GLY A 71 -9.67 4.86 12.85
N THR A 72 -9.74 5.01 14.17
CA THR A 72 -10.29 6.23 14.74
C THR A 72 -9.53 7.44 14.19
N THR A 73 -10.28 8.49 13.88
CA THR A 73 -9.71 9.73 13.39
C THR A 73 -10.25 10.89 14.21
N PHE A 74 -9.48 11.96 14.26
CA PHE A 74 -9.85 13.17 15.00
C PHE A 74 -9.85 14.33 14.02
N ILE A 75 -11.03 14.81 13.67
CA ILE A 75 -11.17 15.98 12.80
C ILE A 75 -10.93 17.21 13.68
N MET A 76 -9.80 17.87 13.47
CA MET A 76 -9.49 19.09 14.21
C MET A 76 -10.24 20.26 13.54
N ASN A 77 -9.96 21.49 14.01
CA ASN A 77 -10.76 22.63 13.58
C ASN A 77 -10.39 23.14 12.20
N GLY A 78 -9.14 22.95 11.77
CA GLY A 78 -8.73 23.40 10.46
C GLY A 78 -9.56 22.84 9.32
N ALA A 79 -10.39 21.83 9.60
CA ALA A 79 -11.18 21.20 8.55
C ALA A 79 -12.36 22.04 8.09
N ASN A 80 -12.76 23.04 8.88
CA ASN A 80 -14.00 23.76 8.61
C ASN A 80 -13.74 24.95 7.69
N HIS A 81 -14.46 25.01 6.59
CA HIS A 81 -14.42 26.16 5.70
C HIS A 81 -15.07 27.37 6.38
N ARG A 82 -14.85 28.53 5.79
CA ARG A 82 -15.57 29.73 6.21
C ARG A 82 -16.99 29.66 5.67
N MET A 83 -17.94 30.19 6.46
CA MET A 83 -19.35 29.98 6.17
C MET A 83 -20.17 31.27 6.14
N ASP A 84 -19.51 32.43 6.09
CA ASP A 84 -20.25 33.68 5.92
C ASP A 84 -20.93 33.72 4.55
N GLY A 85 -20.19 33.37 3.52
CA GLY A 85 -20.74 33.24 2.19
C GLY A 85 -20.27 31.96 1.54
N SER A 86 -19.58 32.07 0.40
CA SER A 86 -19.10 30.88 -0.28
C SER A 86 -18.09 30.14 0.60
N THR A 87 -18.28 28.83 0.74
CA THR A 87 -17.39 27.99 1.52
C THR A 87 -16.16 27.55 0.75
N TYR A 88 -15.92 28.14 -0.42
CA TYR A 88 -14.83 27.72 -1.28
C TYR A 88 -13.54 28.39 -0.86
N PRO A 89 -12.44 27.64 -0.67
CA PRO A 89 -11.20 28.25 -0.14
C PRO A 89 -10.35 28.88 -1.24
N PHE A 90 -10.85 29.98 -1.79
CA PHE A 90 -10.21 30.60 -2.95
C PHE A 90 -8.71 30.84 -2.70
N HIS A 91 -8.37 31.37 -1.54
CA HIS A 91 -7.00 31.84 -1.32
C HIS A 91 -5.97 30.74 -1.48
N LEU A 92 -6.35 29.48 -1.28
CA LEU A 92 -5.39 28.39 -1.33
C LEU A 92 -4.72 28.29 -2.70
N PHE A 93 -5.43 28.66 -3.76
CA PHE A 93 -4.95 28.48 -5.12
C PHE A 93 -4.14 29.67 -5.62
N ARG A 94 -4.00 30.71 -4.79
CA ARG A 94 -3.06 31.81 -5.07
C ARG A 94 -3.40 32.41 -6.43
N MET A 95 -2.38 32.89 -7.14
CA MET A 95 -2.58 33.46 -8.48
C MET A 95 -3.45 34.71 -8.40
N GLY A 96 -3.25 35.49 -7.34
CA GLY A 96 -4.04 36.67 -7.07
C GLY A 96 -5.07 36.46 -5.98
N TRP A 97 -5.61 35.25 -5.86
CA TRP A 97 -6.63 34.95 -4.86
C TRP A 97 -6.07 34.84 -3.45
N GLU A 98 -4.74 34.84 -3.27
CA GLU A 98 -4.16 34.56 -1.96
C GLU A 98 -4.36 35.71 -0.97
N LYS A 99 -4.85 36.86 -1.41
CA LYS A 99 -5.15 37.97 -0.51
C LYS A 99 -6.52 37.86 0.12
N TYR A 100 -7.39 36.98 -0.39
CA TYR A 100 -8.70 36.74 0.22
C TYR A 100 -8.53 35.77 1.40
N MET A 101 -7.70 36.17 2.35
CA MET A 101 -7.34 35.30 3.46
C MET A 101 -8.28 35.52 4.64
N PRO A 102 -8.85 34.46 5.21
CA PRO A 102 -9.67 34.64 6.41
C PRO A 102 -8.82 34.85 7.65
N SER A 103 -9.46 35.38 8.68
CA SER A 103 -8.86 35.46 10.00
C SER A 103 -9.47 34.40 10.90
N LEU A 104 -8.89 34.23 12.09
CA LEU A 104 -9.44 33.28 13.04
C LEU A 104 -10.86 33.67 13.44
N LYS A 105 -11.13 34.97 13.56
CA LYS A 105 -12.46 35.42 13.94
C LYS A 105 -13.49 35.12 12.85
N ASP A 106 -13.04 34.85 11.62
CA ASP A 106 -13.94 34.60 10.51
C ASP A 106 -14.34 33.13 10.38
N LEU A 107 -13.60 32.19 11.05
CA LEU A 107 -13.83 30.77 10.90
C LEU A 107 -14.69 30.22 12.04
N PRO A 108 -15.42 29.12 11.80
CA PRO A 108 -16.28 28.51 12.84
C PRO A 108 -15.49 27.64 13.81
N LEU A 109 -14.63 28.28 14.60
CA LEU A 109 -13.75 27.56 15.51
C LEU A 109 -14.49 27.17 16.78
N LYS A 110 -14.28 25.93 17.22
CA LYS A 110 -15.11 25.33 18.26
C LYS A 110 -14.33 24.83 19.47
N GLY A 111 -13.02 25.06 19.53
CA GLY A 111 -12.25 24.69 20.70
C GLY A 111 -11.63 23.31 20.62
N ASP A 112 -11.01 22.92 21.71
CA ASP A 112 -10.21 21.71 21.74
C ASP A 112 -11.09 20.45 21.76
N ILE A 113 -10.48 19.34 21.40
CA ILE A 113 -11.04 18.02 21.66
C ILE A 113 -10.49 17.55 23.01
N GLU A 114 -11.38 17.30 23.96
CA GLU A 114 -11.00 16.89 25.32
C GLU A 114 -11.61 15.52 25.59
N ILE A 115 -10.76 14.52 25.74
CA ILE A 115 -11.19 13.15 26.04
C ILE A 115 -10.69 12.79 27.43
N GLY A 116 -11.55 12.15 28.22
CA GLY A 116 -11.27 11.87 29.62
C GLY A 116 -10.35 10.70 29.81
N ASN A 117 -10.52 10.02 30.94
CA ASN A 117 -9.69 8.89 31.33
C ASN A 117 -10.52 7.61 31.30
N ASP A 118 -9.85 6.50 31.07
CA ASP A 118 -10.49 5.19 31.06
C ASP A 118 -11.64 5.15 30.04
N VAL A 119 -11.44 5.79 28.89
CA VAL A 119 -12.45 5.88 27.84
C VAL A 119 -12.18 4.80 26.80
N TRP A 120 -13.22 4.05 26.45
CA TRP A 120 -13.16 3.02 25.41
C TRP A 120 -13.74 3.62 24.13
N ILE A 121 -12.87 4.08 23.23
CA ILE A 121 -13.30 4.52 21.91
C ILE A 121 -13.18 3.34 20.97
N GLY A 122 -14.27 3.04 20.27
CA GLY A 122 -14.36 1.85 19.46
C GLY A 122 -13.61 1.98 18.14
N ARG A 123 -13.79 0.95 17.33
CA ARG A 123 -13.11 0.89 16.04
C ARG A 123 -13.77 1.84 15.05
N ASP A 124 -12.94 2.48 14.22
CA ASP A 124 -13.42 3.29 13.10
C ASP A 124 -14.35 4.39 13.57
N VAL A 125 -13.94 5.11 14.61
CA VAL A 125 -14.72 6.21 15.17
C VAL A 125 -14.17 7.52 14.62
N THR A 126 -15.06 8.40 14.17
CA THR A 126 -14.70 9.75 13.78
C THR A 126 -15.11 10.70 14.89
N ILE A 127 -14.16 11.51 15.37
CA ILE A 127 -14.42 12.48 16.44
C ILE A 127 -14.38 13.87 15.80
N MET A 128 -15.48 14.61 15.95
CA MET A 128 -15.60 15.92 15.35
C MET A 128 -14.93 16.96 16.23
N PRO A 129 -14.69 18.16 15.70
CA PRO A 129 -13.94 19.16 16.45
C PRO A 129 -14.69 19.68 17.67
N GLY A 130 -13.93 20.15 18.65
CA GLY A 130 -14.47 20.84 19.80
C GLY A 130 -15.25 19.98 20.77
N VAL A 131 -15.19 18.66 20.62
CA VAL A 131 -16.01 17.75 21.42
C VAL A 131 -15.31 17.43 22.73
N LYS A 132 -16.11 17.26 23.78
CA LYS A 132 -15.64 16.74 25.06
C LYS A 132 -16.26 15.38 25.31
N ILE A 133 -15.45 14.45 25.83
CA ILE A 133 -15.90 13.09 26.13
C ILE A 133 -15.47 12.77 27.56
N GLY A 134 -16.44 12.46 28.42
CA GLY A 134 -16.17 12.32 29.83
C GLY A 134 -15.49 11.01 30.20
N ASP A 135 -15.08 10.94 31.47
CA ASP A 135 -14.39 9.76 31.99
C ASP A 135 -15.26 8.52 31.82
N GLY A 136 -14.61 7.39 31.60
CA GLY A 136 -15.26 6.10 31.64
C GLY A 136 -16.34 5.86 30.60
N ALA A 137 -16.48 6.77 29.64
CA ALA A 137 -17.48 6.58 28.60
C ALA A 137 -17.06 5.45 27.65
N ILE A 138 -18.01 5.02 26.83
CA ILE A 138 -17.79 3.97 25.83
C ILE A 138 -18.40 4.45 24.53
N ILE A 139 -17.57 4.65 23.52
CA ILE A 139 -18.02 5.05 22.19
C ILE A 139 -18.11 3.80 21.33
N ALA A 140 -19.28 3.54 20.77
CA ALA A 140 -19.47 2.36 19.94
C ALA A 140 -18.66 2.48 18.65
N ALA A 141 -18.25 1.33 18.12
CA ALA A 141 -17.57 1.30 16.83
C ALA A 141 -18.40 2.02 15.78
N GLU A 142 -17.71 2.60 14.81
CA GLU A 142 -18.31 3.27 13.65
C GLU A 142 -19.07 4.53 14.02
N ALA A 143 -18.97 4.98 15.26
CA ALA A 143 -19.69 6.18 15.68
C ALA A 143 -19.05 7.42 15.07
N VAL A 144 -19.82 8.50 15.05
CA VAL A 144 -19.33 9.82 14.66
C VAL A 144 -19.69 10.74 15.83
N VAL A 145 -18.70 11.01 16.69
CA VAL A 145 -18.94 11.81 17.89
C VAL A 145 -19.18 13.25 17.45
N THR A 146 -20.44 13.70 17.53
CA THR A 146 -20.82 15.04 17.10
C THR A 146 -21.23 15.95 18.24
N LYS A 147 -21.60 15.40 19.39
CA LYS A 147 -21.88 16.18 20.59
C LYS A 147 -21.04 15.63 21.74
N ASN A 148 -21.07 16.34 22.86
CA ASN A 148 -20.36 15.88 24.05
C ASN A 148 -20.90 14.53 24.51
N VAL A 149 -20.05 13.79 25.22
CA VAL A 149 -20.39 12.47 25.76
C VAL A 149 -20.20 12.53 27.27
N ALA A 150 -21.26 12.24 28.01
CA ALA A 150 -21.23 12.36 29.46
C ALA A 150 -20.36 11.25 30.06
N PRO A 151 -19.81 11.49 31.25
CA PRO A 151 -18.98 10.45 31.88
C PRO A 151 -19.75 9.16 32.10
N TYR A 152 -19.06 8.03 31.85
CA TYR A 152 -19.61 6.71 32.12
C TYR A 152 -20.96 6.51 31.41
N SER A 153 -21.01 6.93 30.15
CA SER A 153 -22.17 6.71 29.30
C SER A 153 -21.73 5.98 28.04
N ILE A 154 -22.63 5.16 27.51
CA ILE A 154 -22.41 4.44 26.26
C ILE A 154 -23.14 5.18 25.16
N VAL A 155 -22.43 5.48 24.07
CA VAL A 155 -22.99 6.21 22.94
C VAL A 155 -22.49 5.59 21.64
N GLY A 156 -23.19 5.91 20.55
CA GLY A 156 -22.80 5.41 19.25
C GLY A 156 -23.78 5.88 18.20
N GLY A 157 -23.31 5.87 16.96
CA GLY A 157 -24.13 6.18 15.80
C GLY A 157 -23.60 7.38 15.02
N ASN A 158 -24.36 7.74 13.97
CA ASN A 158 -24.04 8.87 13.12
C ASN A 158 -25.33 9.55 12.66
N PRO A 159 -25.67 10.73 13.21
CA PRO A 159 -24.95 11.44 14.27
C PRO A 159 -24.88 10.65 15.56
N LEU A 160 -24.18 11.18 16.56
CA LEU A 160 -24.09 10.48 17.83
C LEU A 160 -25.44 10.51 18.54
N LYS A 161 -25.82 9.36 19.09
CA LYS A 161 -27.06 9.21 19.84
C LYS A 161 -26.73 8.50 21.15
N PHE A 162 -27.45 8.88 22.20
CA PHE A 162 -27.22 8.34 23.53
C PHE A 162 -27.88 6.95 23.67
N ILE A 163 -27.16 6.03 24.31
CA ILE A 163 -27.65 4.67 24.47
C ILE A 163 -28.09 4.47 25.93
N ARG A 164 -27.14 4.51 26.85
CA ARG A 164 -27.45 4.28 28.27
C ARG A 164 -26.27 4.72 29.11
N LYS A 165 -26.54 4.90 30.41
CA LYS A 165 -25.49 5.12 31.39
C LYS A 165 -25.02 3.77 31.93
N ARG A 166 -23.71 3.65 32.14
CA ARG A 166 -23.13 2.36 32.53
C ARG A 166 -23.63 1.92 33.90
N PHE A 167 -23.58 2.81 34.88
CA PHE A 167 -24.03 2.55 36.24
C PHE A 167 -25.04 3.61 36.64
N SER A 168 -25.66 3.40 37.80
CA SER A 168 -26.58 4.38 38.34
C SER A 168 -25.87 5.72 38.53
N ASP A 169 -26.67 6.79 38.67
CA ASP A 169 -26.09 8.10 38.95
C ASP A 169 -25.20 8.05 40.18
N GLY A 170 -25.72 7.49 41.28
CA GLY A 170 -24.94 7.43 42.51
C GLY A 170 -23.63 6.69 42.35
N VAL A 171 -23.59 5.69 41.48
CA VAL A 171 -22.34 4.95 41.28
C VAL A 171 -21.36 5.76 40.44
N ILE A 172 -21.85 6.49 39.44
CA ILE A 172 -20.96 7.32 38.64
C ILE A 172 -20.39 8.45 39.47
N GLU A 173 -21.21 9.04 40.35
CA GLU A 173 -20.71 10.06 41.25
C GLU A 173 -19.50 9.57 42.04
N GLU A 174 -19.46 8.27 42.34
CA GLU A 174 -18.38 7.73 43.16
C GLU A 174 -17.10 7.54 42.37
N TRP A 175 -17.20 6.97 41.16
CA TRP A 175 -16.02 6.74 40.35
C TRP A 175 -15.31 8.05 40.04
N LEU A 176 -16.07 9.10 39.76
CA LEU A 176 -15.48 10.41 39.49
C LEU A 176 -14.87 10.99 40.75
N ALA A 177 -15.56 10.88 41.88
CA ALA A 177 -14.96 11.28 43.15
C ALA A 177 -13.70 10.49 43.43
N LEU A 178 -13.70 9.20 43.10
CA LEU A 178 -12.53 8.35 43.35
C LEU A 178 -11.34 8.80 42.52
N GLN A 179 -11.50 8.82 41.19
CA GLN A 179 -10.43 9.25 40.27
C GLN A 179 -9.25 8.28 40.32
N TRP A 180 -9.52 6.99 40.16
CA TRP A 180 -8.48 6.00 40.40
C TRP A 180 -7.30 6.17 39.45
N TRP A 181 -7.51 6.77 38.27
CA TRP A 181 -6.43 6.93 37.31
C TRP A 181 -5.37 7.91 37.79
N ASN A 182 -5.69 8.81 38.71
CA ASN A 182 -4.74 9.80 39.20
C ASN A 182 -3.99 9.35 40.43
N LEU A 183 -4.43 8.28 41.10
CA LEU A 183 -3.73 7.79 42.28
C LEU A 183 -2.30 7.40 41.90
N ASP A 184 -1.42 7.43 42.91
CA ASP A 184 -0.07 6.92 42.72
C ASP A 184 -0.12 5.51 42.15
N MET A 185 0.89 5.17 41.34
CA MET A 185 0.87 3.87 40.69
C MET A 185 1.03 2.73 41.69
N LYS A 186 1.74 2.97 42.79
CA LYS A 186 1.81 1.95 43.83
C LYS A 186 0.43 1.59 44.35
N ILE A 187 -0.51 2.53 44.31
CA ILE A 187 -1.86 2.29 44.80
C ILE A 187 -2.76 1.68 43.73
N ILE A 188 -2.55 2.03 42.46
CA ILE A 188 -3.39 1.47 41.40
C ILE A 188 -3.19 -0.04 41.32
N ASN A 189 -1.95 -0.51 41.50
CA ASN A 189 -1.71 -1.95 41.47
C ASN A 189 -2.31 -2.65 42.68
N GLU A 190 -2.35 -1.98 43.83
CA GLU A 190 -2.90 -2.59 45.03
C GLU A 190 -4.41 -2.81 44.89
N ASN A 191 -5.09 -1.99 44.09
CA ASN A 191 -6.53 -2.07 43.93
C ASN A 191 -6.95 -2.48 42.52
N LEU A 192 -5.99 -2.92 41.68
CA LEU A 192 -6.35 -3.26 40.31
C LEU A 192 -7.45 -4.32 40.23
N PRO A 193 -7.48 -5.34 41.10
CA PRO A 193 -8.62 -6.27 41.07
C PRO A 193 -9.97 -5.58 41.16
N PHE A 194 -10.07 -4.56 42.02
CA PHE A 194 -11.35 -3.90 42.25
C PHE A 194 -11.65 -2.84 41.19
N ILE A 195 -10.60 -2.21 40.65
CA ILE A 195 -10.78 -1.31 39.52
C ILE A 195 -11.30 -2.08 38.31
N ILE A 196 -10.97 -3.36 38.22
CA ILE A 196 -11.32 -4.17 37.05
C ILE A 196 -12.73 -4.74 37.16
N ASN A 197 -13.13 -5.20 38.34
CA ASN A 197 -14.43 -5.83 38.53
C ASN A 197 -15.48 -4.87 39.08
N GLY A 198 -15.27 -3.59 38.87
CA GLY A 198 -16.35 -2.65 39.11
C GLY A 198 -16.71 -2.42 40.59
N ASP A 199 -15.88 -2.88 41.53
CA ASP A 199 -16.20 -2.80 42.98
C ASP A 199 -15.72 -1.46 43.55
N ILE A 200 -16.51 -0.40 43.33
CA ILE A 200 -16.23 0.98 43.84
C ILE A 200 -16.32 0.97 45.37
N GLU A 201 -17.24 0.17 45.91
CA GLU A 201 -17.51 0.03 47.38
C GLU A 201 -16.26 -0.52 48.08
N MET A 202 -15.58 -1.50 47.48
CA MET A 202 -14.34 -2.11 48.05
C MET A 202 -13.24 -1.04 48.08
N LEU A 203 -13.13 -0.24 47.02
CA LEU A 203 -12.12 0.85 46.91
C LEU A 203 -12.41 1.88 48.00
N LYS A 204 -13.69 2.23 48.19
CA LYS A 204 -14.16 3.17 49.23
C LYS A 204 -13.63 2.69 50.59
N ARG A 205 -13.82 1.41 50.90
CA ARG A 205 -13.36 0.76 52.16
C ARG A 205 -11.84 0.90 52.35
N LYS A 206 -11.06 0.90 51.26
CA LYS A 206 -9.57 0.97 51.29
C LYS A 206 -9.06 2.41 51.12
N ARG A 207 -9.95 3.40 50.98
CA ARG A 207 -9.59 4.84 50.82
C ARG A 207 -9.94 5.59 52.11
N HIS B 1 24.38 4.56 30.52
CA HIS B 1 24.58 5.73 29.66
C HIS B 1 24.66 5.27 28.20
N GLY B 2 23.74 5.79 27.38
CA GLY B 2 23.53 5.30 26.05
C GLY B 2 22.11 4.80 25.90
N PRO B 3 21.68 4.58 24.66
CA PRO B 3 20.30 4.13 24.43
C PRO B 3 20.05 2.76 25.02
N ASP B 4 18.77 2.41 25.12
CA ASP B 4 18.34 1.12 25.63
C ASP B 4 18.38 0.11 24.50
N PRO B 5 19.33 -0.85 24.50
CA PRO B 5 19.36 -1.82 23.40
C PRO B 5 18.07 -2.58 23.22
N GLU B 6 17.25 -2.65 24.27
CA GLU B 6 15.98 -3.35 24.24
C GLU B 6 14.80 -2.46 23.86
N ASN B 7 15.06 -1.20 23.52
CA ASN B 7 14.01 -0.28 23.11
C ASN B 7 13.87 -0.32 21.59
N ILE B 8 12.69 -0.69 21.11
CA ILE B 8 12.51 -0.94 19.67
C ILE B 8 12.76 0.33 18.88
N LEU B 9 12.14 1.44 19.27
CA LEU B 9 12.24 2.69 18.52
C LEU B 9 13.08 3.69 19.31
N PRO B 10 14.42 3.62 19.21
CA PRO B 10 15.28 4.43 20.08
C PRO B 10 15.50 5.86 19.61
N ILE B 11 14.94 6.26 18.48
CA ILE B 11 15.04 7.62 17.97
C ILE B 11 13.66 8.25 18.06
N LYS B 12 13.53 9.31 18.85
CA LYS B 12 12.23 9.95 19.00
C LYS B 12 11.74 10.47 17.67
N GLY B 13 10.44 10.34 17.43
CA GLY B 13 9.84 10.79 16.19
C GLY B 13 10.12 9.90 15.00
N ASN B 14 11.15 9.06 15.10
CA ASN B 14 11.57 8.19 14.01
C ASN B 14 10.94 6.82 14.20
N ARG B 15 9.98 6.50 13.32
CA ARG B 15 9.25 5.24 13.40
C ARG B 15 9.81 4.17 12.49
N ASN B 16 10.80 4.50 11.67
CA ASN B 16 11.34 3.58 10.67
C ASN B 16 12.53 2.79 11.19
N LEU B 17 13.39 3.42 11.99
CA LEU B 17 14.62 2.79 12.46
C LEU B 17 14.35 2.06 13.76
N GLN B 18 14.63 0.76 13.77
CA GLN B 18 14.33 -0.09 14.92
C GLN B 18 15.57 -0.87 15.34
N PHE B 19 15.77 -0.98 16.64
CA PHE B 19 16.72 -1.95 17.18
C PHE B 19 16.15 -3.36 16.94
N ILE B 20 16.95 -4.25 16.39
CA ILE B 20 16.43 -5.51 15.88
C ILE B 20 16.12 -6.47 17.02
N LYS B 21 17.10 -6.73 17.89
CA LYS B 21 16.96 -7.74 18.94
C LYS B 21 15.61 -7.75 19.65
N PRO B 22 15.07 -6.62 20.12
CA PRO B 22 13.78 -6.68 20.84
C PRO B 22 12.59 -7.09 19.97
N THR B 23 12.67 -6.94 18.65
CA THR B 23 11.54 -7.26 17.79
C THR B 23 11.51 -8.72 17.36
N ILE B 24 12.60 -9.45 17.55
CA ILE B 24 12.69 -10.82 17.05
C ILE B 24 11.69 -11.70 17.81
N THR B 25 10.76 -12.31 17.06
CA THR B 25 9.81 -13.25 17.61
C THR B 25 10.02 -14.68 17.13
N ASN B 26 10.51 -14.85 15.91
CA ASN B 26 10.79 -16.18 15.39
C ASN B 26 12.18 -16.62 15.86
N GLU B 27 12.26 -17.88 16.28
CA GLU B 27 13.56 -18.44 16.67
C GLU B 27 14.48 -18.49 15.46
N ASN B 28 15.73 -18.89 15.69
CA ASN B 28 16.73 -19.03 14.63
C ASN B 28 17.11 -17.71 14.00
N ILE B 29 16.70 -16.59 14.59
CA ILE B 29 17.24 -15.26 14.28
C ILE B 29 17.91 -14.76 15.54
N LEU B 30 19.21 -14.51 15.47
CA LEU B 30 20.03 -14.13 16.62
C LEU B 30 20.79 -12.85 16.27
N VAL B 31 20.31 -11.73 16.81
CA VAL B 31 20.81 -10.41 16.46
C VAL B 31 21.32 -9.73 17.73
N GLY B 32 22.57 -9.31 17.72
CA GLY B 32 23.17 -8.74 18.90
C GLY B 32 22.63 -7.35 19.22
N GLU B 33 22.89 -6.92 20.46
CA GLU B 33 22.38 -5.66 20.94
C GLU B 33 22.86 -4.49 20.07
N TYR B 34 22.00 -3.48 19.98
CA TYR B 34 22.31 -2.19 19.37
C TYR B 34 22.30 -2.20 17.85
N SER B 35 22.40 -3.38 17.25
CA SER B 35 22.22 -3.47 15.80
C SER B 35 20.80 -3.05 15.45
N TYR B 36 20.65 -2.35 14.33
CA TYR B 36 19.35 -1.78 13.98
C TYR B 36 19.07 -1.99 12.50
N TYR B 37 17.80 -1.82 12.14
CA TYR B 37 17.32 -1.87 10.77
C TYR B 37 16.55 -0.59 10.48
N ASP B 38 16.94 0.12 9.43
CA ASP B 38 16.29 1.36 9.01
C ASP B 38 15.33 1.00 7.87
N SER B 39 14.05 0.90 8.19
CA SER B 39 13.08 0.31 7.27
C SER B 39 12.60 1.32 6.23
N LYS B 40 12.43 0.83 5.00
CA LYS B 40 11.89 1.64 3.92
C LYS B 40 10.50 2.17 4.27
N ARG B 41 9.51 1.28 4.41
CA ARG B 41 8.08 1.67 4.59
C ARG B 41 7.58 1.32 5.98
N GLY B 42 8.46 1.17 6.96
CA GLY B 42 8.08 0.84 8.35
C GLY B 42 7.88 -0.66 8.55
N GLU B 43 8.28 -1.49 7.57
CA GLU B 43 8.17 -2.97 7.66
C GLU B 43 9.23 -3.46 8.64
N SER B 44 8.99 -4.61 9.29
CA SER B 44 9.88 -5.10 10.33
C SER B 44 11.12 -5.76 9.72
N PHE B 45 12.15 -5.91 10.55
CA PHE B 45 13.34 -6.64 10.12
C PHE B 45 13.00 -8.09 9.79
N GLU B 46 12.14 -8.71 10.59
CA GLU B 46 11.78 -10.11 10.33
C GLU B 46 11.10 -10.26 8.98
N ASP B 47 10.37 -9.23 8.53
CA ASP B 47 9.76 -9.28 7.20
C ASP B 47 10.79 -9.39 6.10
N GLN B 48 12.05 -9.09 6.39
CA GLN B 48 13.12 -9.14 5.40
C GLN B 48 13.85 -10.47 5.38
N VAL B 49 13.55 -11.39 6.30
CA VAL B 49 14.17 -12.71 6.32
C VAL B 49 13.27 -13.63 5.49
N LEU B 50 13.73 -13.99 4.30
CA LEU B 50 12.92 -14.67 3.31
C LEU B 50 13.21 -16.16 3.30
N TYR B 51 12.18 -16.95 2.98
CA TYR B 51 12.30 -18.39 2.79
C TYR B 51 12.84 -19.09 4.04
N HIS B 52 12.40 -18.63 5.21
CA HIS B 52 12.93 -19.14 6.48
C HIS B 52 11.92 -20.12 7.06
N TYR B 53 12.18 -21.42 6.85
CA TYR B 53 11.33 -22.48 7.33
C TYR B 53 12.01 -23.18 8.50
N GLU B 54 11.21 -23.49 9.53
CA GLU B 54 11.73 -24.11 10.74
C GLU B 54 12.20 -25.53 10.50
N VAL B 55 11.70 -26.19 9.46
CA VAL B 55 12.09 -27.57 9.18
C VAL B 55 13.49 -27.61 8.57
N ILE B 56 13.93 -26.54 7.90
CA ILE B 56 15.28 -26.56 7.35
C ILE B 56 16.30 -26.18 8.43
N GLY B 57 15.89 -25.37 9.41
CA GLY B 57 16.67 -25.21 10.62
C GLY B 57 17.87 -24.30 10.54
N ASP B 58 18.08 -23.64 9.41
CA ASP B 58 19.21 -22.72 9.31
C ASP B 58 18.91 -21.44 10.08
N LYS B 59 19.96 -20.80 10.58
CA LYS B 59 19.85 -19.61 11.39
C LYS B 59 20.43 -18.39 10.66
N LEU B 60 19.99 -17.22 11.09
CA LEU B 60 20.55 -15.94 10.66
C LEU B 60 21.11 -15.26 11.91
N ILE B 61 22.40 -14.93 11.88
CA ILE B 61 23.10 -14.44 13.06
C ILE B 61 23.76 -13.11 12.71
N ILE B 62 23.53 -12.10 13.56
CA ILE B 62 24.11 -10.77 13.38
C ILE B 62 24.63 -10.29 14.73
N GLY B 63 25.85 -9.75 14.74
CA GLY B 63 26.46 -9.27 15.97
C GLY B 63 25.91 -7.92 16.40
N ARG B 64 26.73 -7.22 17.18
CA ARG B 64 26.32 -5.96 17.79
C ARG B 64 26.74 -4.77 16.93
N PHE B 65 25.99 -3.67 17.08
CA PHE B 65 26.33 -2.40 16.47
C PHE B 65 26.42 -2.48 14.96
N CYS B 66 25.56 -3.31 14.35
CA CYS B 66 25.44 -3.36 12.90
C CYS B 66 24.35 -2.39 12.45
N SER B 67 24.57 -1.80 11.28
CA SER B 67 23.58 -0.96 10.62
C SER B 67 23.15 -1.67 9.35
N ILE B 68 21.85 -1.89 9.20
CA ILE B 68 21.29 -2.66 8.10
C ILE B 68 20.38 -1.73 7.31
N GLY B 69 20.76 -1.44 6.07
CA GLY B 69 20.09 -0.43 5.28
C GLY B 69 18.69 -0.81 4.88
N PRO B 70 17.89 0.19 4.50
CA PRO B 70 16.51 -0.10 4.08
C PRO B 70 16.48 -1.02 2.88
N GLY B 71 15.54 -1.97 2.91
CA GLY B 71 15.31 -2.85 1.80
C GLY B 71 16.16 -4.10 1.79
N THR B 72 17.17 -4.19 2.66
CA THR B 72 18.02 -5.37 2.71
C THR B 72 17.18 -6.62 2.96
N THR B 73 17.45 -7.67 2.19
CA THR B 73 16.76 -8.94 2.33
C THR B 73 17.77 -10.06 2.56
N PHE B 74 17.32 -11.10 3.25
CA PHE B 74 18.15 -12.25 3.61
C PHE B 74 17.51 -13.50 3.00
N ILE B 75 18.15 -14.05 1.97
CA ILE B 75 17.65 -15.25 1.29
C ILE B 75 18.12 -16.45 2.11
N MET B 76 17.22 -17.04 2.88
CA MET B 76 17.56 -18.22 3.66
C MET B 76 17.55 -19.46 2.76
N ASN B 77 17.97 -20.59 3.33
CA ASN B 77 18.24 -21.77 2.51
C ASN B 77 16.97 -22.37 1.90
N GLY B 78 15.82 -22.16 2.53
CA GLY B 78 14.58 -22.70 1.99
C GLY B 78 14.28 -22.27 0.58
N ALA B 79 14.93 -21.21 0.10
CA ALA B 79 14.64 -20.68 -1.22
C ALA B 79 15.18 -21.56 -2.34
N ASN B 80 16.19 -22.38 -2.07
CA ASN B 80 16.83 -23.16 -3.13
C ASN B 80 16.01 -24.39 -3.48
N HIS B 81 15.68 -24.52 -4.76
CA HIS B 81 15.00 -25.71 -5.26
C HIS B 81 15.92 -26.93 -5.14
N ARG B 82 15.36 -28.10 -5.46
CA ARG B 82 16.17 -29.31 -5.61
C ARG B 82 16.78 -29.32 -7.01
N MET B 83 18.00 -29.86 -7.10
CA MET B 83 18.80 -29.71 -8.31
C MET B 83 19.37 -31.02 -8.85
N ASP B 84 18.94 -32.17 -8.33
CA ASP B 84 19.36 -33.42 -8.93
C ASP B 84 18.82 -33.57 -10.34
N GLY B 85 17.54 -33.25 -10.54
CA GLY B 85 16.93 -33.32 -11.85
C GLY B 85 16.11 -32.09 -12.16
N SER B 86 14.79 -32.22 -12.12
CA SER B 86 13.91 -31.09 -12.34
C SER B 86 13.88 -30.21 -11.10
N THR B 87 14.02 -28.90 -11.30
CA THR B 87 13.90 -27.95 -10.22
C THR B 87 12.46 -27.78 -9.76
N TYR B 88 11.50 -28.06 -10.64
CA TYR B 88 10.10 -27.82 -10.36
C TYR B 88 9.70 -28.51 -9.06
N PRO B 89 9.09 -27.79 -8.10
CA PRO B 89 8.62 -28.44 -6.85
C PRO B 89 7.24 -29.05 -7.01
N PHE B 90 7.21 -30.25 -7.60
CA PHE B 90 5.94 -30.94 -7.84
C PHE B 90 5.15 -31.11 -6.55
N HIS B 91 5.82 -31.51 -5.47
CA HIS B 91 5.13 -31.90 -4.25
C HIS B 91 4.32 -30.80 -3.61
N LEU B 92 4.47 -29.54 -4.04
CA LEU B 92 3.75 -28.45 -3.40
C LEU B 92 2.28 -28.43 -3.78
N PHE B 93 1.95 -28.84 -4.99
CA PHE B 93 0.59 -28.78 -5.51
C PHE B 93 -0.23 -29.99 -5.11
N ARG B 94 0.35 -30.99 -4.47
CA ARG B 94 -0.38 -32.18 -3.97
C ARG B 94 -1.27 -32.83 -5.07
N MET B 95 -2.48 -33.35 -4.79
CA MET B 95 -3.34 -34.08 -5.77
C MET B 95 -2.55 -35.25 -6.39
N GLY B 96 -1.76 -35.96 -5.57
CA GLY B 96 -0.93 -37.11 -6.00
C GLY B 96 0.56 -36.79 -6.00
N TRP B 97 0.96 -35.51 -6.09
CA TRP B 97 2.37 -35.14 -6.14
C TRP B 97 2.99 -34.95 -4.76
N GLU B 98 2.18 -34.85 -3.70
CA GLU B 98 2.71 -34.58 -2.37
C GLU B 98 3.63 -35.67 -1.85
N LYS B 99 3.64 -36.84 -2.48
CA LYS B 99 4.44 -37.97 -2.01
C LYS B 99 5.86 -37.94 -2.54
N TYR B 100 6.19 -37.00 -3.44
CA TYR B 100 7.57 -36.81 -3.91
C TYR B 100 8.24 -35.72 -3.07
N MET B 101 8.54 -36.08 -1.82
CA MET B 101 9.07 -35.10 -0.87
C MET B 101 10.58 -35.18 -0.82
N PRO B 102 11.29 -34.09 -1.12
CA PRO B 102 12.73 -34.07 -0.82
C PRO B 102 12.97 -34.02 0.68
N SER B 103 14.13 -34.52 1.07
CA SER B 103 14.60 -34.39 2.44
C SER B 103 15.83 -33.50 2.46
N LEU B 104 16.35 -33.25 3.66
CA LEU B 104 17.48 -32.35 3.79
C LEU B 104 18.66 -32.83 2.96
N LYS B 105 18.91 -34.15 2.95
CA LYS B 105 20.02 -34.69 2.18
C LYS B 105 19.82 -34.54 0.67
N ASP B 106 18.62 -34.18 0.22
CA ASP B 106 18.34 -34.01 -1.19
C ASP B 106 18.45 -32.56 -1.65
N LEU B 107 18.75 -31.63 -0.74
CA LEU B 107 18.71 -30.21 -1.06
C LEU B 107 20.10 -29.58 -0.92
N PRO B 108 20.37 -28.53 -1.71
CA PRO B 108 21.68 -27.83 -1.65
C PRO B 108 21.78 -26.90 -0.45
N LEU B 109 21.83 -27.48 0.74
CA LEU B 109 21.84 -26.69 1.97
C LEU B 109 23.25 -26.15 2.22
N LYS B 110 23.33 -24.86 2.56
CA LYS B 110 24.59 -24.15 2.57
C LYS B 110 24.96 -23.56 3.93
N GLY B 111 24.21 -23.87 4.97
CA GLY B 111 24.56 -23.40 6.31
C GLY B 111 23.97 -22.05 6.65
N ASP B 112 24.50 -21.49 7.74
CA ASP B 112 23.94 -20.28 8.31
C ASP B 112 24.44 -19.03 7.61
N ILE B 113 23.67 -17.95 7.74
CA ILE B 113 24.13 -16.60 7.41
C ILE B 113 24.71 -16.01 8.69
N GLU B 114 26.03 -15.79 8.69
CA GLU B 114 26.75 -15.31 9.86
C GLU B 114 27.34 -13.94 9.55
N ILE B 115 26.85 -12.91 10.21
CA ILE B 115 27.36 -11.55 10.07
C ILE B 115 27.96 -11.14 11.40
N GLY B 116 29.19 -10.62 11.36
CA GLY B 116 29.91 -10.23 12.56
C GLY B 116 29.42 -8.93 13.14
N ASN B 117 30.32 -8.23 13.81
CA ASN B 117 29.98 -7.02 14.56
C ASN B 117 30.44 -5.76 13.83
N ASP B 118 29.74 -4.67 14.12
CA ASP B 118 30.08 -3.34 13.60
C ASP B 118 30.13 -3.34 12.07
N VAL B 119 29.15 -4.01 11.46
CA VAL B 119 29.08 -4.13 10.01
C VAL B 119 28.09 -3.11 9.48
N TRP B 120 28.48 -2.39 8.44
CA TRP B 120 27.63 -1.43 7.75
C TRP B 120 27.14 -2.10 6.47
N ILE B 121 25.90 -2.57 6.50
CA ILE B 121 25.26 -3.15 5.31
C ILE B 121 24.43 -2.07 4.66
N GLY B 122 24.60 -1.90 3.36
CA GLY B 122 24.01 -0.78 2.66
C GLY B 122 22.52 -0.94 2.46
N ARG B 123 22.01 -0.09 1.58
CA ARG B 123 20.61 -0.12 1.20
C ARG B 123 20.37 -1.19 0.16
N ASP B 124 19.19 -1.81 0.22
CA ASP B 124 18.76 -2.76 -0.80
C ASP B 124 19.80 -3.85 -1.04
N VAL B 125 20.49 -4.27 0.02
CA VAL B 125 21.46 -5.35 -0.08
C VAL B 125 20.72 -6.69 0.00
N THR B 126 21.03 -7.61 -0.91
CA THR B 126 20.48 -8.95 -0.89
C THR B 126 21.58 -9.92 -0.48
N ILE B 127 21.27 -10.76 0.51
CA ILE B 127 22.27 -11.64 1.12
C ILE B 127 21.87 -13.08 0.84
N MET B 128 22.74 -13.80 0.15
CA MET B 128 22.47 -15.18 -0.26
C MET B 128 22.78 -16.15 0.87
N PRO B 129 22.30 -17.39 0.77
CA PRO B 129 22.40 -18.32 1.89
C PRO B 129 23.83 -18.76 2.17
N GLY B 130 24.07 -19.14 3.42
CA GLY B 130 25.35 -19.70 3.85
C GLY B 130 26.50 -18.72 3.91
N VAL B 131 26.24 -17.45 3.66
CA VAL B 131 27.28 -16.43 3.53
C VAL B 131 27.74 -15.97 4.90
N LYS B 132 29.06 -15.79 5.05
CA LYS B 132 29.65 -15.21 6.24
C LYS B 132 30.22 -13.83 5.92
N ILE B 133 29.87 -12.84 6.74
CA ILE B 133 30.39 -11.48 6.62
C ILE B 133 31.15 -11.16 7.90
N GLY B 134 32.37 -10.62 7.75
CA GLY B 134 33.24 -10.41 8.89
C GLY B 134 32.98 -9.13 9.63
N ASP B 135 33.66 -8.99 10.76
CA ASP B 135 33.54 -7.80 11.60
C ASP B 135 34.01 -6.56 10.84
N GLY B 136 33.35 -5.44 11.12
CA GLY B 136 33.78 -4.16 10.61
C GLY B 136 33.77 -3.99 9.10
N ALA B 137 33.12 -4.90 8.39
CA ALA B 137 33.07 -4.78 6.93
C ALA B 137 31.97 -3.81 6.50
N ILE B 138 31.98 -3.47 5.20
CA ILE B 138 31.07 -2.48 4.64
C ILE B 138 30.58 -3.02 3.31
N ILE B 139 29.29 -3.37 3.24
CA ILE B 139 28.66 -3.78 1.99
C ILE B 139 28.05 -2.55 1.32
N ALA B 140 28.32 -2.40 0.03
CA ALA B 140 27.80 -1.26 -0.71
C ALA B 140 26.33 -1.45 -1.03
N ALA B 141 25.69 -0.34 -1.41
CA ALA B 141 24.28 -0.39 -1.77
C ALA B 141 24.09 -1.21 -3.05
N GLU B 142 22.93 -1.87 -3.12
CA GLU B 142 22.52 -2.71 -4.24
C GLU B 142 23.40 -3.94 -4.39
N ALA B 143 24.34 -4.17 -3.48
CA ALA B 143 25.17 -5.36 -3.54
C ALA B 143 24.31 -6.62 -3.40
N VAL B 144 24.82 -7.72 -3.90
CA VAL B 144 24.20 -9.05 -3.74
C VAL B 144 25.37 -9.85 -3.20
N VAL B 145 25.27 -10.40 -2.00
CA VAL B 145 26.41 -11.06 -1.35
C VAL B 145 26.37 -12.52 -1.77
N THR B 146 27.18 -12.92 -2.74
CA THR B 146 27.23 -14.28 -3.27
C THR B 146 28.39 -15.07 -2.69
N LYS B 147 29.30 -14.44 -1.98
CA LYS B 147 30.49 -15.09 -1.40
C LYS B 147 30.77 -14.52 -0.03
N ASN B 148 31.73 -15.03 0.70
CA ASN B 148 32.04 -14.52 2.05
C ASN B 148 32.71 -13.16 1.97
N VAL B 149 32.56 -12.34 2.98
CA VAL B 149 33.13 -10.98 3.02
C VAL B 149 34.13 -10.97 4.16
N ALA B 150 35.36 -10.56 3.92
CA ALA B 150 36.42 -10.65 4.92
C ALA B 150 36.27 -9.54 5.92
N PRO B 151 36.76 -9.62 7.16
CA PRO B 151 36.62 -8.54 8.05
C PRO B 151 37.24 -7.23 7.56
N TYR B 152 36.66 -6.11 7.91
CA TYR B 152 37.18 -4.78 7.61
C TYR B 152 37.57 -4.65 6.14
N SER B 153 36.70 -5.16 5.26
CA SER B 153 36.87 -5.01 3.82
C SER B 153 35.61 -4.38 3.23
N ILE B 154 35.81 -3.62 2.15
CA ILE B 154 34.73 -2.99 1.42
C ILE B 154 34.41 -3.86 0.22
N VAL B 155 33.11 -4.04 -0.08
CA VAL B 155 32.66 -4.90 -1.16
C VAL B 155 31.38 -4.32 -1.74
N GLY B 156 30.99 -4.85 -2.91
CA GLY B 156 29.78 -4.41 -3.57
C GLY B 156 29.65 -5.00 -4.97
N GLY B 157 28.45 -4.97 -5.53
CA GLY B 157 28.21 -5.46 -6.86
C GLY B 157 27.38 -6.74 -6.87
N ASN B 158 27.04 -7.16 -8.08
CA ASN B 158 26.32 -8.40 -8.31
C ASN B 158 26.86 -9.08 -9.57
N PRO B 159 27.59 -10.21 -9.44
CA PRO B 159 27.95 -10.88 -8.19
C PRO B 159 28.90 -10.04 -7.37
N LEU B 160 28.93 -10.27 -6.05
CA LEU B 160 29.82 -9.51 -5.18
C LEU B 160 31.24 -9.56 -5.70
N LYS B 161 31.90 -8.39 -5.71
CA LYS B 161 33.30 -8.31 -6.09
C LYS B 161 34.03 -7.43 -5.09
N PHE B 162 35.26 -7.83 -4.76
CA PHE B 162 36.03 -7.16 -3.71
C PHE B 162 36.51 -5.79 -4.19
N ILE B 163 36.48 -4.81 -3.29
CA ILE B 163 36.89 -3.45 -3.62
C ILE B 163 38.22 -3.12 -2.94
N ARG B 164 38.23 -3.04 -1.61
CA ARG B 164 39.47 -2.77 -0.90
C ARG B 164 39.31 -3.10 0.58
N LYS B 165 40.42 -3.07 1.30
CA LYS B 165 40.44 -3.17 2.75
C LYS B 165 40.38 -1.78 3.37
N ARG B 166 39.71 -1.68 4.53
CA ARG B 166 39.51 -0.37 5.13
C ARG B 166 40.80 0.19 5.74
N PHE B 167 41.69 -0.68 6.22
CA PHE B 167 42.91 -0.24 6.87
C PHE B 167 44.06 -1.16 6.46
N SER B 168 45.27 -0.81 6.88
CA SER B 168 46.42 -1.66 6.66
C SER B 168 46.20 -3.02 7.32
N ASP B 169 46.90 -4.04 6.82
CA ASP B 169 46.76 -5.38 7.36
C ASP B 169 47.08 -5.41 8.85
N GLY B 170 48.06 -4.61 9.28
CA GLY B 170 48.40 -4.57 10.70
C GLY B 170 47.29 -3.94 11.54
N VAL B 171 46.71 -2.84 11.06
CA VAL B 171 45.68 -2.15 11.84
C VAL B 171 44.45 -3.02 12.00
N ILE B 172 44.12 -3.86 11.01
CA ILE B 172 42.96 -4.73 11.15
C ILE B 172 43.18 -5.71 12.30
N GLU B 173 44.38 -6.28 12.40
CA GLU B 173 44.69 -7.16 13.52
C GLU B 173 44.45 -6.46 14.84
N GLU B 174 44.71 -5.15 14.91
CA GLU B 174 44.44 -4.39 16.12
C GLU B 174 42.96 -4.43 16.47
N TRP B 175 42.10 -3.99 15.53
CA TRP B 175 40.67 -3.97 15.79
C TRP B 175 40.16 -5.34 16.20
N LEU B 176 40.68 -6.40 15.59
CA LEU B 176 40.21 -7.74 15.89
C LEU B 176 40.69 -8.22 17.25
N ALA B 177 41.85 -7.75 17.70
CA ALA B 177 42.29 -8.07 19.05
C ALA B 177 41.58 -7.21 20.09
N LEU B 178 41.20 -5.98 19.72
CA LEU B 178 40.43 -5.14 20.62
C LEU B 178 39.08 -5.76 20.92
N GLN B 179 38.24 -5.92 19.89
CA GLN B 179 36.89 -6.46 20.05
C GLN B 179 36.07 -5.58 20.98
N TRP B 180 35.99 -4.29 20.62
CA TRP B 180 35.36 -3.34 21.52
C TRP B 180 33.88 -3.64 21.73
N TRP B 181 33.22 -4.19 20.71
CA TRP B 181 31.80 -4.53 20.82
C TRP B 181 31.52 -5.51 21.93
N ASN B 182 32.53 -6.26 22.38
CA ASN B 182 32.34 -7.19 23.50
C ASN B 182 32.72 -6.59 24.84
N LEU B 183 33.56 -5.56 24.85
CA LEU B 183 33.99 -4.98 26.11
C LEU B 183 32.78 -4.50 26.92
N ASP B 184 32.94 -4.49 28.24
CA ASP B 184 31.90 -3.97 29.13
C ASP B 184 31.41 -2.60 28.64
N MET B 185 30.11 -2.38 28.76
CA MET B 185 29.53 -1.14 28.24
C MET B 185 30.09 0.08 28.96
N LYS B 186 30.29 -0.02 30.28
CA LYS B 186 30.94 1.07 30.99
C LYS B 186 32.30 1.40 30.40
N ILE B 187 32.95 0.41 29.78
CA ILE B 187 34.25 0.62 29.17
C ILE B 187 34.11 1.10 27.73
N ILE B 188 33.17 0.54 26.96
CA ILE B 188 32.92 1.06 25.62
C ILE B 188 32.67 2.57 25.68
N ASN B 189 31.85 3.00 26.65
CA ASN B 189 31.51 4.41 26.76
C ASN B 189 32.75 5.25 27.04
N GLU B 190 33.63 4.79 27.92
CA GLU B 190 34.85 5.54 28.22
C GLU B 190 35.72 5.73 26.98
N ASN B 191 35.55 4.90 25.95
CA ASN B 191 36.44 4.89 24.81
C ASN B 191 35.78 5.29 23.50
N LEU B 192 34.46 5.54 23.49
CA LEU B 192 33.76 5.82 22.25
C LEU B 192 34.46 6.86 21.37
N PRO B 193 35.03 7.94 21.90
CA PRO B 193 35.76 8.87 21.02
C PRO B 193 36.80 8.20 20.14
N PHE B 194 37.57 7.26 20.70
CA PHE B 194 38.61 6.59 19.94
C PHE B 194 38.04 5.51 19.04
N ILE B 195 37.08 4.77 19.53
CA ILE B 195 36.39 3.76 18.71
C ILE B 195 35.82 4.44 17.47
N ILE B 196 35.22 5.59 17.64
CA ILE B 196 34.61 6.38 16.54
C ILE B 196 35.65 7.05 15.65
N ASN B 197 36.72 7.64 16.14
CA ASN B 197 37.68 8.32 15.25
C ASN B 197 38.75 7.37 14.74
N GLY B 198 38.83 6.16 15.25
CA GLY B 198 39.79 5.19 14.72
C GLY B 198 41.15 5.23 15.37
N ASP B 199 41.35 6.10 16.35
CA ASP B 199 42.62 6.25 17.09
C ASP B 199 42.61 5.23 18.22
N ILE B 200 42.67 3.97 17.86
CA ILE B 200 42.53 2.76 18.70
C ILE B 200 43.81 2.53 19.48
N GLU B 201 44.93 3.14 19.06
CA GLU B 201 46.25 3.05 19.73
C GLU B 201 46.28 3.76 21.07
N MET B 202 45.36 4.68 21.33
CA MET B 202 45.33 5.46 22.58
C MET B 202 44.80 4.59 23.70
N LEU B 203 44.27 3.41 23.44
CA LEU B 203 43.89 2.51 24.53
C LEU B 203 45.12 1.85 25.15
N LYS B 204 46.04 1.37 24.32
CA LYS B 204 47.35 0.94 24.79
C LYS B 204 48.08 2.13 25.42
N HIS C 1 5.39 26.38 -29.91
CA HIS C 1 5.11 25.02 -30.39
C HIS C 1 5.82 24.00 -29.51
N GLY C 2 5.05 23.06 -28.98
CA GLY C 2 5.57 22.06 -28.07
C GLY C 2 4.92 22.17 -26.71
N PRO C 3 5.14 21.15 -25.87
CA PRO C 3 4.45 21.12 -24.57
C PRO C 3 4.96 22.22 -23.64
N ASP C 4 4.23 22.38 -22.54
CA ASP C 4 4.54 23.42 -21.56
C ASP C 4 5.50 22.83 -20.53
N PRO C 5 6.76 23.27 -20.48
CA PRO C 5 7.70 22.66 -19.54
C PRO C 5 7.33 22.86 -18.08
N GLU C 6 6.39 23.76 -17.79
CA GLU C 6 5.92 23.99 -16.43
C GLU C 6 4.64 23.24 -16.11
N ASN C 7 4.15 22.43 -17.04
CA ASN C 7 2.97 21.61 -16.82
C ASN C 7 3.41 20.25 -16.28
N ILE C 8 2.87 19.87 -15.12
CA ILE C 8 3.37 18.70 -14.41
C ILE C 8 3.01 17.42 -15.16
N LEU C 9 1.81 17.34 -15.73
CA LEU C 9 1.39 16.15 -16.44
C LEU C 9 1.24 16.45 -17.92
N PRO C 10 2.34 16.41 -18.68
CA PRO C 10 2.27 16.84 -20.08
C PRO C 10 1.52 15.89 -21.00
N ILE C 11 1.32 14.64 -20.61
CA ILE C 11 0.63 13.65 -21.43
C ILE C 11 -0.80 13.53 -20.93
N LYS C 12 -1.76 13.78 -21.81
CA LYS C 12 -3.17 13.71 -21.45
C LYS C 12 -3.53 12.30 -21.03
N GLY C 13 -4.25 12.19 -19.90
CA GLY C 13 -4.70 10.91 -19.39
C GLY C 13 -3.63 10.07 -18.72
N ASN C 14 -2.39 10.53 -18.69
CA ASN C 14 -1.31 9.82 -18.03
C ASN C 14 -0.99 10.53 -16.72
N ARG C 15 -0.99 9.77 -15.61
CA ARG C 15 -0.80 10.33 -14.29
C ARG C 15 0.52 9.91 -13.64
N ASN C 16 1.37 9.19 -14.37
CA ASN C 16 2.65 8.73 -13.86
C ASN C 16 3.82 9.57 -14.36
N LEU C 17 3.85 9.85 -15.66
CA LEU C 17 4.97 10.57 -16.27
C LEU C 17 4.83 12.05 -15.98
N GLN C 18 5.85 12.63 -15.33
CA GLN C 18 5.79 14.00 -14.86
C GLN C 18 6.99 14.79 -15.35
N PHE C 19 6.75 16.05 -15.70
CA PHE C 19 7.85 16.99 -15.91
C PHE C 19 8.42 17.36 -14.55
N ILE C 20 9.72 17.11 -14.37
CA ILE C 20 10.31 17.15 -13.03
C ILE C 20 10.41 18.56 -12.50
N LYS C 21 10.77 19.51 -13.36
CA LYS C 21 11.05 20.87 -12.90
C LYS C 21 9.91 21.49 -12.10
N PRO C 22 8.65 21.45 -12.55
CA PRO C 22 7.57 22.12 -11.80
C PRO C 22 7.15 21.40 -10.53
N THR C 23 7.72 20.23 -10.22
CA THR C 23 7.39 19.52 -8.99
C THR C 23 8.43 19.71 -7.89
N ILE C 24 9.54 20.35 -8.17
CA ILE C 24 10.61 20.47 -7.16
C ILE C 24 10.22 21.54 -6.15
N THR C 25 9.95 21.26 -4.88
CA THR C 25 9.57 22.26 -3.86
C THR C 25 10.80 22.65 -3.01
N ASN C 26 11.52 21.66 -2.49
CA ASN C 26 12.73 21.85 -1.62
C ASN C 26 13.88 22.41 -2.46
N GLU C 27 14.70 23.31 -1.88
CA GLU C 27 15.86 23.95 -2.54
C GLU C 27 17.06 22.99 -2.54
N ASN C 28 18.03 23.24 -3.45
CA ASN C 28 19.31 22.52 -3.75
C ASN C 28 19.10 21.37 -4.76
N ILE C 29 17.89 21.23 -5.33
CA ILE C 29 17.56 20.23 -6.39
C ILE C 29 17.30 21.07 -7.65
N LEU C 30 18.08 20.91 -8.72
CA LEU C 30 18.02 21.81 -9.87
C LEU C 30 17.91 20.94 -11.11
N VAL C 31 16.68 20.80 -11.63
CA VAL C 31 16.42 19.95 -12.80
C VAL C 31 16.00 20.83 -13.96
N GLY C 32 16.44 20.46 -15.17
CA GLY C 32 16.18 21.27 -16.33
C GLY C 32 14.80 21.06 -16.91
N GLU C 33 14.36 22.04 -17.70
CA GLU C 33 13.06 21.99 -18.33
C GLU C 33 12.98 20.81 -19.29
N TYR C 34 11.78 20.24 -19.40
CA TYR C 34 11.46 19.16 -20.34
C TYR C 34 11.95 17.80 -19.85
N SER C 35 12.86 17.77 -18.89
CA SER C 35 13.26 16.50 -18.28
C SER C 35 12.10 15.96 -17.45
N TYR C 36 11.79 14.68 -17.63
CA TYR C 36 10.62 14.07 -17.00
C TYR C 36 11.03 12.85 -16.17
N TYR C 37 10.12 12.48 -15.25
CA TYR C 37 10.25 11.26 -14.47
C TYR C 37 9.00 10.41 -14.70
N ASP C 38 9.19 9.21 -15.24
CA ASP C 38 8.09 8.28 -15.49
C ASP C 38 7.93 7.41 -14.25
N SER C 39 6.96 7.76 -13.40
CA SER C 39 6.86 7.14 -12.09
C SER C 39 6.24 5.76 -12.18
N LYS C 40 6.55 4.94 -11.16
CA LYS C 40 5.96 3.62 -11.02
C LYS C 40 4.52 3.74 -10.55
N ARG C 41 4.35 4.02 -9.25
CA ARG C 41 3.04 4.09 -8.62
C ARG C 41 2.46 5.50 -8.58
N GLY C 42 3.13 6.48 -9.17
CA GLY C 42 2.68 7.86 -9.17
C GLY C 42 3.45 8.79 -8.25
N GLU C 43 4.38 8.26 -7.45
CA GLU C 43 5.16 9.08 -6.54
C GLU C 43 5.86 10.22 -7.28
N SER C 44 6.30 11.23 -6.54
CA SER C 44 6.97 12.37 -7.14
C SER C 44 8.45 12.04 -7.41
N PHE C 45 9.10 12.93 -8.16
CA PHE C 45 10.52 12.74 -8.43
C PHE C 45 11.35 12.91 -7.16
N GLU C 46 10.95 13.84 -6.29
CA GLU C 46 11.71 14.06 -5.05
C GLU C 46 11.68 12.85 -4.15
N ASP C 47 10.59 12.07 -4.18
CA ASP C 47 10.51 10.86 -3.37
C ASP C 47 11.63 9.89 -3.70
N GLN C 48 12.32 10.08 -4.82
CA GLN C 48 13.41 9.21 -5.23
C GLN C 48 14.79 9.77 -4.86
N VAL C 49 14.85 10.95 -4.26
CA VAL C 49 16.11 11.55 -3.84
C VAL C 49 16.25 11.25 -2.34
N LEU C 50 17.18 10.37 -2.01
CA LEU C 50 17.28 9.81 -0.67
C LEU C 50 18.50 10.35 0.06
N TYR C 51 18.39 10.41 1.38
CA TYR C 51 19.50 10.83 2.24
C TYR C 51 19.94 12.25 1.91
N HIS C 52 19.00 13.11 1.54
CA HIS C 52 19.31 14.45 1.07
C HIS C 52 19.02 15.47 2.16
N TYR C 53 19.88 15.45 3.18
CA TYR C 53 19.71 16.35 4.31
C TYR C 53 20.30 17.72 3.97
N GLU C 54 19.49 18.77 4.18
CA GLU C 54 19.93 20.13 3.88
C GLU C 54 21.17 20.50 4.67
N VAL C 55 21.41 19.82 5.82
CA VAL C 55 22.55 20.11 6.68
C VAL C 55 23.84 19.59 6.10
N ILE C 56 23.80 18.94 4.94
CA ILE C 56 24.99 18.49 4.24
C ILE C 56 25.27 19.30 2.99
N GLY C 57 24.26 19.93 2.39
CA GLY C 57 24.47 20.96 1.41
C GLY C 57 24.74 20.50 -0.01
N ASP C 58 24.71 19.20 -0.27
CA ASP C 58 24.96 18.73 -1.63
C ASP C 58 23.70 18.87 -2.47
N LYS C 59 23.89 18.95 -3.79
CA LYS C 59 22.82 19.23 -4.73
C LYS C 59 22.72 18.12 -5.76
N LEU C 60 21.49 17.88 -6.22
CA LEU C 60 21.24 17.00 -7.35
C LEU C 60 20.93 17.87 -8.56
N ILE C 61 21.74 17.74 -9.61
CA ILE C 61 21.67 18.63 -10.77
C ILE C 61 21.41 17.79 -12.01
N ILE C 62 20.31 18.07 -12.70
CA ILE C 62 19.91 17.37 -13.91
C ILE C 62 19.66 18.39 -15.01
N GLY C 63 20.15 18.09 -16.21
CA GLY C 63 19.99 18.98 -17.34
C GLY C 63 18.63 18.90 -17.98
N ARG C 64 18.58 19.25 -19.27
CA ARG C 64 17.35 19.33 -20.01
C ARG C 64 17.14 18.10 -20.90
N PHE C 65 15.88 17.86 -21.24
CA PHE C 65 15.50 16.78 -22.16
C PHE C 65 16.05 15.44 -21.68
N CYS C 66 16.04 15.23 -20.37
CA CYS C 66 16.41 13.95 -19.78
C CYS C 66 15.16 13.12 -19.52
N SER C 67 15.32 11.80 -19.64
CA SER C 67 14.25 10.84 -19.40
C SER C 67 14.70 9.91 -18.28
N ILE C 68 14.25 10.18 -17.07
CA ILE C 68 14.62 9.37 -15.91
C ILE C 68 13.58 8.28 -15.73
N GLY C 69 14.01 7.02 -15.83
CA GLY C 69 13.11 5.90 -15.85
C GLY C 69 12.53 5.57 -14.50
N PRO C 70 11.48 4.75 -14.48
CA PRO C 70 10.79 4.44 -13.22
C PRO C 70 11.71 3.78 -12.20
N GLY C 71 11.48 4.13 -10.93
CA GLY C 71 12.20 3.52 -9.83
C GLY C 71 13.60 4.03 -9.62
N THR C 72 14.14 4.85 -10.53
CA THR C 72 15.48 5.38 -10.38
C THR C 72 15.61 6.14 -9.07
N THR C 73 16.71 5.92 -8.37
CA THR C 73 16.97 6.55 -7.08
C THR C 73 18.30 7.28 -7.11
N PHE C 74 18.40 8.32 -6.29
CA PHE C 74 19.59 9.16 -6.18
C PHE C 74 20.03 9.12 -4.72
N ILE C 75 21.17 8.48 -4.47
CA ILE C 75 21.71 8.35 -3.11
C ILE C 75 22.58 9.57 -2.87
N MET C 76 22.07 10.51 -2.07
CA MET C 76 22.83 11.71 -1.74
C MET C 76 23.87 11.38 -0.66
N ASN C 77 24.71 12.37 -0.34
CA ASN C 77 25.90 12.10 0.46
C ASN C 77 25.56 11.73 1.90
N GLY C 78 24.40 12.16 2.40
CA GLY C 78 24.02 11.86 3.79
C GLY C 78 24.01 10.38 4.11
N ALA C 79 24.13 9.52 3.11
CA ALA C 79 24.05 8.08 3.32
C ALA C 79 25.32 7.48 3.92
N ASN C 80 26.46 8.16 3.79
CA ASN C 80 27.75 7.54 4.12
C ASN C 80 28.13 7.81 5.56
N HIS C 81 28.47 6.74 6.29
CA HIS C 81 28.86 6.83 7.68
C HIS C 81 30.31 7.31 7.79
N ARG C 82 30.66 7.81 8.98
CA ARG C 82 32.05 8.14 9.26
C ARG C 82 32.89 6.87 9.25
N MET C 83 33.96 6.86 8.46
CA MET C 83 34.74 5.65 8.22
C MET C 83 36.11 5.68 8.87
N ASP C 84 36.40 6.71 9.67
CA ASP C 84 37.66 6.72 10.42
C ASP C 84 37.79 5.47 11.28
N GLY C 85 36.77 5.17 12.08
CA GLY C 85 36.73 3.96 12.87
C GLY C 85 35.41 3.25 12.69
N SER C 86 34.70 2.98 13.79
CA SER C 86 33.39 2.37 13.69
C SER C 86 32.48 3.21 12.80
N THR C 87 31.76 2.54 11.91
CA THR C 87 30.81 3.18 11.01
C THR C 87 29.41 3.28 11.63
N TYR C 88 29.33 3.26 12.97
CA TYR C 88 28.04 3.13 13.65
C TYR C 88 27.60 4.48 14.16
N PRO C 89 26.45 5.01 13.69
CA PRO C 89 26.04 6.36 14.10
C PRO C 89 25.60 6.44 15.56
N PHE C 90 26.58 6.45 16.47
CA PHE C 90 26.26 6.44 17.90
C PHE C 90 25.38 7.63 18.29
N HIS C 91 25.73 8.82 17.80
CA HIS C 91 25.08 10.04 18.27
C HIS C 91 23.59 10.06 17.95
N LEU C 92 23.17 9.35 16.89
CA LEU C 92 21.78 9.42 16.47
C LEU C 92 20.82 9.01 17.59
N PHE C 93 21.26 8.19 18.51
CA PHE C 93 20.34 7.71 19.54
C PHE C 93 20.33 8.47 20.84
N ARG C 94 21.09 9.53 20.98
CA ARG C 94 21.06 10.44 22.16
C ARG C 94 21.37 9.66 23.43
N MET C 95 20.84 10.03 24.59
CA MET C 95 21.03 9.33 25.88
C MET C 95 22.50 9.31 26.24
N GLY C 96 23.19 10.41 26.00
CA GLY C 96 24.60 10.62 26.34
C GLY C 96 25.52 10.41 25.18
N TRP C 97 25.03 9.87 24.07
CA TRP C 97 25.81 9.61 22.85
C TRP C 97 25.73 10.82 21.94
N GLU C 98 24.92 11.83 22.21
CA GLU C 98 24.75 13.01 21.30
C GLU C 98 25.99 13.89 21.23
N LYS C 99 26.90 13.79 22.20
CA LYS C 99 28.20 14.46 22.25
C LYS C 99 29.15 13.89 21.20
N TYR C 100 28.90 12.76 20.51
CA TYR C 100 29.83 12.22 19.52
C TYR C 100 29.39 12.64 18.11
N MET C 101 29.26 13.94 17.93
CA MET C 101 28.81 14.47 16.64
C MET C 101 29.97 14.55 15.66
N PRO C 102 29.85 13.94 14.48
CA PRO C 102 30.91 14.10 13.48
C PRO C 102 30.85 15.47 12.83
N SER C 103 32.01 15.95 12.39
CA SER C 103 32.08 17.16 11.61
C SER C 103 32.06 16.82 10.12
N LEU C 104 31.68 17.79 9.31
CA LEU C 104 31.57 17.56 7.86
C LEU C 104 32.89 17.07 7.28
N LYS C 105 34.03 17.58 7.77
CA LYS C 105 35.32 17.13 7.26
C LYS C 105 35.57 15.67 7.61
N ASP C 106 35.05 15.20 8.75
CA ASP C 106 35.25 13.81 9.13
C ASP C 106 34.48 12.84 8.23
N LEU C 107 33.37 13.30 7.65
CA LEU C 107 32.56 12.43 6.81
C LEU C 107 33.18 12.33 5.41
N PRO C 108 32.92 11.21 4.71
CA PRO C 108 33.49 11.03 3.35
C PRO C 108 32.60 11.63 2.27
N LEU C 109 32.47 12.96 2.29
CA LEU C 109 31.65 13.65 1.31
C LEU C 109 32.32 13.63 -0.06
N LYS C 110 31.51 13.59 -1.11
CA LYS C 110 32.00 13.34 -2.46
C LYS C 110 31.43 14.28 -3.51
N GLY C 111 30.70 15.33 -3.11
CA GLY C 111 30.25 16.33 -4.06
C GLY C 111 28.84 16.09 -4.56
N ASP C 112 28.47 16.90 -5.56
CA ASP C 112 27.13 16.89 -6.10
C ASP C 112 26.96 15.75 -7.11
N ILE C 113 25.70 15.44 -7.41
CA ILE C 113 25.35 14.57 -8.53
C ILE C 113 25.04 15.46 -9.72
N GLU C 114 25.84 15.33 -10.78
CA GLU C 114 25.70 16.16 -11.98
C GLU C 114 25.33 15.25 -13.15
N ILE C 115 24.10 15.41 -13.64
CA ILE C 115 23.64 14.72 -14.85
C ILE C 115 23.46 15.76 -15.94
N GLY C 116 23.85 15.40 -17.16
CA GLY C 116 23.86 16.33 -18.26
C GLY C 116 22.52 16.50 -18.95
N ASN C 117 22.54 16.61 -20.28
CA ASN C 117 21.37 16.89 -21.09
C ASN C 117 21.14 15.77 -22.08
N ASP C 118 19.88 15.54 -22.43
CA ASP C 118 19.49 14.48 -23.35
C ASP C 118 20.02 13.14 -22.88
N VAL C 119 20.00 12.93 -21.56
CA VAL C 119 20.50 11.71 -20.94
C VAL C 119 19.32 10.77 -20.70
N TRP C 120 19.42 9.56 -21.22
CA TRP C 120 18.39 8.53 -21.03
C TRP C 120 18.85 7.63 -19.88
N ILE C 121 18.23 7.81 -18.72
CA ILE C 121 18.46 6.96 -17.55
C ILE C 121 17.39 5.89 -17.55
N GLY C 122 17.80 4.64 -17.43
CA GLY C 122 16.91 3.52 -17.60
C GLY C 122 16.00 3.31 -16.41
N ARG C 123 15.38 2.12 -16.39
CA ARG C 123 14.51 1.73 -15.30
C ARG C 123 15.34 1.25 -14.11
N ASP C 124 14.91 1.61 -12.91
CA ASP C 124 15.48 1.07 -11.68
C ASP C 124 16.99 1.29 -11.62
N VAL C 125 17.45 2.48 -11.99
CA VAL C 125 18.86 2.81 -11.90
C VAL C 125 19.14 3.43 -10.53
N THR C 126 20.31 3.13 -9.98
CA THR C 126 20.75 3.66 -8.69
C THR C 126 21.97 4.54 -8.92
N ILE C 127 21.87 5.81 -8.58
CA ILE C 127 22.93 6.78 -8.81
C ILE C 127 23.57 7.12 -7.46
N MET C 128 24.89 7.00 -7.40
CA MET C 128 25.64 7.08 -6.15
C MET C 128 26.12 8.50 -5.92
N PRO C 129 26.60 8.79 -4.71
CA PRO C 129 27.00 10.17 -4.40
C PRO C 129 28.17 10.66 -5.24
N GLY C 130 28.10 11.94 -5.63
CA GLY C 130 29.20 12.60 -6.31
C GLY C 130 29.38 12.22 -7.77
N VAL C 131 28.62 11.28 -8.29
CA VAL C 131 28.77 10.84 -9.66
C VAL C 131 28.39 11.95 -10.63
N LYS C 132 29.10 12.02 -11.75
CA LYS C 132 28.79 12.93 -12.85
C LYS C 132 28.45 12.09 -14.09
N ILE C 133 27.44 12.52 -14.84
CA ILE C 133 26.97 11.80 -16.01
C ILE C 133 26.86 12.79 -17.16
N GLY C 134 27.59 12.53 -18.25
CA GLY C 134 27.70 13.49 -19.33
C GLY C 134 26.49 13.49 -20.25
N ASP C 135 26.45 14.53 -21.08
CA ASP C 135 25.35 14.71 -22.02
C ASP C 135 25.21 13.50 -22.94
N GLY C 136 23.97 13.22 -23.33
CA GLY C 136 23.68 12.22 -24.33
C GLY C 136 23.95 10.78 -23.94
N ALA C 137 24.33 10.51 -22.69
CA ALA C 137 24.67 9.16 -22.30
C ALA C 137 23.41 8.30 -22.19
N ILE C 138 23.63 6.99 -21.97
CA ILE C 138 22.55 6.03 -21.83
C ILE C 138 22.91 5.08 -20.69
N ILE C 139 22.12 5.08 -19.63
CA ILE C 139 22.31 4.18 -18.50
C ILE C 139 21.30 3.05 -18.63
N ALA C 140 21.81 1.82 -18.74
CA ALA C 140 20.92 0.68 -18.91
C ALA C 140 20.12 0.42 -17.64
N ALA C 141 18.97 -0.22 -17.81
CA ALA C 141 18.12 -0.55 -16.67
C ALA C 141 18.91 -1.31 -15.61
N GLU C 142 18.46 -1.17 -14.36
CA GLU C 142 19.03 -1.89 -13.22
C GLU C 142 20.52 -1.62 -13.03
N ALA C 143 21.03 -0.54 -13.61
CA ALA C 143 22.42 -0.18 -13.42
C ALA C 143 22.61 0.54 -12.10
N VAL C 144 23.78 0.34 -11.49
CA VAL C 144 24.21 1.08 -10.31
C VAL C 144 25.37 1.96 -10.74
N VAL C 145 25.14 3.27 -10.81
CA VAL C 145 26.13 4.22 -11.33
C VAL C 145 27.13 4.48 -10.21
N THR C 146 28.26 3.78 -10.25
CA THR C 146 29.28 3.88 -9.22
C THR C 146 30.42 4.82 -9.62
N LYS C 147 30.72 4.94 -10.90
CA LYS C 147 31.74 5.87 -11.41
C LYS C 147 31.09 6.85 -12.38
N ASN C 148 31.90 7.78 -12.90
CA ASN C 148 31.40 8.80 -13.81
C ASN C 148 31.08 8.20 -15.16
N VAL C 149 30.12 8.83 -15.85
CA VAL C 149 29.66 8.38 -17.16
C VAL C 149 30.05 9.43 -18.18
N ALA C 150 30.84 9.02 -19.18
CA ALA C 150 31.33 9.97 -20.18
C ALA C 150 30.21 10.36 -21.13
N PRO C 151 30.28 11.55 -21.72
CA PRO C 151 29.22 11.98 -22.65
C PRO C 151 29.04 11.00 -23.79
N TYR C 152 27.79 10.82 -24.21
CA TYR C 152 27.45 9.98 -25.35
C TYR C 152 28.11 8.60 -25.24
N SER C 153 27.90 7.96 -24.09
CA SER C 153 28.35 6.61 -23.85
C SER C 153 27.20 5.78 -23.29
N ILE C 154 27.28 4.47 -23.49
CA ILE C 154 26.30 3.52 -22.98
C ILE C 154 26.99 2.73 -21.87
N VAL C 155 26.41 2.76 -20.67
CA VAL C 155 26.97 2.09 -19.51
C VAL C 155 25.90 1.21 -18.89
N GLY C 156 26.31 0.32 -18.00
CA GLY C 156 25.37 -0.54 -17.31
C GLY C 156 26.08 -1.53 -16.43
N GLY C 157 25.30 -2.10 -15.51
CA GLY C 157 25.74 -3.20 -14.68
C GLY C 157 25.92 -2.78 -13.22
N ASN C 158 26.33 -3.76 -12.42
CA ASN C 158 26.68 -3.50 -11.03
C ASN C 158 27.97 -4.24 -10.67
N PRO C 159 29.06 -3.52 -10.34
CA PRO C 159 29.14 -2.05 -10.42
C PRO C 159 29.11 -1.59 -11.87
N LEU C 160 29.16 -0.28 -12.11
CA LEU C 160 29.03 0.22 -13.46
C LEU C 160 30.21 -0.22 -14.33
N LYS C 161 29.91 -0.48 -15.60
CA LYS C 161 30.87 -1.05 -16.53
C LYS C 161 30.66 -0.41 -17.89
N PHE C 162 31.75 -0.06 -18.57
CA PHE C 162 31.63 0.57 -19.89
C PHE C 162 31.13 -0.43 -20.91
N ILE C 163 30.17 -0.05 -21.76
CA ILE C 163 29.62 -0.94 -22.83
C ILE C 163 30.16 -0.47 -24.18
N ARG C 164 29.81 0.71 -24.68
CA ARG C 164 30.35 1.30 -25.93
C ARG C 164 29.99 2.77 -26.01
N LYS C 165 30.58 3.52 -26.94
CA LYS C 165 30.28 4.94 -27.21
C LYS C 165 29.25 4.96 -28.34
N ARG C 166 28.26 5.82 -28.26
CA ARG C 166 27.15 5.82 -29.22
C ARG C 166 27.64 6.13 -30.62
N PHE C 167 28.59 7.04 -30.74
CA PHE C 167 29.14 7.55 -32.01
C PHE C 167 30.66 7.70 -31.96
N SER C 168 31.26 7.90 -33.11
CA SER C 168 32.71 8.16 -33.37
C SER C 168 33.14 9.37 -32.56
N ASP C 169 34.37 9.39 -32.04
CA ASP C 169 34.86 10.52 -31.25
C ASP C 169 34.59 11.84 -31.95
N GLY C 170 34.85 11.90 -33.26
CA GLY C 170 34.57 13.12 -34.00
C GLY C 170 33.12 13.54 -33.89
N VAL C 171 32.20 12.59 -34.06
CA VAL C 171 30.77 12.91 -34.02
C VAL C 171 30.37 13.42 -32.64
N ILE C 172 30.97 12.87 -31.59
CA ILE C 172 30.60 13.27 -30.23
C ILE C 172 31.10 14.69 -29.94
N GLU C 173 32.31 15.02 -30.42
CA GLU C 173 32.79 16.39 -30.30
C GLU C 173 31.85 17.36 -30.99
N GLU C 174 31.17 16.92 -32.05
CA GLU C 174 30.25 17.79 -32.77
C GLU C 174 28.94 17.96 -32.00
N TRP C 175 28.37 16.86 -31.51
CA TRP C 175 27.15 16.94 -30.72
C TRP C 175 27.36 17.80 -29.48
N LEU C 176 28.56 17.77 -28.91
CA LEU C 176 28.83 18.53 -27.69
C LEU C 176 29.01 20.01 -27.98
N ALA C 177 29.77 20.34 -29.04
CA ALA C 177 29.91 21.74 -29.42
C ALA C 177 28.58 22.34 -29.83
N LEU C 178 27.66 21.52 -30.34
CA LEU C 178 26.37 22.03 -30.80
C LEU C 178 25.51 22.50 -29.63
N GLN C 179 25.19 21.59 -28.71
CA GLN C 179 24.39 21.93 -27.53
C GLN C 179 22.95 22.31 -27.92
N TRP C 180 22.30 21.45 -28.70
CA TRP C 180 20.97 21.81 -29.18
C TRP C 180 20.00 22.07 -28.04
N TRP C 181 20.26 21.51 -26.85
CA TRP C 181 19.40 21.70 -25.70
C TRP C 181 19.47 23.09 -25.11
N ASN C 182 20.43 23.93 -25.52
CA ASN C 182 20.53 25.29 -25.04
C ASN C 182 19.97 26.31 -26.03
N LEU C 183 19.73 25.90 -27.27
CA LEU C 183 19.32 26.84 -28.30
C LEU C 183 17.92 27.38 -28.02
N ASP C 184 17.68 28.60 -28.50
CA ASP C 184 16.34 29.18 -28.42
C ASP C 184 15.31 28.17 -28.88
N MET C 185 14.22 28.03 -28.11
CA MET C 185 13.25 26.97 -28.37
C MET C 185 12.76 26.98 -29.81
N LYS C 186 12.51 28.18 -30.37
CA LYS C 186 12.09 28.26 -31.77
C LYS C 186 13.05 27.52 -32.68
N ILE C 187 14.36 27.65 -32.43
CA ILE C 187 15.35 26.94 -33.24
C ILE C 187 15.19 25.44 -33.09
N ILE C 188 15.00 24.96 -31.85
CA ILE C 188 14.89 23.53 -31.61
C ILE C 188 13.77 22.95 -32.47
N ASN C 189 12.63 23.65 -32.54
CA ASN C 189 11.50 23.14 -33.31
C ASN C 189 11.84 23.00 -34.78
N GLU C 190 12.40 24.06 -35.38
CA GLU C 190 12.75 24.02 -36.80
C GLU C 190 13.74 22.90 -37.11
N ASN C 191 14.46 22.39 -36.11
CA ASN C 191 15.53 21.43 -36.34
C ASN C 191 15.27 20.05 -35.76
N LEU C 192 14.14 19.85 -35.07
CA LEU C 192 13.92 18.57 -34.40
C LEU C 192 14.11 17.36 -35.32
N PRO C 193 13.64 17.35 -36.57
CA PRO C 193 13.87 16.18 -37.42
C PRO C 193 15.31 15.72 -37.43
N PHE C 194 16.24 16.67 -37.45
CA PHE C 194 17.66 16.32 -37.51
C PHE C 194 18.19 15.94 -36.13
N ILE C 195 17.81 16.70 -35.10
CA ILE C 195 18.14 16.33 -33.73
C ILE C 195 17.68 14.92 -33.43
N ILE C 196 16.64 14.46 -34.10
CA ILE C 196 16.02 13.16 -33.78
C ILE C 196 16.67 12.03 -34.55
N ASN C 197 16.86 12.18 -35.87
CA ASN C 197 17.57 11.17 -36.64
C ASN C 197 19.08 11.38 -36.63
N GLY C 198 19.57 12.19 -35.70
CA GLY C 198 21.00 12.38 -35.51
C GLY C 198 21.77 12.77 -36.75
N ASP C 199 21.13 13.49 -37.67
CA ASP C 199 21.78 13.97 -38.89
C ASP C 199 22.59 15.21 -38.52
N ILE C 200 23.83 14.99 -38.09
CA ILE C 200 24.63 16.08 -37.55
C ILE C 200 25.14 17.00 -38.64
N GLU C 201 25.42 16.47 -39.84
CA GLU C 201 25.92 17.31 -40.91
C GLU C 201 24.91 18.37 -41.31
N MET C 202 23.61 18.05 -41.22
CA MET C 202 22.58 19.05 -41.47
C MET C 202 22.69 20.19 -40.46
N LEU C 203 22.84 19.86 -39.18
CA LEU C 203 22.79 20.87 -38.13
C LEU C 203 23.95 21.84 -38.23
N LYS C 204 25.16 21.33 -38.50
CA LYS C 204 26.32 22.22 -38.64
C LYS C 204 26.03 23.37 -39.60
N ARG C 205 25.24 23.11 -40.63
CA ARG C 205 24.86 24.15 -41.59
C ARG C 205 23.82 25.10 -40.98
N HIS D 1 -4.09 -37.44 -13.22
CA HIS D 1 -3.51 -37.33 -11.85
C HIS D 1 -2.62 -36.09 -11.78
N GLY D 2 -2.41 -35.57 -10.56
CA GLY D 2 -1.63 -34.35 -10.32
C GLY D 2 -2.54 -33.13 -10.28
N PRO D 3 -2.01 -31.90 -10.11
CA PRO D 3 -2.86 -30.71 -10.03
C PRO D 3 -3.44 -30.26 -11.38
N ASP D 4 -4.49 -29.44 -11.34
CA ASP D 4 -5.17 -28.93 -12.56
C ASP D 4 -4.32 -27.80 -13.13
N PRO D 5 -3.93 -27.82 -14.43
CA PRO D 5 -3.09 -26.76 -15.00
C PRO D 5 -3.82 -25.42 -15.21
N GLU D 6 -5.15 -25.47 -15.28
CA GLU D 6 -6.02 -24.28 -15.51
C GLU D 6 -6.48 -23.66 -14.19
N ASN D 7 -6.08 -24.20 -13.03
CA ASN D 7 -6.44 -23.62 -11.70
C ASN D 7 -5.46 -22.46 -11.44
N ILE D 8 -5.95 -21.25 -11.19
CA ILE D 8 -5.11 -20.02 -10.97
C ILE D 8 -4.30 -20.17 -9.70
N LEU D 9 -4.88 -20.74 -8.65
CA LEU D 9 -4.23 -20.94 -7.33
C LEU D 9 -4.15 -22.45 -7.07
N PRO D 10 -3.11 -23.19 -7.55
CA PRO D 10 -3.05 -24.65 -7.37
C PRO D 10 -2.91 -25.06 -5.90
N ILE D 11 -2.11 -24.31 -5.13
CA ILE D 11 -1.86 -24.57 -3.69
C ILE D 11 -3.08 -24.09 -2.90
N LYS D 12 -3.52 -24.85 -1.89
CA LYS D 12 -4.70 -24.51 -1.05
C LYS D 12 -4.25 -23.53 0.03
N GLY D 13 -5.07 -22.52 0.35
CA GLY D 13 -4.71 -21.52 1.33
C GLY D 13 -3.60 -20.56 0.95
N ASN D 14 -3.03 -20.71 -0.25
CA ASN D 14 -1.98 -19.82 -0.73
C ASN D 14 -2.57 -18.92 -1.82
N ARG D 15 -2.45 -17.61 -1.62
CA ARG D 15 -3.06 -16.63 -2.50
C ARG D 15 -2.06 -15.85 -3.35
N ASN D 16 -0.76 -16.19 -3.25
CA ASN D 16 0.28 -15.52 -4.01
C ASN D 16 0.76 -16.34 -5.19
N LEU D 17 1.01 -17.62 -5.00
CA LEU D 17 1.53 -18.49 -6.05
C LEU D 17 0.40 -18.85 -7.01
N GLN D 18 0.59 -18.56 -8.29
CA GLN D 18 -0.47 -18.69 -9.28
C GLN D 18 0.05 -19.45 -10.49
N PHE D 19 -0.77 -20.35 -11.02
CA PHE D 19 -0.49 -20.94 -12.33
C PHE D 19 -0.70 -19.85 -13.38
N ILE D 20 0.34 -19.59 -14.17
CA ILE D 20 0.37 -18.38 -15.01
C ILE D 20 -0.60 -18.50 -16.17
N LYS D 21 -0.68 -19.68 -16.78
CA LYS D 21 -1.47 -19.84 -18.01
C LYS D 21 -2.91 -19.39 -17.85
N PRO D 22 -3.68 -19.85 -16.87
CA PRO D 22 -5.09 -19.46 -16.79
C PRO D 22 -5.32 -18.01 -16.42
N THR D 23 -4.28 -17.22 -16.17
CA THR D 23 -4.44 -15.81 -15.85
C THR D 23 -4.16 -14.89 -17.03
N ILE D 24 -3.56 -15.41 -18.10
CA ILE D 24 -3.20 -14.59 -19.25
C ILE D 24 -4.47 -14.08 -19.92
N THR D 25 -4.74 -12.78 -19.93
CA THR D 25 -5.93 -12.18 -20.61
C THR D 25 -5.49 -11.49 -21.92
N ASN D 26 -4.43 -10.68 -21.87
CA ASN D 26 -3.89 -9.92 -23.03
C ASN D 26 -3.17 -10.88 -23.98
N GLU D 27 -3.10 -10.50 -25.26
CA GLU D 27 -2.46 -11.28 -26.36
C GLU D 27 -0.95 -11.04 -26.36
N ASN D 28 -0.21 -11.85 -27.14
CA ASN D 28 1.26 -11.83 -27.34
C ASN D 28 1.97 -12.24 -26.04
N ILE D 29 1.33 -13.11 -25.25
CA ILE D 29 1.86 -13.69 -23.98
C ILE D 29 1.52 -15.19 -24.03
N LEU D 30 2.51 -16.08 -24.23
CA LEU D 30 2.24 -17.51 -24.39
C LEU D 30 3.05 -18.26 -23.34
N VAL D 31 2.39 -18.72 -22.29
CA VAL D 31 3.03 -19.41 -21.19
C VAL D 31 2.51 -20.85 -21.13
N GLY D 32 3.39 -21.77 -20.77
CA GLY D 32 3.05 -23.17 -20.76
C GLY D 32 2.38 -23.62 -19.48
N GLU D 33 1.60 -24.70 -19.61
CA GLU D 33 0.88 -25.24 -18.46
C GLU D 33 1.86 -25.62 -17.36
N TYR D 34 1.41 -25.49 -16.12
CA TYR D 34 2.10 -25.87 -14.89
C TYR D 34 3.15 -24.85 -14.49
N SER D 35 3.54 -23.94 -15.38
CA SER D 35 4.46 -22.86 -15.01
C SER D 35 3.72 -21.86 -14.10
N TYR D 36 4.35 -21.51 -12.99
CA TYR D 36 3.70 -20.67 -11.99
C TYR D 36 4.51 -19.40 -11.73
N TYR D 37 3.83 -18.42 -11.12
CA TYR D 37 4.46 -17.19 -10.66
C TYR D 37 4.13 -17.01 -9.18
N ASP D 38 5.16 -17.01 -8.34
CA ASP D 38 5.02 -16.82 -6.90
C ASP D 38 5.04 -15.33 -6.64
N SER D 39 3.87 -14.73 -6.51
CA SER D 39 3.80 -13.27 -6.44
C SER D 39 4.27 -12.77 -5.08
N LYS D 40 4.72 -11.52 -5.06
CA LYS D 40 5.06 -10.83 -3.82
C LYS D 40 3.79 -10.47 -3.05
N ARG D 41 3.12 -9.41 -3.48
CA ARG D 41 1.95 -8.88 -2.79
C ARG D 41 0.63 -9.45 -3.32
N GLY D 42 0.67 -10.40 -4.25
CA GLY D 42 -0.51 -10.97 -4.84
C GLY D 42 -0.77 -10.57 -6.27
N GLU D 43 -0.02 -9.60 -6.79
CA GLU D 43 -0.19 -9.12 -8.16
C GLU D 43 -0.19 -10.27 -9.17
N SER D 44 -0.74 -10.03 -10.35
CA SER D 44 -0.78 -11.04 -11.40
C SER D 44 0.56 -11.09 -12.13
N PHE D 45 0.71 -12.14 -12.95
CA PHE D 45 1.95 -12.30 -13.70
C PHE D 45 2.09 -11.22 -14.77
N GLU D 46 0.99 -10.85 -15.42
CA GLU D 46 1.05 -9.84 -16.47
C GLU D 46 1.52 -8.49 -15.93
N ASP D 47 1.19 -8.19 -14.67
CA ASP D 47 1.65 -6.95 -14.06
C ASP D 47 3.17 -6.84 -14.09
N GLN D 48 3.87 -7.95 -14.30
CA GLN D 48 5.32 -7.97 -14.37
C GLN D 48 5.85 -7.87 -15.79
N VAL D 49 4.97 -7.86 -16.78
CA VAL D 49 5.35 -7.70 -18.19
C VAL D 49 5.19 -6.23 -18.54
N LEU D 50 6.30 -5.54 -18.70
CA LEU D 50 6.33 -4.09 -18.83
C LEU D 50 6.64 -3.68 -20.26
N TYR D 51 6.17 -2.49 -20.64
CA TYR D 51 6.45 -1.90 -21.95
C TYR D 51 6.00 -2.83 -23.09
N HIS D 52 4.87 -3.50 -22.89
CA HIS D 52 4.43 -4.52 -23.84
C HIS D 52 3.28 -3.98 -24.70
N TYR D 53 3.63 -3.01 -25.55
CA TYR D 53 2.64 -2.36 -26.39
C TYR D 53 2.31 -3.23 -27.59
N GLU D 54 1.02 -3.49 -27.81
CA GLU D 54 0.57 -4.33 -28.91
C GLU D 54 0.99 -3.78 -30.27
N VAL D 55 1.23 -2.46 -30.34
CA VAL D 55 1.60 -1.81 -31.60
C VAL D 55 3.02 -2.13 -32.00
N ILE D 56 3.75 -2.88 -31.16
CA ILE D 56 5.11 -3.29 -31.47
C ILE D 56 5.18 -4.77 -31.84
N GLY D 57 4.29 -5.60 -31.32
CA GLY D 57 4.08 -6.93 -31.86
C GLY D 57 4.98 -8.03 -31.33
N ASP D 58 5.82 -7.75 -30.35
CA ASP D 58 6.65 -8.80 -29.77
C ASP D 58 5.84 -9.64 -28.78
N LYS D 59 6.36 -10.82 -28.47
CA LYS D 59 5.68 -11.77 -27.61
C LYS D 59 6.61 -12.24 -26.49
N LEU D 60 6.01 -12.56 -25.35
CA LEU D 60 6.70 -13.21 -24.24
C LEU D 60 6.30 -14.68 -24.25
N ILE D 61 7.29 -15.57 -24.32
CA ILE D 61 7.05 -16.99 -24.51
C ILE D 61 7.74 -17.76 -23.40
N ILE D 62 6.96 -18.49 -22.61
CA ILE D 62 7.47 -19.31 -21.52
C ILE D 62 6.95 -20.73 -21.71
N GLY D 63 7.82 -21.71 -21.47
CA GLY D 63 7.46 -23.12 -21.62
C GLY D 63 6.73 -23.67 -20.42
N ARG D 64 6.89 -24.96 -20.19
CA ARG D 64 6.17 -25.68 -19.16
C ARG D 64 7.05 -25.95 -17.94
N PHE D 65 6.39 -26.13 -16.80
CA PHE D 65 7.06 -26.49 -15.54
C PHE D 65 8.16 -25.50 -15.19
N CYS D 66 7.90 -24.23 -15.43
CA CYS D 66 8.81 -23.15 -15.07
C CYS D 66 8.35 -22.51 -13.75
N SER D 67 9.32 -22.09 -12.94
CA SER D 67 9.05 -21.47 -11.65
C SER D 67 9.64 -20.06 -11.70
N ILE D 68 8.79 -19.08 -11.93
CA ILE D 68 9.21 -17.68 -12.02
C ILE D 68 9.07 -17.05 -10.64
N GLY D 69 10.20 -16.55 -10.13
CA GLY D 69 10.28 -16.10 -8.75
C GLY D 69 9.64 -14.74 -8.56
N PRO D 70 9.40 -14.40 -7.28
CA PRO D 70 8.73 -13.13 -6.97
C PRO D 70 9.51 -11.93 -7.49
N GLY D 71 8.77 -10.92 -7.94
CA GLY D 71 9.36 -9.68 -8.39
C GLY D 71 10.03 -9.72 -9.73
N THR D 72 10.11 -10.89 -10.37
CA THR D 72 10.71 -10.99 -11.69
C THR D 72 9.93 -10.14 -12.68
N THR D 73 10.65 -9.36 -13.49
CA THR D 73 10.04 -8.49 -14.49
C THR D 73 10.57 -8.82 -15.87
N PHE D 74 9.75 -8.53 -16.88
CA PHE D 74 10.07 -8.78 -18.28
C PHE D 74 9.99 -7.46 -19.03
N ILE D 75 11.14 -6.97 -19.50
CA ILE D 75 11.22 -5.70 -20.20
C ILE D 75 11.03 -5.97 -21.69
N MET D 76 9.86 -5.63 -22.21
CA MET D 76 9.58 -5.84 -23.62
C MET D 76 10.25 -4.75 -24.46
N ASN D 77 10.13 -4.88 -25.78
CA ASN D 77 10.89 -4.04 -26.69
C ASN D 77 10.43 -2.59 -26.66
N GLY D 78 9.18 -2.33 -26.29
CA GLY D 78 8.68 -0.96 -26.24
C GLY D 78 9.49 -0.04 -25.36
N ALA D 79 10.39 -0.58 -24.55
CA ALA D 79 11.14 0.23 -23.60
C ALA D 79 12.24 1.04 -24.24
N ASN D 80 12.71 0.67 -25.43
CA ASN D 80 13.92 1.24 -26.00
C ASN D 80 13.61 2.45 -26.88
N HIS D 81 14.36 3.53 -26.66
CA HIS D 81 14.18 4.77 -27.40
C HIS D 81 14.89 4.68 -28.75
N ARG D 82 14.51 5.59 -29.66
CA ARG D 82 15.22 5.69 -30.93
C ARG D 82 16.62 6.23 -30.69
N MET D 83 17.62 5.50 -31.19
CA MET D 83 19.01 5.79 -30.88
C MET D 83 19.77 6.40 -32.06
N ASP D 84 19.11 6.66 -33.18
CA ASP D 84 19.77 7.35 -34.29
C ASP D 84 20.38 8.66 -33.82
N GLY D 85 19.59 9.48 -33.14
CA GLY D 85 20.07 10.72 -32.57
C GLY D 85 19.63 10.86 -31.12
N SER D 86 19.00 11.97 -30.79
CA SER D 86 18.47 12.17 -29.45
C SER D 86 17.53 11.02 -29.09
N THR D 87 17.74 10.43 -27.91
CA THR D 87 16.90 9.36 -27.40
C THR D 87 15.66 9.88 -26.69
N TYR D 88 15.18 11.06 -27.05
CA TYR D 88 14.13 11.72 -26.30
C TYR D 88 12.81 11.58 -27.03
N PRO D 89 11.79 10.95 -26.43
CA PRO D 89 10.53 10.74 -27.16
C PRO D 89 9.75 12.02 -27.34
N PHE D 90 10.20 12.87 -28.27
CA PHE D 90 9.54 14.16 -28.48
C PHE D 90 8.06 13.98 -28.77
N HIS D 91 7.71 13.04 -29.66
CA HIS D 91 6.34 12.94 -30.15
C HIS D 91 5.36 12.64 -29.02
N LEU D 92 5.80 11.99 -27.94
CA LEU D 92 4.87 11.59 -26.90
C LEU D 92 4.14 12.77 -26.27
N PHE D 93 4.67 13.98 -26.42
CA PHE D 93 4.10 15.15 -25.77
C PHE D 93 3.22 15.98 -26.71
N ARG D 94 2.93 15.48 -27.91
CA ARG D 94 2.05 16.12 -28.94
C ARG D 94 2.27 17.66 -29.02
N MET D 95 1.24 18.52 -29.19
CA MET D 95 1.39 20.00 -29.23
C MET D 95 2.38 20.38 -30.35
N GLY D 96 2.29 19.72 -31.50
CA GLY D 96 3.17 19.94 -32.67
C GLY D 96 4.25 18.88 -32.82
N TRP D 97 4.60 18.12 -31.77
CA TRP D 97 5.66 17.13 -31.87
C TRP D 97 5.15 15.75 -32.27
N GLU D 98 3.83 15.53 -32.27
CA GLU D 98 3.30 14.25 -32.68
C GLU D 98 3.64 13.89 -34.13
N LYS D 99 4.22 14.84 -34.88
CA LYS D 99 4.61 14.57 -36.26
C LYS D 99 5.93 13.82 -36.36
N TYR D 100 6.74 13.81 -35.29
CA TYR D 100 8.02 13.10 -35.29
C TYR D 100 7.84 11.68 -34.76
N MET D 101 7.04 10.91 -35.50
CA MET D 101 6.70 9.55 -35.10
C MET D 101 7.74 8.59 -35.65
N PRO D 102 8.45 7.85 -34.81
CA PRO D 102 9.41 6.88 -35.33
C PRO D 102 8.71 5.68 -35.96
N SER D 103 9.32 5.14 -37.01
CA SER D 103 8.85 3.91 -37.61
C SER D 103 9.49 2.72 -36.90
N LEU D 104 8.88 1.55 -37.07
CA LEU D 104 9.37 0.35 -36.39
C LEU D 104 10.80 0.05 -36.78
N LYS D 105 11.18 0.32 -38.03
CA LYS D 105 12.55 0.05 -38.47
C LYS D 105 13.55 1.02 -37.85
N ASP D 106 13.09 2.22 -37.48
CA ASP D 106 13.99 3.18 -36.83
C ASP D 106 14.31 2.76 -35.40
N LEU D 107 13.41 2.03 -34.76
CA LEU D 107 13.62 1.59 -33.38
C LEU D 107 14.57 0.40 -33.34
N PRO D 108 15.22 0.16 -32.19
CA PRO D 108 16.14 -0.98 -32.06
C PRO D 108 15.46 -2.24 -31.53
N LEU D 109 14.52 -2.76 -32.32
CA LEU D 109 13.75 -3.93 -31.89
C LEU D 109 14.64 -5.18 -31.92
N LYS D 110 14.41 -6.07 -30.95
CA LYS D 110 15.32 -7.19 -30.71
C LYS D 110 14.62 -8.54 -30.59
N GLY D 111 13.33 -8.62 -30.92
CA GLY D 111 12.65 -9.89 -31.00
C GLY D 111 11.90 -10.24 -29.73
N ASP D 112 11.49 -11.51 -29.67
CA ASP D 112 10.69 -12.03 -28.58
C ASP D 112 11.56 -12.48 -27.41
N ILE D 113 10.94 -12.62 -26.25
CA ILE D 113 11.56 -13.26 -25.09
C ILE D 113 11.14 -14.72 -25.09
N GLU D 114 12.11 -15.62 -25.23
CA GLU D 114 11.84 -17.05 -25.30
C GLU D 114 12.47 -17.74 -24.09
N ILE D 115 11.63 -18.22 -23.18
CA ILE D 115 12.07 -19.03 -22.04
C ILE D 115 11.60 -20.46 -22.27
N GLY D 116 12.47 -21.42 -21.97
CA GLY D 116 12.18 -22.81 -22.24
C GLY D 116 11.31 -23.50 -21.21
N ASN D 117 11.64 -24.76 -20.91
CA ASN D 117 10.84 -25.59 -20.02
C ASN D 117 11.68 -26.03 -18.84
N ASP D 118 11.03 -26.17 -17.68
CA ASP D 118 11.71 -26.57 -16.44
C ASP D 118 12.79 -25.56 -16.08
N VAL D 119 12.53 -24.29 -16.33
CA VAL D 119 13.47 -23.20 -16.06
C VAL D 119 13.13 -22.59 -14.70
N TRP D 120 14.11 -22.53 -13.82
CA TRP D 120 13.97 -21.93 -12.49
C TRP D 120 14.50 -20.51 -12.59
N ILE D 121 13.59 -19.54 -12.64
CA ILE D 121 13.96 -18.14 -12.60
C ILE D 121 13.85 -17.66 -11.16
N GLY D 122 14.90 -17.01 -10.67
CA GLY D 122 15.02 -16.69 -9.28
C GLY D 122 14.13 -15.54 -8.88
N ARG D 123 14.39 -15.04 -7.67
CA ARG D 123 13.67 -13.89 -7.14
C ARG D 123 14.20 -12.61 -7.76
N ASP D 124 13.29 -11.69 -8.07
CA ASP D 124 13.66 -10.34 -8.49
C ASP D 124 14.61 -10.34 -9.69
N VAL D 125 14.35 -11.22 -10.65
CA VAL D 125 15.15 -11.27 -11.87
C VAL D 125 14.59 -10.26 -12.86
N THR D 126 15.49 -9.67 -13.65
CA THR D 126 15.12 -8.72 -14.70
C THR D 126 15.52 -9.31 -16.04
N ILE D 127 14.55 -9.56 -16.91
CA ILE D 127 14.77 -10.15 -18.22
C ILE D 127 14.62 -9.07 -19.28
N MET D 128 15.62 -8.96 -20.14
CA MET D 128 15.74 -7.86 -21.09
C MET D 128 15.12 -8.25 -22.42
N PRO D 129 14.98 -7.30 -23.35
CA PRO D 129 14.32 -7.60 -24.63
C PRO D 129 15.12 -8.57 -25.49
N GLY D 130 14.41 -9.50 -26.12
CA GLY D 130 14.98 -10.37 -27.13
C GLY D 130 15.82 -11.52 -26.62
N VAL D 131 15.97 -11.64 -25.30
CA VAL D 131 16.77 -12.70 -24.71
C VAL D 131 16.08 -14.05 -24.88
N LYS D 132 16.88 -15.11 -25.02
CA LYS D 132 16.39 -16.48 -25.07
C LYS D 132 17.03 -17.27 -23.94
N ILE D 133 16.20 -18.07 -23.25
CA ILE D 133 16.64 -18.84 -22.09
C ILE D 133 16.27 -20.30 -22.33
N GLY D 134 17.28 -21.17 -22.37
CA GLY D 134 17.07 -22.57 -22.72
C GLY D 134 16.46 -23.40 -21.59
N ASP D 135 16.07 -24.62 -21.98
CA ASP D 135 15.45 -25.53 -21.04
C ASP D 135 16.37 -25.82 -19.86
N GLY D 136 15.76 -26.06 -18.70
CA GLY D 136 16.48 -26.53 -17.54
C GLY D 136 17.46 -25.56 -16.92
N ALA D 137 17.47 -24.30 -17.35
CA ALA D 137 18.43 -23.35 -16.83
C ALA D 137 18.01 -22.84 -15.46
N ILE D 138 18.95 -22.16 -14.80
CA ILE D 138 18.73 -21.59 -13.46
C ILE D 138 19.27 -20.17 -13.46
N ILE D 139 18.40 -19.20 -13.23
CA ILE D 139 18.77 -17.79 -13.13
C ILE D 139 18.80 -17.43 -11.65
N ALA D 140 19.96 -16.99 -11.18
CA ALA D 140 20.10 -16.66 -9.77
C ALA D 140 19.29 -15.40 -9.43
N ALA D 141 18.95 -15.28 -8.15
CA ALA D 141 18.19 -14.13 -7.69
C ALA D 141 18.92 -12.84 -8.04
N GLU D 142 18.15 -11.77 -8.25
CA GLU D 142 18.67 -10.44 -8.50
C GLU D 142 19.48 -10.35 -9.78
N ALA D 143 19.40 -11.38 -10.63
CA ALA D 143 20.11 -11.37 -11.90
C ALA D 143 19.41 -10.44 -12.89
N VAL D 144 20.20 -9.86 -13.78
CA VAL D 144 19.68 -9.11 -14.92
C VAL D 144 20.09 -9.87 -16.16
N VAL D 145 19.12 -10.48 -16.84
CA VAL D 145 19.40 -11.35 -17.99
C VAL D 145 19.65 -10.44 -19.19
N THR D 146 20.92 -10.22 -19.52
CA THR D 146 21.31 -9.32 -20.60
C THR D 146 21.71 -10.05 -21.88
N LYS D 147 22.18 -11.28 -21.77
CA LYS D 147 22.49 -12.11 -22.93
C LYS D 147 21.70 -13.41 -22.83
N ASN D 148 21.83 -14.25 -23.84
CA ASN D 148 21.09 -15.51 -23.86
C ASN D 148 21.62 -16.45 -22.78
N VAL D 149 20.77 -17.39 -22.38
CA VAL D 149 21.09 -18.39 -21.37
C VAL D 149 21.02 -19.75 -22.02
N ALA D 150 22.12 -20.51 -21.96
CA ALA D 150 22.17 -21.81 -22.60
C ALA D 150 21.39 -22.84 -21.79
N PRO D 151 20.86 -23.88 -22.46
CA PRO D 151 20.10 -24.89 -21.73
C PRO D 151 20.91 -25.52 -20.60
N TYR D 152 20.23 -25.79 -19.49
CA TYR D 152 20.84 -26.45 -18.34
C TYR D 152 22.15 -25.78 -17.93
N SER D 153 22.08 -24.48 -17.71
CA SER D 153 23.21 -23.69 -17.24
C SER D 153 22.76 -22.79 -16.10
N ILE D 154 23.68 -22.47 -15.21
CA ILE D 154 23.43 -21.59 -14.08
C ILE D 154 24.11 -20.25 -14.37
N VAL D 155 23.31 -19.19 -14.37
CA VAL D 155 23.79 -17.85 -14.67
C VAL D 155 23.36 -16.92 -13.54
N GLY D 156 23.98 -15.75 -13.48
CA GLY D 156 23.61 -14.77 -12.48
C GLY D 156 24.49 -13.54 -12.59
N GLY D 157 24.01 -12.47 -11.97
CA GLY D 157 24.77 -11.23 -11.85
C GLY D 157 24.20 -10.12 -12.72
N ASN D 158 24.85 -8.96 -12.62
CA ASN D 158 24.53 -7.81 -13.46
C ASN D 158 25.81 -7.18 -13.96
N PRO D 159 26.07 -7.19 -15.29
CA PRO D 159 25.24 -7.87 -16.29
C PRO D 159 25.37 -9.37 -16.13
N LEU D 160 24.60 -10.15 -16.88
CA LEU D 160 24.59 -11.59 -16.68
C LEU D 160 25.98 -12.17 -16.89
N LYS D 161 26.29 -13.22 -16.12
CA LYS D 161 27.61 -13.82 -16.11
C LYS D 161 27.46 -15.33 -15.94
N PHE D 162 28.17 -16.10 -16.75
CA PHE D 162 28.09 -17.55 -16.70
C PHE D 162 28.70 -18.07 -15.41
N ILE D 163 28.01 -19.02 -14.77
CA ILE D 163 28.51 -19.63 -13.54
C ILE D 163 29.07 -21.00 -13.87
N ARG D 164 28.25 -21.95 -14.32
CA ARG D 164 28.66 -23.36 -14.60
C ARG D 164 27.49 -24.05 -15.27
N LYS D 165 27.78 -25.22 -15.83
CA LYS D 165 26.78 -26.11 -16.40
C LYS D 165 26.33 -27.12 -15.36
N ARG D 166 25.04 -27.48 -15.40
CA ARG D 166 24.48 -28.33 -14.36
C ARG D 166 25.04 -29.75 -14.43
N PHE D 167 25.15 -30.30 -15.65
CA PHE D 167 25.67 -31.64 -15.84
C PHE D 167 26.66 -31.64 -16.99
N SER D 168 27.31 -32.79 -17.20
CA SER D 168 28.21 -32.94 -18.33
C SER D 168 27.47 -32.69 -19.64
N ASP D 169 28.22 -32.33 -20.67
CA ASP D 169 27.63 -32.04 -21.97
C ASP D 169 26.82 -33.24 -22.47
N GLY D 170 27.34 -34.45 -22.28
CA GLY D 170 26.61 -35.63 -22.69
C GLY D 170 25.25 -35.74 -21.99
N VAL D 171 25.23 -35.51 -20.68
CA VAL D 171 23.99 -35.61 -19.93
C VAL D 171 22.98 -34.58 -20.40
N ILE D 172 23.45 -33.38 -20.76
CA ILE D 172 22.54 -32.33 -21.19
C ILE D 172 21.95 -32.67 -22.56
N GLU D 173 22.75 -33.24 -23.46
CA GLU D 173 22.21 -33.73 -24.72
C GLU D 173 21.10 -34.75 -24.48
N GLU D 174 21.21 -35.53 -23.41
CA GLU D 174 20.20 -36.55 -23.13
C GLU D 174 18.92 -35.91 -22.58
N TRP D 175 19.05 -35.03 -21.60
CA TRP D 175 17.86 -34.35 -21.07
C TRP D 175 17.12 -33.60 -22.17
N LEU D 176 17.85 -33.06 -23.16
CA LEU D 176 17.21 -32.28 -24.21
C LEU D 176 16.51 -33.18 -25.22
N ALA D 177 17.16 -34.27 -25.62
CA ALA D 177 16.50 -35.21 -26.53
C ALA D 177 15.27 -35.82 -25.88
N LEU D 178 15.31 -36.02 -24.56
CA LEU D 178 14.20 -36.67 -23.87
C LEU D 178 12.93 -35.82 -23.96
N GLN D 179 12.98 -34.58 -23.45
CA GLN D 179 11.84 -33.67 -23.45
C GLN D 179 10.69 -34.25 -22.61
N TRP D 180 10.95 -34.43 -21.32
CA TRP D 180 9.91 -35.01 -20.47
C TRP D 180 8.72 -34.07 -20.31
N TRP D 181 8.93 -32.75 -20.48
CA TRP D 181 7.85 -31.80 -20.35
C TRP D 181 6.84 -31.88 -21.49
N ASN D 182 7.15 -32.58 -22.58
CA ASN D 182 6.23 -32.73 -23.69
C ASN D 182 5.49 -34.07 -23.68
N LEU D 183 5.95 -35.02 -22.88
CA LEU D 183 5.36 -36.35 -22.89
C LEU D 183 3.93 -36.31 -22.36
N ASP D 184 3.12 -37.25 -22.85
CA ASP D 184 1.77 -37.42 -22.33
C ASP D 184 1.79 -37.42 -20.80
N MET D 185 0.85 -36.68 -20.21
CA MET D 185 0.87 -36.47 -18.77
C MET D 185 0.93 -37.79 -18.01
N LYS D 186 0.21 -38.81 -18.48
CA LYS D 186 0.25 -40.10 -17.80
C LYS D 186 1.69 -40.62 -17.71
N ILE D 187 2.48 -40.42 -18.76
CA ILE D 187 3.88 -40.87 -18.72
C ILE D 187 4.66 -40.08 -17.67
N ILE D 188 4.43 -38.77 -17.59
CA ILE D 188 5.18 -37.94 -16.65
C ILE D 188 5.00 -38.47 -15.24
N ASN D 189 3.77 -38.83 -14.87
CA ASN D 189 3.51 -39.29 -13.52
C ASN D 189 4.24 -40.59 -13.21
N GLU D 190 4.16 -41.56 -14.12
CA GLU D 190 4.85 -42.83 -13.90
C GLU D 190 6.35 -42.65 -13.73
N ASN D 191 6.90 -41.53 -14.18
CA ASN D 191 8.35 -41.32 -14.22
C ASN D 191 8.84 -40.18 -13.34
N LEU D 192 7.95 -39.48 -12.64
CA LEU D 192 8.37 -38.33 -11.85
C LEU D 192 9.53 -38.65 -10.90
N PRO D 193 9.57 -39.78 -10.20
CA PRO D 193 10.73 -40.04 -9.32
C PRO D 193 12.06 -39.89 -10.02
N PHE D 194 12.14 -40.31 -11.29
CA PHE D 194 13.39 -40.24 -12.04
C PHE D 194 13.62 -38.83 -12.57
N ILE D 195 12.56 -38.20 -13.11
CA ILE D 195 12.61 -36.82 -13.51
C ILE D 195 13.08 -35.93 -12.37
N ILE D 196 12.82 -36.35 -11.13
CA ILE D 196 13.07 -35.51 -9.97
C ILE D 196 14.48 -35.71 -9.43
N ASN D 197 14.91 -36.96 -9.23
CA ASN D 197 16.29 -37.24 -8.85
C ASN D 197 17.20 -37.33 -10.06
N GLY D 198 16.74 -36.86 -11.22
CA GLY D 198 17.58 -36.77 -12.38
C GLY D 198 18.23 -38.06 -12.85
N ASP D 199 17.65 -39.21 -12.48
CA ASP D 199 18.22 -40.47 -12.94
C ASP D 199 17.91 -40.62 -14.43
N ILE D 200 18.82 -40.16 -15.27
CA ILE D 200 18.58 -40.13 -16.71
C ILE D 200 18.66 -41.53 -17.29
N GLU D 201 19.58 -42.37 -16.77
CA GLU D 201 19.72 -43.71 -17.32
C GLU D 201 18.45 -44.52 -17.17
N MET D 202 17.69 -44.26 -16.10
CA MET D 202 16.37 -44.90 -15.96
C MET D 202 15.45 -44.49 -17.10
N LEU D 203 15.39 -43.19 -17.38
CA LEU D 203 14.42 -42.68 -18.34
C LEU D 203 14.70 -43.21 -19.74
N LYS D 204 15.96 -43.20 -20.16
CA LYS D 204 16.29 -43.71 -21.48
C LYS D 204 15.67 -45.08 -21.74
N ARG D 205 15.49 -45.87 -20.68
CA ARG D 205 14.94 -47.21 -20.81
C ARG D 205 13.43 -47.15 -21.04
N LYS D 206 12.78 -48.31 -20.99
CA LYS D 206 11.40 -48.46 -21.49
C LYS D 206 11.30 -47.85 -22.89
N HIS E 1 -6.76 36.10 -14.25
CA HIS E 1 -6.41 36.27 -12.84
C HIS E 1 -7.14 35.21 -12.01
N GLY E 2 -6.38 34.37 -11.32
CA GLY E 2 -6.91 33.21 -10.66
C GLY E 2 -6.32 31.96 -11.25
N PRO E 3 -6.43 30.83 -10.53
CA PRO E 3 -5.79 29.60 -11.01
C PRO E 3 -6.40 29.12 -12.31
N ASP E 4 -5.69 28.20 -12.96
CA ASP E 4 -6.12 27.64 -14.23
C ASP E 4 -7.10 26.51 -13.98
N PRO E 5 -8.38 26.68 -14.30
CA PRO E 5 -9.34 25.59 -14.04
C PRO E 5 -8.97 24.28 -14.72
N GLU E 6 -8.13 24.33 -15.75
CA GLU E 6 -7.71 23.15 -16.49
C GLU E 6 -6.39 22.57 -15.99
N ASN E 7 -5.81 23.15 -14.95
CA ASN E 7 -4.55 22.65 -14.39
C ASN E 7 -4.87 21.63 -13.29
N ILE E 8 -4.34 20.42 -13.44
CA ILE E 8 -4.74 19.33 -12.55
C ILE E 8 -4.29 19.60 -11.13
N LEU E 9 -3.02 19.98 -10.93
CA LEU E 9 -2.47 20.16 -9.59
C LEU E 9 -2.23 21.65 -9.33
N PRO E 10 -3.29 22.42 -9.02
CA PRO E 10 -3.13 23.88 -8.95
C PRO E 10 -2.41 24.39 -7.72
N ILE E 11 -2.13 23.54 -6.73
CA ILE E 11 -1.44 23.94 -5.52
C ILE E 11 -0.03 23.38 -5.58
N LYS E 12 0.96 24.27 -5.53
CA LYS E 12 2.35 23.82 -5.62
C LYS E 12 2.72 22.97 -4.42
N GLY E 13 3.51 21.93 -4.67
CA GLY E 13 3.93 21.02 -3.63
C GLY E 13 2.84 20.07 -3.18
N ASN E 14 1.59 20.37 -3.50
CA ASN E 14 0.44 19.59 -3.06
C ASN E 14 0.04 18.65 -4.20
N ARG E 15 0.32 17.36 -4.02
CA ARG E 15 0.03 16.34 -5.01
C ARG E 15 -1.29 15.64 -4.78
N ASN E 16 -2.02 15.99 -3.71
CA ASN E 16 -3.25 15.32 -3.35
C ASN E 16 -4.48 16.02 -3.90
N LEU E 17 -4.48 17.35 -3.90
CA LEU E 17 -5.66 18.13 -4.27
C LEU E 17 -5.62 18.41 -5.77
N GLN E 18 -6.65 17.95 -6.48
CA GLN E 18 -6.70 18.04 -7.93
C GLN E 18 -7.99 18.73 -8.35
N PHE E 19 -7.89 19.59 -9.36
CA PHE E 19 -9.08 20.04 -10.07
C PHE E 19 -9.63 18.88 -10.87
N ILE E 20 -10.95 18.68 -10.79
CA ILE E 20 -11.54 17.45 -11.32
C ILE E 20 -11.67 17.50 -12.84
N LYS E 21 -12.31 18.55 -13.37
CA LYS E 21 -12.62 18.63 -14.79
C LYS E 21 -11.49 18.17 -15.71
N PRO E 22 -10.24 18.62 -15.53
CA PRO E 22 -9.18 18.19 -16.47
C PRO E 22 -8.79 16.72 -16.35
N THR E 23 -9.16 16.03 -15.27
CA THR E 23 -8.79 14.63 -15.13
C THR E 23 -9.87 13.67 -15.63
N ILE E 24 -11.06 14.16 -15.95
CA ILE E 24 -12.15 13.29 -16.36
C ILE E 24 -11.82 12.65 -17.71
N THR E 25 -11.74 11.33 -17.74
CA THR E 25 -11.52 10.57 -18.97
C THR E 25 -12.73 9.75 -19.38
N ASN E 26 -13.47 9.19 -18.44
CA ASN E 26 -14.69 8.47 -18.76
C ASN E 26 -15.82 9.47 -19.00
N GLU E 27 -16.60 9.21 -20.05
CA GLU E 27 -17.77 10.04 -20.33
C GLU E 27 -18.78 9.88 -19.20
N ASN E 28 -19.89 10.61 -19.27
CA ASN E 28 -20.97 10.55 -18.29
C ASN E 28 -20.54 11.05 -16.91
N ILE E 29 -19.35 11.64 -16.80
CA ILE E 29 -18.95 12.41 -15.62
C ILE E 29 -18.78 13.85 -16.09
N LEU E 30 -19.57 14.76 -15.51
CA LEU E 30 -19.59 16.16 -15.93
C LEU E 30 -19.37 17.01 -14.69
N VAL E 31 -18.16 17.54 -14.56
CA VAL E 31 -17.73 18.28 -13.38
C VAL E 31 -17.31 19.67 -13.83
N GLY E 32 -17.89 20.69 -13.19
CA GLY E 32 -17.64 22.06 -13.60
C GLY E 32 -16.23 22.52 -13.25
N GLU E 33 -15.86 23.65 -13.85
CA GLU E 33 -14.54 24.23 -13.61
C GLU E 33 -14.39 24.59 -12.14
N TYR E 34 -13.16 24.51 -11.66
CA TYR E 34 -12.71 24.96 -10.35
C TYR E 34 -13.13 24.02 -9.22
N SER E 35 -14.05 23.09 -9.46
CA SER E 35 -14.36 22.07 -8.46
C SER E 35 -13.17 21.13 -8.32
N TYR E 36 -12.87 20.74 -7.08
CA TYR E 36 -11.67 19.96 -6.81
C TYR E 36 -11.97 18.80 -5.88
N TYR E 37 -11.07 17.81 -5.91
CA TYR E 37 -11.11 16.66 -5.02
C TYR E 37 -9.80 16.60 -4.26
N ASP E 38 -9.89 16.51 -2.93
CA ASP E 38 -8.72 16.48 -2.05
C ASP E 38 -8.54 15.02 -1.65
N SER E 39 -7.63 14.32 -2.32
CA SER E 39 -7.56 12.88 -2.21
C SER E 39 -6.83 12.44 -0.93
N LYS E 40 -7.30 11.33 -0.36
CA LYS E 40 -6.64 10.69 0.77
C LYS E 40 -5.23 10.27 0.39
N ARG E 41 -5.11 9.32 -0.55
CA ARG E 41 -3.80 8.73 -0.96
C ARG E 41 -3.28 9.32 -2.26
N GLY E 42 -3.85 10.43 -2.75
CA GLY E 42 -3.42 11.08 -4.00
C GLY E 42 -4.00 10.42 -5.24
N GLU E 43 -4.98 9.52 -5.07
CA GLU E 43 -5.65 8.78 -6.18
C GLU E 43 -6.60 9.73 -6.92
N SER E 44 -6.94 9.40 -8.17
CA SER E 44 -7.80 10.23 -9.07
C SER E 44 -9.25 10.22 -8.57
N PHE E 45 -10.00 11.27 -8.92
CA PHE E 45 -11.42 11.48 -8.53
C PHE E 45 -12.28 10.39 -9.15
N GLU E 46 -11.94 9.95 -10.36
CA GLU E 46 -12.65 8.90 -11.08
C GLU E 46 -12.63 7.59 -10.32
N ASP E 47 -11.57 7.34 -9.54
CA ASP E 47 -11.49 6.13 -8.75
C ASP E 47 -12.57 6.08 -7.67
N GLN E 48 -13.17 7.22 -7.34
CA GLN E 48 -14.21 7.29 -6.33
C GLN E 48 -15.61 7.10 -6.90
N VAL E 49 -15.77 7.10 -8.21
CA VAL E 49 -17.06 6.87 -8.85
C VAL E 49 -17.21 5.37 -9.02
N LEU E 50 -18.10 4.76 -8.23
CA LEU E 50 -18.22 3.32 -8.15
C LEU E 50 -19.39 2.81 -9.00
N TYR E 51 -19.24 1.58 -9.49
CA TYR E 51 -20.31 0.88 -10.17
C TYR E 51 -20.86 1.67 -11.35
N HIS E 52 -19.98 2.28 -12.13
CA HIS E 52 -20.38 3.16 -13.22
C HIS E 52 -20.17 2.42 -14.54
N TYR E 53 -21.24 1.82 -15.05
CA TYR E 53 -21.19 1.06 -16.28
C TYR E 53 -21.83 1.85 -17.41
N GLU E 54 -21.21 1.79 -18.59
CA GLU E 54 -21.69 2.56 -19.73
C GLU E 54 -23.03 2.08 -20.23
N VAL E 55 -23.39 0.81 -19.96
CA VAL E 55 -24.64 0.28 -20.47
C VAL E 55 -25.83 0.83 -19.70
N ILE E 56 -25.65 1.16 -18.42
CA ILE E 56 -26.75 1.72 -17.64
C ILE E 56 -26.94 3.20 -17.95
N GLY E 57 -25.88 3.89 -18.35
CA GLY E 57 -26.00 5.20 -18.96
C GLY E 57 -26.28 6.35 -18.02
N ASP E 58 -26.31 6.12 -16.71
CA ASP E 58 -26.51 7.22 -15.78
C ASP E 58 -25.26 8.10 -15.74
N LYS E 59 -25.45 9.35 -15.32
CA LYS E 59 -24.38 10.33 -15.26
C LYS E 59 -24.20 10.85 -13.85
N LEU E 60 -23.00 11.37 -13.58
CA LEU E 60 -22.66 12.07 -12.35
C LEU E 60 -22.28 13.50 -12.72
N ILE E 61 -23.03 14.46 -12.19
CA ILE E 61 -22.90 15.86 -12.57
C ILE E 61 -22.56 16.67 -11.33
N ILE E 62 -21.56 17.55 -11.47
CA ILE E 62 -21.15 18.44 -10.38
C ILE E 62 -20.85 19.81 -10.98
N GLY E 63 -21.30 20.86 -10.31
CA GLY E 63 -21.12 22.22 -10.78
C GLY E 63 -19.72 22.74 -10.47
N ARG E 64 -19.62 24.07 -10.44
CA ARG E 64 -18.35 24.74 -10.26
C ARG E 64 -18.10 25.05 -8.79
N PHE E 65 -16.82 25.23 -8.46
CA PHE E 65 -16.39 25.68 -7.13
C PHE E 65 -16.95 24.78 -6.03
N CYS E 66 -17.02 23.49 -6.31
CA CYS E 66 -17.33 22.50 -5.29
C CYS E 66 -16.04 21.96 -4.68
N SER E 67 -16.07 21.71 -3.38
CA SER E 67 -14.98 21.05 -2.68
C SER E 67 -15.45 19.67 -2.25
N ILE E 68 -14.70 18.64 -2.61
CA ILE E 68 -15.08 17.26 -2.37
C ILE E 68 -14.01 16.64 -1.48
N GLY E 69 -14.42 16.21 -0.29
CA GLY E 69 -13.50 15.80 0.74
C GLY E 69 -12.89 14.44 0.49
N PRO E 70 -11.74 14.18 1.11
CA PRO E 70 -11.05 12.92 0.88
C PRO E 70 -11.93 11.72 1.23
N GLY E 71 -11.86 10.69 0.40
CA GLY E 71 -12.59 9.47 0.63
C GLY E 71 -14.03 9.48 0.19
N THR E 72 -14.57 10.60 -0.29
CA THR E 72 -15.93 10.63 -0.78
C THR E 72 -16.09 9.66 -1.94
N THR E 73 -17.17 8.88 -1.92
CA THR E 73 -17.47 7.92 -2.98
C THR E 73 -18.86 8.19 -3.53
N PHE E 74 -19.05 7.82 -4.80
CA PHE E 74 -20.31 8.03 -5.52
C PHE E 74 -20.83 6.66 -5.98
N ILE E 75 -21.91 6.20 -5.35
CA ILE E 75 -22.52 4.91 -5.69
C ILE E 75 -23.43 5.14 -6.90
N MET E 76 -22.97 4.73 -8.07
CA MET E 76 -23.79 4.85 -9.27
C MET E 76 -24.81 3.72 -9.34
N ASN E 77 -25.73 3.84 -10.30
CA ASN E 77 -26.92 2.98 -10.30
C ASN E 77 -26.58 1.52 -10.52
N GLY E 78 -25.46 1.23 -11.18
CA GLY E 78 -25.11 -0.16 -11.46
C GLY E 78 -24.92 -1.00 -10.21
N ALA E 79 -24.84 -0.38 -9.04
CA ALA E 79 -24.61 -1.13 -7.82
C ALA E 79 -25.85 -1.86 -7.32
N ASN E 80 -27.04 -1.43 -7.76
CA ASN E 80 -28.27 -2.01 -7.23
C ASN E 80 -28.55 -3.35 -7.90
N HIS E 81 -28.76 -4.38 -7.07
CA HIS E 81 -29.18 -5.68 -7.57
C HIS E 81 -30.61 -5.59 -8.10
N ARG E 82 -31.02 -6.62 -8.83
CA ARG E 82 -32.42 -6.77 -9.18
C ARG E 82 -33.20 -7.23 -7.95
N MET E 83 -34.46 -6.78 -7.85
CA MET E 83 -35.20 -6.92 -6.60
C MET E 83 -36.59 -7.51 -6.78
N ASP E 84 -36.96 -7.96 -7.98
CA ASP E 84 -38.26 -8.59 -8.16
C ASP E 84 -38.34 -9.89 -7.37
N GLY E 85 -37.25 -10.65 -7.32
CA GLY E 85 -37.20 -11.87 -6.53
C GLY E 85 -35.88 -12.01 -5.81
N SER E 86 -35.03 -12.91 -6.28
CA SER E 86 -33.70 -13.08 -5.70
C SER E 86 -32.80 -11.94 -6.13
N THR E 87 -32.08 -11.36 -5.17
CA THR E 87 -31.10 -10.33 -5.48
C THR E 87 -29.83 -10.91 -6.10
N TYR E 88 -29.60 -12.20 -5.91
CA TYR E 88 -28.36 -12.83 -6.38
C TYR E 88 -28.22 -12.66 -7.89
N PRO E 89 -27.09 -12.12 -8.37
CA PRO E 89 -26.86 -11.99 -9.83
C PRO E 89 -26.33 -13.27 -10.46
N PHE E 90 -27.25 -14.21 -10.71
CA PHE E 90 -26.85 -15.49 -11.28
C PHE E 90 -26.08 -15.32 -12.59
N HIS E 91 -26.57 -14.45 -13.46
CA HIS E 91 -26.05 -14.35 -14.82
C HIS E 91 -24.56 -14.01 -14.87
N LEU E 92 -23.98 -13.53 -13.77
CA LEU E 92 -22.59 -13.10 -13.81
C LEU E 92 -21.63 -14.28 -13.93
N PHE E 93 -21.96 -15.40 -13.31
CA PHE E 93 -21.08 -16.55 -13.25
C PHE E 93 -21.20 -17.46 -14.47
N ARG E 94 -22.08 -17.14 -15.40
CA ARG E 94 -22.22 -17.87 -16.69
C ARG E 94 -22.30 -19.41 -16.50
N MET E 95 -21.78 -20.24 -17.43
CA MET E 95 -21.80 -21.73 -17.37
C MET E 95 -23.26 -22.20 -17.36
N GLY E 96 -24.13 -21.51 -18.12
CA GLY E 96 -25.57 -21.80 -18.23
C GLY E 96 -26.43 -20.70 -17.63
N TRP E 97 -25.90 -19.89 -16.70
CA TRP E 97 -26.68 -18.83 -16.06
C TRP E 97 -26.64 -17.53 -16.84
N GLU E 98 -25.71 -17.36 -17.78
CA GLU E 98 -25.56 -16.09 -18.47
C GLU E 98 -26.82 -15.68 -19.22
N LYS E 99 -27.73 -16.62 -19.46
CA LYS E 99 -28.94 -16.36 -20.24
C LYS E 99 -30.06 -15.72 -19.41
N TYR E 100 -29.86 -15.55 -18.11
CA TYR E 100 -30.83 -14.85 -17.26
C TYR E 100 -30.39 -13.40 -17.06
N MET E 101 -30.49 -12.63 -18.14
CA MET E 101 -30.00 -11.25 -18.11
C MET E 101 -31.14 -10.30 -17.77
N PRO E 102 -31.03 -9.51 -16.70
CA PRO E 102 -31.96 -8.41 -16.52
C PRO E 102 -31.74 -7.34 -17.58
N SER E 103 -32.79 -6.59 -17.87
CA SER E 103 -32.69 -5.40 -18.70
C SER E 103 -32.96 -4.17 -17.85
N LEU E 104 -32.78 -3.00 -18.45
CA LEU E 104 -32.97 -1.76 -17.71
C LEU E 104 -34.34 -1.71 -17.03
N LYS E 105 -35.38 -2.18 -17.74
CA LYS E 105 -36.72 -2.15 -17.17
C LYS E 105 -36.86 -3.05 -15.95
N ASP E 106 -35.94 -4.00 -15.75
CA ASP E 106 -36.02 -4.93 -14.64
C ASP E 106 -35.27 -4.46 -13.39
N LEU E 107 -34.61 -3.31 -13.46
CA LEU E 107 -33.73 -2.85 -12.40
C LEU E 107 -34.28 -1.58 -11.73
N PRO E 108 -33.99 -1.39 -10.43
CA PRO E 108 -34.47 -0.19 -9.71
C PRO E 108 -33.63 1.05 -10.01
N LEU E 109 -33.65 1.48 -11.28
CA LEU E 109 -32.84 2.61 -11.69
C LEU E 109 -33.43 3.90 -11.14
N LYS E 110 -32.55 4.82 -10.73
CA LYS E 110 -32.96 5.99 -9.96
C LYS E 110 -32.46 7.31 -10.54
N GLY E 111 -31.89 7.30 -11.74
CA GLY E 111 -31.49 8.55 -12.38
C GLY E 111 -30.08 8.98 -12.03
N ASP E 112 -29.81 10.24 -12.35
CA ASP E 112 -28.47 10.80 -12.24
C ASP E 112 -28.19 11.30 -10.82
N ILE E 113 -26.91 11.43 -10.51
CA ILE E 113 -26.45 12.15 -9.33
C ILE E 113 -26.18 13.58 -9.77
N GLU E 114 -26.96 14.53 -9.27
CA GLU E 114 -26.89 15.93 -9.68
C GLU E 114 -26.51 16.80 -8.48
N ILE E 115 -25.28 17.30 -8.48
CA ILE E 115 -24.79 18.18 -7.43
C ILE E 115 -24.57 19.57 -8.02
N GLY E 116 -25.13 20.59 -7.36
CA GLY E 116 -25.06 21.95 -7.84
C GLY E 116 -23.69 22.59 -7.65
N ASN E 117 -23.70 23.91 -7.52
CA ASN E 117 -22.49 24.70 -7.44
C ASN E 117 -22.19 25.11 -6.00
N ASP E 118 -20.92 25.44 -5.77
CA ASP E 118 -20.46 25.93 -4.48
C ASP E 118 -20.93 25.04 -3.34
N VAL E 119 -20.80 23.73 -3.53
CA VAL E 119 -21.17 22.74 -2.53
C VAL E 119 -19.92 22.27 -1.82
N TRP E 120 -19.97 22.27 -0.49
CA TRP E 120 -18.90 21.72 0.35
C TRP E 120 -19.34 20.32 0.77
N ILE E 121 -18.74 19.31 0.16
CA ILE E 121 -18.96 17.92 0.54
C ILE E 121 -17.83 17.50 1.46
N GLY E 122 -18.20 16.93 2.60
CA GLY E 122 -17.22 16.64 3.61
C GLY E 122 -16.34 15.46 3.30
N ARG E 123 -15.66 14.99 4.32
CA ARG E 123 -14.76 13.84 4.20
C ARG E 123 -15.55 12.55 4.33
N ASP E 124 -15.10 11.53 3.58
CA ASP E 124 -15.67 10.19 3.67
C ASP E 124 -17.19 10.21 3.47
N VAL E 125 -17.68 11.14 2.68
CA VAL E 125 -19.10 11.18 2.34
C VAL E 125 -19.40 10.12 1.30
N THR E 126 -20.48 9.37 1.49
CA THR E 126 -20.96 8.41 0.51
C THR E 126 -22.26 8.93 -0.07
N ILE E 127 -22.37 8.90 -1.40
CA ILE E 127 -23.49 9.51 -2.11
C ILE E 127 -24.23 8.41 -2.86
N MET E 128 -25.49 8.23 -2.54
CA MET E 128 -26.30 7.17 -3.10
C MET E 128 -26.87 7.58 -4.44
N PRO E 129 -27.38 6.63 -5.22
CA PRO E 129 -27.76 6.94 -6.61
C PRO E 129 -28.97 7.86 -6.70
N GLY E 130 -29.08 8.53 -7.84
CA GLY E 130 -30.25 9.34 -8.13
C GLY E 130 -30.42 10.54 -7.25
N VAL E 131 -29.45 10.84 -6.40
CA VAL E 131 -29.57 11.91 -5.42
C VAL E 131 -29.26 13.24 -6.08
N LYS E 132 -30.03 14.27 -5.68
CA LYS E 132 -29.78 15.64 -6.11
C LYS E 132 -29.37 16.47 -4.90
N ILE E 133 -28.24 17.18 -5.02
CA ILE E 133 -27.77 18.10 -3.99
C ILE E 133 -27.80 19.51 -4.57
N GLY E 134 -28.32 20.46 -3.79
CA GLY E 134 -28.52 21.81 -4.29
C GLY E 134 -27.31 22.70 -4.13
N ASP E 135 -27.42 23.91 -4.69
CA ASP E 135 -26.33 24.86 -4.63
C ASP E 135 -26.04 25.26 -3.19
N GLY E 136 -24.77 25.55 -2.91
CA GLY E 136 -24.37 26.13 -1.66
C GLY E 136 -24.62 25.28 -0.42
N ALA E 137 -24.93 24.00 -0.60
CA ALA E 137 -25.20 23.13 0.53
C ALA E 137 -23.91 22.55 1.10
N ILE E 138 -24.00 22.03 2.32
CA ILE E 138 -22.86 21.56 3.09
C ILE E 138 -23.20 20.17 3.61
N ILE E 139 -22.49 19.15 3.13
CA ILE E 139 -22.64 17.79 3.62
C ILE E 139 -21.58 17.55 4.68
N ALA E 140 -22.00 17.05 5.84
CA ALA E 140 -21.06 16.82 6.92
C ALA E 140 -20.22 15.58 6.64
N ALA E 141 -19.13 15.44 7.40
CA ALA E 141 -18.26 14.29 7.25
C ALA E 141 -18.98 13.00 7.64
N GLU E 142 -18.57 11.90 7.01
CA GLU E 142 -19.09 10.57 7.26
C GLU E 142 -20.55 10.43 6.85
N ALA E 143 -21.15 11.48 6.28
CA ALA E 143 -22.54 11.44 5.85
C ALA E 143 -22.73 10.38 4.77
N VAL E 144 -23.98 9.94 4.63
CA VAL E 144 -24.41 9.05 3.56
C VAL E 144 -25.64 9.73 2.96
N VAL E 145 -25.47 10.31 1.78
CA VAL E 145 -26.55 11.09 1.18
C VAL E 145 -27.59 10.12 0.64
N THR E 146 -28.73 10.02 1.33
CA THR E 146 -29.79 9.08 0.98
C THR E 146 -31.06 9.75 0.46
N LYS E 147 -31.25 11.04 0.71
CA LYS E 147 -32.31 11.81 0.09
C LYS E 147 -31.68 12.99 -0.64
N ASN E 148 -32.53 13.81 -1.27
CA ASN E 148 -32.05 15.04 -1.86
C ASN E 148 -31.61 16.02 -0.77
N VAL E 149 -30.78 16.98 -1.16
CA VAL E 149 -30.30 18.02 -0.27
C VAL E 149 -30.70 19.37 -0.87
N ALA E 150 -31.37 20.19 -0.07
CA ALA E 150 -31.86 21.47 -0.55
C ALA E 150 -30.72 22.46 -0.69
N PRO E 151 -30.88 23.47 -1.54
CA PRO E 151 -29.85 24.51 -1.65
C PRO E 151 -29.59 25.18 -0.32
N TYR E 152 -28.31 25.42 -0.03
CA TYR E 152 -27.89 26.21 1.12
C TYR E 152 -28.45 25.64 2.42
N SER E 153 -28.43 24.33 2.55
CA SER E 153 -28.82 23.64 3.78
C SER E 153 -27.66 22.78 4.26
N ILE E 154 -27.60 22.60 5.58
CA ILE E 154 -26.59 21.75 6.22
C ILE E 154 -27.23 20.42 6.55
N VAL E 155 -26.52 19.33 6.25
CA VAL E 155 -27.03 17.98 6.44
C VAL E 155 -25.89 17.06 6.86
N GLY E 156 -26.25 15.89 7.42
CA GLY E 156 -25.24 14.91 7.82
C GLY E 156 -25.91 13.74 8.53
N GLY E 157 -25.18 12.63 8.55
CA GLY E 157 -25.64 11.42 9.22
C GLY E 157 -25.91 10.28 8.24
N ASN E 158 -26.23 9.13 8.83
CA ASN E 158 -26.58 7.93 8.07
C ASN E 158 -27.75 7.23 8.77
N PRO E 159 -28.96 7.23 8.19
CA PRO E 159 -29.34 7.90 6.93
C PRO E 159 -29.23 9.41 7.06
N LEU E 160 -29.15 10.11 5.92
CA LEU E 160 -29.04 11.56 5.97
C LEU E 160 -30.21 12.14 6.74
N LYS E 161 -29.92 13.09 7.63
CA LYS E 161 -30.94 13.83 8.34
C LYS E 161 -30.63 15.32 8.26
N PHE E 162 -31.67 16.13 8.14
CA PHE E 162 -31.50 17.57 7.99
C PHE E 162 -31.05 18.20 9.29
N ILE E 163 -30.20 19.23 9.17
CA ILE E 163 -29.68 19.93 10.35
C ILE E 163 -30.24 21.36 10.41
N ARG E 164 -29.88 22.20 9.44
CA ARG E 164 -30.43 23.56 9.40
C ARG E 164 -30.14 24.18 8.04
N LYS E 165 -30.73 25.35 7.81
CA LYS E 165 -30.45 26.17 6.66
C LYS E 165 -29.33 27.16 6.99
N ARG E 166 -28.53 27.48 5.98
CA ARG E 166 -27.37 28.34 6.21
C ARG E 166 -27.76 29.80 6.40
N PHE E 167 -28.82 30.27 5.74
CA PHE E 167 -29.25 31.65 5.85
C PHE E 167 -30.77 31.71 5.85
N SER E 168 -31.30 32.89 6.16
CA SER E 168 -32.74 33.11 6.15
C SER E 168 -33.32 32.74 4.80
N ASP E 169 -34.61 32.37 4.79
CA ASP E 169 -35.26 31.97 3.55
C ASP E 169 -35.15 33.06 2.49
N GLY E 170 -35.14 34.32 2.90
CA GLY E 170 -34.99 35.40 1.92
C GLY E 170 -33.58 35.47 1.36
N VAL E 171 -32.57 35.39 2.24
CA VAL E 171 -31.19 35.53 1.79
C VAL E 171 -30.81 34.42 0.82
N ILE E 172 -31.39 33.22 0.98
CA ILE E 172 -31.09 32.14 0.04
C ILE E 172 -31.59 32.50 -1.35
N GLU E 173 -32.80 33.05 -1.43
CA GLU E 173 -33.31 33.53 -2.71
C GLU E 173 -32.31 34.49 -3.37
N GLU E 174 -31.64 35.31 -2.56
CA GLU E 174 -30.66 36.24 -3.11
C GLU E 174 -29.52 35.48 -3.78
N TRP E 175 -28.90 34.54 -3.07
CA TRP E 175 -27.80 33.78 -3.66
C TRP E 175 -28.24 33.04 -4.91
N LEU E 176 -29.46 32.50 -4.91
CA LEU E 176 -29.93 31.73 -6.06
C LEU E 176 -30.25 32.63 -7.24
N ALA E 177 -30.63 33.88 -6.99
CA ALA E 177 -30.80 34.84 -8.07
C ALA E 177 -29.46 35.35 -8.57
N LEU E 178 -28.50 35.51 -7.66
CA LEU E 178 -27.17 35.98 -8.05
C LEU E 178 -26.50 34.99 -8.99
N GLN E 179 -26.34 33.74 -8.54
CA GLN E 179 -25.69 32.71 -9.34
C GLN E 179 -24.28 33.11 -9.74
N TRP E 180 -23.48 33.51 -8.74
CA TRP E 180 -22.18 34.10 -9.04
C TRP E 180 -21.29 33.12 -9.81
N TRP E 181 -21.41 31.82 -9.50
CA TRP E 181 -20.60 30.82 -10.18
C TRP E 181 -20.76 30.85 -11.69
N ASN E 182 -21.84 31.44 -12.21
CA ASN E 182 -22.04 31.54 -13.64
C ASN E 182 -21.58 32.87 -14.22
N LEU E 183 -21.51 33.92 -13.40
CA LEU E 183 -21.10 35.23 -13.89
C LEU E 183 -19.73 35.16 -14.55
N ASP E 184 -19.49 36.10 -15.47
CA ASP E 184 -18.20 36.18 -16.13
C ASP E 184 -17.06 36.21 -15.11
N MET E 185 -15.98 35.51 -15.44
CA MET E 185 -14.87 35.40 -14.49
C MET E 185 -14.28 36.76 -14.15
N LYS E 186 -14.16 37.64 -15.14
CA LYS E 186 -13.71 39.00 -14.86
C LYS E 186 -14.61 39.67 -13.83
N ILE E 187 -15.88 39.28 -13.79
CA ILE E 187 -16.83 39.86 -12.84
C ILE E 187 -16.77 39.14 -11.50
N ILE E 188 -16.65 37.82 -11.50
CA ILE E 188 -16.49 37.09 -10.25
C ILE E 188 -15.32 37.66 -9.46
N ASN E 189 -14.20 37.93 -10.14
CA ASN E 189 -13.01 38.41 -9.47
C ASN E 189 -13.25 39.77 -8.83
N GLU E 190 -13.97 40.66 -9.53
CA GLU E 190 -14.26 41.97 -8.98
C GLU E 190 -15.08 41.89 -7.69
N ASN E 191 -15.78 40.77 -7.46
CA ASN E 191 -16.72 40.65 -6.37
C ASN E 191 -16.32 39.61 -5.33
N LEU E 192 -15.24 38.87 -5.55
CA LEU E 192 -14.87 37.81 -4.62
C LEU E 192 -14.92 38.22 -3.16
N PRO E 193 -14.46 39.42 -2.77
CA PRO E 193 -14.59 39.81 -1.35
C PRO E 193 -15.99 39.62 -0.80
N PHE E 194 -17.02 39.98 -1.57
CA PHE E 194 -18.39 39.88 -1.10
C PHE E 194 -18.93 38.46 -1.25
N ILE E 195 -18.56 37.76 -2.32
CA ILE E 195 -18.91 36.36 -2.44
C ILE E 195 -18.36 35.57 -1.26
N ILE E 196 -17.18 35.96 -0.77
CA ILE E 196 -16.51 35.22 0.29
C ILE E 196 -17.09 35.58 1.66
N ASN E 197 -17.19 36.87 1.97
CA ASN E 197 -17.62 37.29 3.29
C ASN E 197 -19.14 37.33 3.45
N GLY E 198 -19.90 37.06 2.38
CA GLY E 198 -21.33 36.91 2.48
C GLY E 198 -22.12 38.18 2.26
N ASP E 199 -21.51 39.35 2.36
CA ASP E 199 -22.23 40.60 2.14
C ASP E 199 -22.69 40.70 0.69
N ILE E 200 -23.67 39.87 0.32
CA ILE E 200 -24.12 39.78 -1.06
C ILE E 200 -24.77 41.08 -1.51
N GLU E 201 -25.44 41.79 -0.59
CA GLU E 201 -26.29 42.92 -0.95
C GLU E 201 -25.51 44.08 -1.55
N MET E 202 -24.17 44.08 -1.45
CA MET E 202 -23.38 45.21 -1.94
C MET E 202 -23.43 45.30 -3.45
N LEU E 203 -23.72 44.19 -4.12
CA LEU E 203 -23.81 44.13 -5.58
C LEU E 203 -25.06 44.86 -6.09
N HIS F 1 -24.72 -27.96 -14.33
CA HIS F 1 -25.06 -26.75 -15.09
C HIS F 1 -25.13 -25.57 -14.12
N GLY F 2 -24.32 -24.54 -14.39
CA GLY F 2 -24.06 -23.49 -13.44
C GLY F 2 -22.61 -23.54 -13.02
N PRO F 3 -22.13 -22.52 -12.32
CA PRO F 3 -20.71 -22.50 -11.95
C PRO F 3 -20.41 -23.50 -10.85
N ASP F 4 -19.12 -23.72 -10.63
CA ASP F 4 -18.66 -24.61 -9.57
C ASP F 4 -18.66 -23.85 -8.24
N PRO F 5 -19.47 -24.26 -7.26
CA PRO F 5 -19.45 -23.55 -5.97
C PRO F 5 -18.11 -23.60 -5.27
N GLU F 6 -17.22 -24.51 -5.68
CA GLU F 6 -15.94 -24.71 -5.03
C GLU F 6 -14.80 -23.97 -5.72
N ASN F 7 -15.09 -23.19 -6.76
CA ASN F 7 -14.07 -22.48 -7.52
C ASN F 7 -13.92 -21.07 -6.97
N ILE F 8 -12.69 -20.70 -6.60
CA ILE F 8 -12.47 -19.46 -5.85
C ILE F 8 -12.85 -18.25 -6.70
N LEU F 9 -12.37 -18.21 -7.94
CA LEU F 9 -12.58 -17.05 -8.81
C LEU F 9 -13.52 -17.41 -9.94
N PRO F 10 -14.84 -17.40 -9.72
CA PRO F 10 -15.77 -17.93 -10.72
C PRO F 10 -15.99 -17.05 -11.94
N ILE F 11 -15.53 -15.81 -11.93
CA ILE F 11 -15.71 -14.90 -13.06
C ILE F 11 -14.38 -14.76 -13.78
N LYS F 12 -14.36 -15.09 -15.07
CA LYS F 12 -13.16 -14.98 -15.89
C LYS F 12 -12.62 -13.55 -15.83
N GLY F 13 -11.31 -13.44 -15.66
CA GLY F 13 -10.64 -12.14 -15.65
C GLY F 13 -10.78 -11.38 -14.35
N ASN F 14 -11.87 -11.61 -13.63
CA ASN F 14 -12.12 -10.90 -12.37
C ASN F 14 -11.33 -11.56 -11.25
N ARG F 15 -10.53 -10.76 -10.54
CA ARG F 15 -9.69 -11.25 -9.47
C ARG F 15 -10.11 -10.73 -8.09
N ASN F 16 -11.24 -10.03 -8.00
CA ASN F 16 -11.73 -9.51 -6.73
C ASN F 16 -12.90 -10.30 -6.17
N LEU F 17 -13.81 -10.76 -7.02
CA LEU F 17 -14.99 -11.49 -6.57
C LEU F 17 -14.64 -12.95 -6.37
N GLN F 18 -14.97 -13.49 -5.20
CA GLN F 18 -14.54 -14.83 -4.81
C GLN F 18 -15.67 -15.57 -4.13
N PHE F 19 -15.85 -16.84 -4.48
CA PHE F 19 -16.73 -17.71 -3.72
C PHE F 19 -16.10 -17.99 -2.35
N ILE F 20 -16.84 -17.71 -1.28
CA ILE F 20 -16.24 -17.68 0.05
C ILE F 20 -15.89 -19.10 0.51
N LYS F 21 -16.83 -20.04 0.36
CA LYS F 21 -16.66 -21.38 0.92
C LYS F 21 -15.29 -21.96 0.63
N PRO F 22 -14.82 -22.01 -0.62
CA PRO F 22 -13.52 -22.65 -0.90
C PRO F 22 -12.31 -21.87 -0.41
N THR F 23 -12.49 -20.65 0.09
CA THR F 23 -11.41 -19.74 0.57
C THR F 23 -11.37 -19.67 2.10
N ILE F 24 -11.94 -20.64 2.82
CA ILE F 24 -11.94 -20.69 4.31
C ILE F 24 -11.00 -21.82 4.75
N THR F 25 -9.92 -21.52 5.50
CA THR F 25 -8.92 -22.53 5.98
C THR F 25 -9.02 -22.73 7.50
N ASN F 26 -10.02 -22.16 8.17
CA ASN F 26 -10.20 -22.25 9.64
C ASN F 26 -11.61 -22.73 9.97
N GLU F 27 -11.78 -23.35 11.15
CA GLU F 27 -13.07 -23.87 11.68
C GLU F 27 -13.87 -22.73 12.30
N ASN F 28 -15.18 -22.94 12.48
CA ASN F 28 -16.19 -22.00 13.06
C ASN F 28 -16.41 -20.82 12.12
N ILE F 29 -16.21 -21.04 10.81
CA ILE F 29 -16.40 -20.03 9.72
C ILE F 29 -17.21 -20.73 8.63
N LEU F 30 -18.51 -20.96 8.89
CA LEU F 30 -19.42 -21.72 8.01
C LEU F 30 -20.18 -20.79 7.03
N VAL F 31 -19.71 -20.66 5.78
CA VAL F 31 -20.38 -19.92 4.73
C VAL F 31 -20.89 -20.91 3.70
N GLY F 32 -22.17 -20.79 3.35
CA GLY F 32 -22.78 -21.71 2.40
C GLY F 32 -22.29 -21.51 0.98
N GLU F 33 -22.58 -22.50 0.15
CA GLU F 33 -22.09 -22.50 -1.22
C GLU F 33 -22.70 -21.36 -2.02
N TYR F 34 -21.95 -20.91 -3.04
CA TYR F 34 -22.37 -19.88 -3.99
C TYR F 34 -22.39 -18.47 -3.40
N SER F 35 -22.27 -18.34 -2.08
CA SER F 35 -22.09 -17.03 -1.47
C SER F 35 -20.71 -16.48 -1.85
N TYR F 36 -20.66 -15.18 -2.14
CA TYR F 36 -19.44 -14.58 -2.67
C TYR F 36 -19.13 -13.26 -1.98
N TYR F 37 -17.87 -12.86 -2.07
CA TYR F 37 -17.37 -11.60 -1.55
C TYR F 37 -16.69 -10.85 -2.68
N ASP F 38 -17.13 -9.62 -2.91
CA ASP F 38 -16.60 -8.76 -3.97
C ASP F 38 -15.62 -7.80 -3.31
N SER F 39 -14.32 -8.09 -3.43
CA SER F 39 -13.31 -7.42 -2.63
C SER F 39 -12.86 -6.11 -3.27
N LYS F 40 -12.46 -5.17 -2.40
CA LYS F 40 -11.95 -3.88 -2.87
C LYS F 40 -10.63 -4.05 -3.62
N ARG F 41 -9.56 -4.45 -2.92
CA ARG F 41 -8.19 -4.49 -3.53
C ARG F 41 -7.68 -5.92 -3.72
N GLY F 42 -8.51 -6.93 -3.51
CA GLY F 42 -8.10 -8.34 -3.68
C GLY F 42 -7.94 -9.06 -2.36
N GLU F 43 -8.31 -8.45 -1.23
CA GLU F 43 -8.22 -9.09 0.07
C GLU F 43 -9.21 -10.25 0.18
N SER F 44 -8.88 -11.20 1.05
CA SER F 44 -9.73 -12.37 1.24
C SER F 44 -10.88 -12.06 2.20
N PHE F 45 -11.90 -12.92 2.16
CA PHE F 45 -13.06 -12.73 3.02
C PHE F 45 -12.69 -12.88 4.50
N GLU F 46 -11.80 -13.82 4.81
CA GLU F 46 -11.40 -14.01 6.20
C GLU F 46 -10.73 -12.78 6.77
N ASP F 47 -10.02 -12.02 5.92
CA ASP F 47 -9.41 -10.77 6.39
C ASP F 47 -10.45 -9.85 6.98
N GLN F 48 -11.70 -9.97 6.56
CA GLN F 48 -12.78 -9.10 6.99
C GLN F 48 -13.49 -9.60 8.25
N VAL F 49 -13.01 -10.69 8.85
CA VAL F 49 -13.56 -11.22 10.09
C VAL F 49 -12.60 -10.86 11.20
N LEU F 50 -12.98 -9.88 12.00
CA LEU F 50 -12.09 -9.22 12.96
C LEU F 50 -12.40 -9.70 14.37
N TYR F 51 -11.37 -9.67 15.22
CA TYR F 51 -11.52 -10.02 16.63
C TYR F 51 -12.05 -11.45 16.80
N HIS F 52 -11.80 -12.31 15.80
CA HIS F 52 -12.25 -13.70 15.85
C HIS F 52 -11.15 -14.52 16.51
N TYR F 53 -11.30 -14.77 17.80
CA TYR F 53 -10.35 -15.58 18.56
C TYR F 53 -10.93 -16.96 18.80
N GLU F 54 -10.13 -17.99 18.52
CA GLU F 54 -10.57 -19.36 18.74
C GLU F 54 -10.82 -19.62 20.22
N VAL F 55 -10.18 -18.86 21.11
CA VAL F 55 -10.37 -19.07 22.54
C VAL F 55 -11.78 -18.68 22.97
N ILE F 56 -12.42 -17.77 22.23
CA ILE F 56 -13.77 -17.34 22.59
C ILE F 56 -14.83 -18.22 21.95
N GLY F 57 -14.55 -18.80 20.79
CA GLY F 57 -15.36 -19.87 20.25
C GLY F 57 -16.61 -19.44 19.49
N ASP F 58 -16.90 -18.16 19.40
CA ASP F 58 -18.05 -17.75 18.60
C ASP F 58 -17.78 -18.06 17.12
N LYS F 59 -18.87 -18.18 16.37
CA LYS F 59 -18.79 -18.56 14.97
C LYS F 59 -19.47 -17.49 14.11
N LEU F 60 -19.07 -17.46 12.84
CA LEU F 60 -19.70 -16.64 11.82
C LEU F 60 -20.35 -17.57 10.81
N ILE F 61 -21.68 -17.54 10.73
CA ILE F 61 -22.44 -18.47 9.92
C ILE F 61 -23.20 -17.68 8.87
N ILE F 62 -22.93 -17.96 7.60
CA ILE F 62 -23.59 -17.31 6.48
C ILE F 62 -24.20 -18.39 5.60
N GLY F 63 -25.40 -18.11 5.07
CA GLY F 63 -26.13 -19.07 4.27
C GLY F 63 -25.62 -19.17 2.85
N ARG F 64 -26.54 -19.47 1.93
CA ARG F 64 -26.22 -19.65 0.52
C ARG F 64 -26.68 -18.47 -0.30
N PHE F 65 -26.09 -18.35 -1.49
CA PHE F 65 -26.47 -17.34 -2.47
C PHE F 65 -26.53 -15.94 -1.86
N CYS F 66 -25.55 -15.64 -1.01
CA CYS F 66 -25.43 -14.32 -0.40
C CYS F 66 -24.40 -13.49 -1.14
N SER F 67 -24.66 -12.19 -1.24
CA SER F 67 -23.76 -11.24 -1.88
C SER F 67 -23.25 -10.27 -0.80
N ILE F 68 -22.02 -10.48 -0.36
CA ILE F 68 -21.41 -9.66 0.68
C ILE F 68 -20.51 -8.64 0.00
N GLY F 69 -20.83 -7.36 0.18
CA GLY F 69 -20.26 -6.30 -0.61
C GLY F 69 -18.88 -5.87 -0.17
N PRO F 70 -18.16 -5.15 -1.03
CA PRO F 70 -16.78 -4.80 -0.74
C PRO F 70 -16.64 -4.01 0.55
N GLY F 71 -15.66 -4.39 1.36
CA GLY F 71 -15.35 -3.67 2.57
C GLY F 71 -16.14 -4.07 3.79
N THR F 72 -17.14 -4.93 3.65
CA THR F 72 -17.90 -5.38 4.80
C THR F 72 -16.98 -6.02 5.83
N THR F 73 -17.27 -5.76 7.11
CA THR F 73 -16.50 -6.33 8.21
C THR F 73 -17.44 -6.93 9.24
N PHE F 74 -16.97 -7.99 9.89
CA PHE F 74 -17.76 -8.74 10.89
C PHE F 74 -17.04 -8.64 12.22
N ILE F 75 -17.53 -7.76 13.10
CA ILE F 75 -16.94 -7.61 14.43
C ILE F 75 -17.35 -8.81 15.27
N MET F 76 -16.42 -9.73 15.52
CA MET F 76 -16.72 -10.86 16.37
C MET F 76 -16.64 -10.44 17.84
N ASN F 77 -16.87 -11.40 18.75
CA ASN F 77 -17.12 -11.07 20.15
C ASN F 77 -15.86 -10.67 20.91
N GLY F 78 -14.68 -11.15 20.48
CA GLY F 78 -13.45 -10.78 21.16
C GLY F 78 -13.25 -9.29 21.25
N ALA F 79 -13.98 -8.52 20.43
CA ALA F 79 -13.80 -7.08 20.37
C ALA F 79 -14.25 -6.37 21.63
N ASN F 80 -15.08 -6.99 22.46
CA ASN F 80 -15.71 -6.31 23.57
C ASN F 80 -14.84 -6.40 24.82
N HIS F 81 -14.50 -5.24 25.38
CA HIS F 81 -13.79 -5.20 26.64
C HIS F 81 -14.70 -5.67 27.77
N ARG F 82 -14.10 -5.94 28.93
CA ARG F 82 -14.88 -6.22 30.12
C ARG F 82 -15.44 -4.91 30.67
N MET F 83 -16.67 -4.97 31.16
CA MET F 83 -17.41 -3.76 31.51
C MET F 83 -17.86 -3.71 32.96
N ASP F 84 -17.36 -4.59 33.82
CA ASP F 84 -17.66 -4.50 35.24
C ASP F 84 -17.14 -3.20 35.82
N GLY F 85 -15.85 -2.93 35.61
CA GLY F 85 -15.24 -1.68 36.02
C GLY F 85 -14.48 -1.07 34.86
N SER F 86 -13.19 -0.80 35.07
CA SER F 86 -12.38 -0.22 34.00
C SER F 86 -12.37 -1.14 32.79
N THR F 87 -12.62 -0.56 31.62
CA THR F 87 -12.60 -1.30 30.36
C THR F 87 -11.19 -1.45 29.79
N TYR F 88 -10.16 -1.18 30.60
CA TYR F 88 -8.79 -1.15 30.11
C TYR F 88 -8.19 -2.55 30.22
N PRO F 89 -7.70 -3.14 29.12
CA PRO F 89 -7.24 -4.54 29.14
C PRO F 89 -5.84 -4.68 29.72
N PHE F 90 -5.73 -4.45 31.03
CA PHE F 90 -4.43 -4.42 31.69
C PHE F 90 -3.59 -5.65 31.36
N HIS F 91 -4.20 -6.84 31.38
CA HIS F 91 -3.42 -8.06 31.32
C HIS F 91 -2.62 -8.18 30.03
N LEU F 92 -3.07 -7.54 28.94
CA LEU F 92 -2.40 -7.69 27.66
C LEU F 92 -0.95 -7.23 27.72
N PHE F 93 -0.64 -6.29 28.61
CA PHE F 93 0.69 -5.69 28.68
C PHE F 93 1.62 -6.42 29.62
N ARG F 94 1.13 -7.45 30.30
CA ARG F 94 1.98 -8.36 31.08
C ARG F 94 2.77 -7.54 32.09
N MET F 95 3.91 -8.03 32.59
CA MET F 95 4.84 -7.40 33.55
C MET F 95 4.11 -7.25 34.88
N GLY F 96 3.41 -8.29 35.30
CA GLY F 96 2.65 -8.37 36.56
C GLY F 96 1.18 -8.18 36.38
N TRP F 97 0.75 -7.65 35.25
CA TRP F 97 -0.65 -7.34 34.92
C TRP F 97 -1.33 -8.55 34.31
N GLU F 98 -0.60 -9.59 33.93
CA GLU F 98 -1.18 -10.78 33.25
C GLU F 98 -1.95 -11.65 34.21
N LYS F 99 -1.74 -11.53 35.51
CA LYS F 99 -2.44 -12.30 36.54
C LYS F 99 -3.90 -11.81 36.60
N TYR F 100 -4.24 -10.58 36.18
CA TYR F 100 -5.60 -10.01 36.11
C TYR F 100 -6.30 -10.38 34.79
N MET F 101 -6.52 -11.66 34.54
CA MET F 101 -7.10 -12.22 33.33
C MET F 101 -8.60 -12.40 33.50
N PRO F 102 -9.42 -11.93 32.56
CA PRO F 102 -10.85 -12.19 32.63
C PRO F 102 -11.18 -13.58 32.13
N SER F 103 -12.32 -14.08 32.57
CA SER F 103 -12.85 -15.35 32.08
C SER F 103 -13.96 -15.08 31.08
N LEU F 104 -14.55 -16.15 30.56
CA LEU F 104 -15.66 -15.99 29.62
C LEU F 104 -16.89 -15.44 30.32
N LYS F 105 -17.13 -15.86 31.56
CA LYS F 105 -18.26 -15.35 32.33
C LYS F 105 -18.09 -13.89 32.72
N ASP F 106 -16.89 -13.33 32.54
CA ASP F 106 -16.63 -11.92 32.86
C ASP F 106 -16.87 -10.98 31.69
N LEU F 107 -17.02 -11.52 30.43
CA LEU F 107 -17.08 -10.68 29.24
C LEU F 107 -18.52 -10.59 28.71
N PRO F 108 -18.89 -9.47 28.07
CA PRO F 108 -20.25 -9.29 27.55
C PRO F 108 -20.48 -10.05 26.24
N LEU F 109 -20.36 -11.38 26.31
CA LEU F 109 -20.44 -12.22 25.12
C LEU F 109 -21.88 -12.34 24.63
N LYS F 110 -22.05 -12.33 23.31
CA LYS F 110 -23.37 -12.18 22.72
C LYS F 110 -23.73 -13.24 21.68
N GLY F 111 -22.91 -14.29 21.54
CA GLY F 111 -23.27 -15.37 20.65
C GLY F 111 -22.79 -15.18 19.23
N ASP F 112 -23.22 -16.10 18.37
CA ASP F 112 -22.74 -16.16 17.00
C ASP F 112 -23.38 -15.07 16.14
N ILE F 113 -22.73 -14.80 15.02
CA ILE F 113 -23.33 -14.02 13.93
C ILE F 113 -23.94 -15.02 12.96
N GLU F 114 -25.26 -14.94 12.76
CA GLU F 114 -26.00 -15.87 11.92
C GLU F 114 -26.64 -15.09 10.79
N ILE F 115 -26.20 -15.34 9.56
CA ILE F 115 -26.73 -14.69 8.37
C ILE F 115 -27.43 -15.74 7.52
N GLY F 116 -28.58 -15.39 6.97
CA GLY F 116 -29.43 -16.31 6.24
C GLY F 116 -28.97 -16.54 4.81
N ASN F 117 -29.93 -16.91 3.97
CA ASN F 117 -29.68 -17.22 2.57
C ASN F 117 -30.24 -16.11 1.68
N ASP F 118 -29.62 -15.95 0.51
CA ASP F 118 -30.06 -14.96 -0.47
C ASP F 118 -30.10 -13.56 0.13
N VAL F 119 -29.11 -13.24 0.96
CA VAL F 119 -29.02 -11.96 1.64
C VAL F 119 -28.10 -11.04 0.85
N TRP F 120 -28.56 -9.81 0.61
CA TRP F 120 -27.80 -8.80 -0.10
C TRP F 120 -27.23 -7.85 0.94
N ILE F 121 -25.98 -8.08 1.33
CA ILE F 121 -25.28 -7.16 2.22
C ILE F 121 -24.54 -6.15 1.36
N GLY F 122 -24.83 -4.87 1.56
CA GLY F 122 -24.27 -3.84 0.72
C GLY F 122 -22.80 -3.62 0.96
N ARG F 123 -22.31 -2.54 0.37
CA ARG F 123 -20.90 -2.17 0.45
C ARG F 123 -20.60 -1.49 1.77
N ASP F 124 -19.41 -1.78 2.31
CA ASP F 124 -18.89 -1.11 3.49
C ASP F 124 -19.87 -1.21 4.67
N VAL F 125 -20.35 -2.42 4.92
CA VAL F 125 -21.26 -2.69 6.02
C VAL F 125 -20.46 -3.24 7.20
N THR F 126 -20.73 -2.72 8.40
CA THR F 126 -20.19 -3.28 9.63
C THR F 126 -21.27 -4.11 10.30
N ILE F 127 -20.92 -5.35 10.64
CA ILE F 127 -21.85 -6.27 11.30
C ILE F 127 -21.34 -6.48 12.72
N MET F 128 -22.15 -6.13 13.69
CA MET F 128 -21.78 -6.21 15.10
C MET F 128 -21.92 -7.65 15.60
N PRO F 129 -21.43 -7.93 16.81
CA PRO F 129 -21.47 -9.31 17.31
C PRO F 129 -22.85 -9.76 17.71
N GLY F 130 -23.08 -11.07 17.59
CA GLY F 130 -24.28 -11.70 18.09
C GLY F 130 -25.54 -11.43 17.30
N VAL F 131 -25.42 -10.85 16.11
CA VAL F 131 -26.57 -10.44 15.32
C VAL F 131 -27.06 -11.59 14.45
N LYS F 132 -28.37 -11.63 14.22
CA LYS F 132 -29.00 -12.54 13.28
C LYS F 132 -29.63 -11.71 12.16
N ILE F 133 -29.47 -12.18 10.92
CA ILE F 133 -30.00 -11.50 9.74
C ILE F 133 -30.77 -12.52 8.91
N GLY F 134 -32.08 -12.30 8.76
CA GLY F 134 -32.95 -13.30 8.16
C GLY F 134 -32.78 -13.44 6.66
N ASP F 135 -33.44 -14.47 6.13
CA ASP F 135 -33.35 -14.79 4.71
C ASP F 135 -33.85 -13.64 3.85
N GLY F 136 -33.23 -13.49 2.68
CA GLY F 136 -33.69 -12.55 1.68
C GLY F 136 -33.56 -11.09 2.03
N ALA F 137 -33.04 -10.76 3.19
CA ALA F 137 -32.94 -9.37 3.62
C ALA F 137 -31.98 -8.60 2.73
N ILE F 138 -32.06 -7.27 2.84
CA ILE F 138 -31.20 -6.36 2.09
C ILE F 138 -30.66 -5.33 3.07
N ILE F 139 -29.35 -5.32 3.27
CA ILE F 139 -28.68 -4.38 4.15
C ILE F 139 -28.12 -3.26 3.29
N ALA F 140 -28.55 -2.04 3.54
CA ALA F 140 -28.09 -0.91 2.74
C ALA F 140 -26.60 -0.67 2.94
N ALA F 141 -25.95 -0.13 1.91
CA ALA F 141 -24.55 0.20 1.99
C ALA F 141 -24.29 1.12 3.18
N GLU F 142 -23.09 1.00 3.76
CA GLU F 142 -22.61 1.82 4.86
C GLU F 142 -23.36 1.58 6.16
N ALA F 143 -24.23 0.57 6.20
CA ALA F 143 -24.99 0.29 7.42
C ALA F 143 -24.10 -0.28 8.50
N VAL F 144 -24.56 -0.14 9.74
CA VAL F 144 -23.94 -0.76 10.92
C VAL F 144 -25.02 -1.64 11.54
N VAL F 145 -24.99 -2.94 11.23
CA VAL F 145 -26.02 -3.86 11.71
C VAL F 145 -25.85 -4.03 13.20
N THR F 146 -26.72 -3.40 13.98
CA THR F 146 -26.66 -3.45 15.44
C THR F 146 -27.75 -4.29 16.08
N LYS F 147 -28.87 -4.50 15.40
CA LYS F 147 -29.94 -5.36 15.88
C LYS F 147 -30.27 -6.38 14.81
N ASN F 148 -31.06 -7.39 15.19
CA ASN F 148 -31.44 -8.43 14.24
C ASN F 148 -32.17 -7.83 13.06
N VAL F 149 -32.07 -8.51 11.92
CA VAL F 149 -32.73 -8.10 10.68
C VAL F 149 -33.70 -9.20 10.28
N ALA F 150 -34.97 -8.83 10.14
CA ALA F 150 -36.00 -9.81 9.85
C ALA F 150 -35.88 -10.30 8.42
N PRO F 151 -36.38 -11.51 8.12
CA PRO F 151 -36.30 -12.03 6.76
C PRO F 151 -36.99 -11.10 5.76
N TYR F 152 -36.37 -10.93 4.60
CA TYR F 152 -36.96 -10.16 3.50
C TYR F 152 -37.37 -8.77 3.95
N SER F 153 -36.49 -8.11 4.71
CA SER F 153 -36.67 -6.72 5.07
C SER F 153 -35.46 -5.92 4.63
N ILE F 154 -35.71 -4.66 4.24
CA ILE F 154 -34.66 -3.73 3.86
C ILE F 154 -34.34 -2.86 5.06
N VAL F 155 -33.03 -2.73 5.38
CA VAL F 155 -32.58 -1.95 6.52
C VAL F 155 -31.31 -1.21 6.14
N GLY F 156 -30.96 -0.23 6.97
CA GLY F 156 -29.75 0.53 6.76
C GLY F 156 -29.63 1.66 7.75
N GLY F 157 -28.41 2.11 7.97
CA GLY F 157 -28.12 3.23 8.83
C GLY F 157 -27.15 2.87 9.93
N ASN F 158 -26.86 3.89 10.75
CA ASN F 158 -26.00 3.76 11.91
C ASN F 158 -26.53 4.62 13.06
N PRO F 159 -27.13 4.03 14.10
CA PRO F 159 -27.40 2.60 14.26
C PRO F 159 -28.33 2.08 13.17
N LEU F 160 -28.56 0.78 13.13
CA LEU F 160 -29.45 0.22 12.13
C LEU F 160 -30.89 0.68 12.37
N LYS F 161 -31.60 0.97 11.29
CA LYS F 161 -32.98 1.42 11.35
C LYS F 161 -33.77 0.73 10.24
N PHE F 162 -34.99 0.33 10.57
CA PHE F 162 -35.82 -0.43 9.64
C PHE F 162 -36.40 0.47 8.56
N ILE F 163 -36.37 0.00 7.32
CA ILE F 163 -36.87 0.77 6.19
C ILE F 163 -38.23 0.24 5.77
N ARG F 164 -38.26 -0.98 5.23
CA ARG F 164 -39.53 -1.56 4.76
C ARG F 164 -39.35 -3.05 4.55
N LYS F 165 -40.48 -3.76 4.52
CA LYS F 165 -40.52 -5.17 4.15
C LYS F 165 -40.63 -5.27 2.63
N ARG F 166 -39.85 -6.19 2.04
CA ARG F 166 -39.80 -6.27 0.58
C ARG F 166 -41.17 -6.58 -0.01
N PHE F 167 -41.83 -7.61 0.50
CA PHE F 167 -43.15 -8.04 0.03
C PHE F 167 -44.13 -8.05 1.19
N SER F 168 -45.39 -8.31 0.88
CA SER F 168 -46.40 -8.43 1.92
C SER F 168 -46.05 -9.57 2.86
N ASP F 169 -46.68 -9.57 4.04
CA ASP F 169 -46.45 -10.65 4.99
C ASP F 169 -46.75 -12.00 4.37
N GLY F 170 -47.92 -12.12 3.74
CA GLY F 170 -48.29 -13.39 3.12
C GLY F 170 -47.29 -13.88 2.10
N VAL F 171 -46.64 -12.96 1.38
CA VAL F 171 -45.67 -13.37 0.37
C VAL F 171 -44.38 -13.84 1.02
N ILE F 172 -43.93 -13.16 2.08
CA ILE F 172 -42.71 -13.57 2.77
C ILE F 172 -42.91 -14.95 3.41
N GLU F 173 -44.09 -15.18 3.98
CA GLU F 173 -44.39 -16.51 4.52
C GLU F 173 -44.13 -17.59 3.47
N GLU F 174 -44.44 -17.29 2.20
CA GLU F 174 -44.31 -18.29 1.15
C GLU F 174 -42.86 -18.57 0.81
N TRP F 175 -42.06 -17.51 0.63
CA TRP F 175 -40.66 -17.71 0.27
C TRP F 175 -39.93 -18.52 1.33
N LEU F 176 -40.25 -18.29 2.60
CA LEU F 176 -39.61 -19.04 3.68
C LEU F 176 -40.12 -20.47 3.72
N ALA F 177 -41.42 -20.68 3.51
CA ALA F 177 -41.92 -22.03 3.33
C ALA F 177 -41.24 -22.71 2.14
N LEU F 178 -41.11 -21.98 1.03
CA LEU F 178 -40.52 -22.57 -0.18
C LEU F 178 -39.10 -23.06 0.09
N GLN F 179 -38.21 -22.15 0.52
CA GLN F 179 -36.82 -22.50 0.80
C GLN F 179 -36.10 -22.94 -0.46
N TRP F 180 -36.17 -22.11 -1.50
CA TRP F 180 -35.66 -22.53 -2.81
C TRP F 180 -34.15 -22.78 -2.77
N TRP F 181 -33.43 -22.13 -1.84
CA TRP F 181 -31.99 -22.30 -1.78
C TRP F 181 -31.58 -23.70 -1.30
N ASN F 182 -32.48 -24.44 -0.65
CA ASN F 182 -32.15 -25.77 -0.18
C ASN F 182 -32.51 -26.87 -1.17
N LEU F 183 -33.37 -26.56 -2.14
CA LEU F 183 -33.76 -27.56 -3.13
C LEU F 183 -32.53 -28.12 -3.84
N ASP F 184 -32.69 -29.33 -4.37
CA ASP F 184 -31.64 -29.91 -5.20
C ASP F 184 -31.26 -28.95 -6.32
N MET F 185 -29.99 -28.96 -6.70
CA MET F 185 -29.54 -28.01 -7.71
C MET F 185 -30.20 -28.26 -9.06
N LYS F 186 -30.53 -29.51 -9.37
CA LYS F 186 -31.26 -29.79 -10.61
C LYS F 186 -32.59 -29.06 -10.64
N ILE F 187 -33.18 -28.81 -9.47
CA ILE F 187 -34.47 -28.13 -9.42
C ILE F 187 -34.29 -26.61 -9.42
N ILE F 188 -33.20 -26.10 -8.86
CA ILE F 188 -33.00 -24.65 -8.83
C ILE F 188 -32.82 -24.12 -10.25
N ASN F 189 -32.11 -24.86 -11.10
CA ASN F 189 -31.96 -24.43 -12.49
C ASN F 189 -33.30 -24.46 -13.23
N GLU F 190 -34.18 -25.41 -12.90
CA GLU F 190 -35.46 -25.52 -13.59
C GLU F 190 -36.40 -24.37 -13.25
N ASN F 191 -36.23 -23.75 -12.09
CA ASN F 191 -37.09 -22.66 -11.65
C ASN F 191 -36.36 -21.32 -11.56
N LEU F 192 -35.11 -21.26 -12.01
CA LEU F 192 -34.35 -20.02 -11.90
C LEU F 192 -35.06 -18.83 -12.52
N PRO F 193 -35.74 -18.94 -13.66
CA PRO F 193 -36.51 -17.79 -14.17
C PRO F 193 -37.48 -17.21 -13.14
N PHE F 194 -38.17 -18.08 -12.40
CA PHE F 194 -39.18 -17.63 -11.45
C PHE F 194 -38.57 -17.24 -10.12
N ILE F 195 -37.48 -17.89 -9.72
CA ILE F 195 -36.73 -17.43 -8.56
C ILE F 195 -36.21 -16.02 -8.78
N ILE F 196 -35.90 -15.68 -10.04
CA ILE F 196 -35.27 -14.39 -10.33
C ILE F 196 -36.32 -13.29 -10.42
N ASN F 197 -37.49 -13.57 -11.00
CA ASN F 197 -38.50 -12.55 -11.23
C ASN F 197 -39.62 -12.57 -10.19
N GLY F 198 -39.51 -13.49 -9.22
CA GLY F 198 -40.47 -13.68 -8.12
C GLY F 198 -41.86 -14.03 -8.59
N ASP F 199 -41.97 -15.04 -9.46
CA ASP F 199 -43.26 -15.60 -9.94
C ASP F 199 -43.64 -16.69 -8.94
N ILE F 200 -44.05 -16.27 -7.74
CA ILE F 200 -44.38 -17.16 -6.58
C ILE F 200 -45.59 -18.04 -6.92
N GLU F 201 -46.57 -17.51 -7.68
CA GLU F 201 -47.78 -18.27 -8.09
C GLU F 201 -47.32 -19.44 -8.96
N MET F 202 -46.38 -19.19 -9.87
CA MET F 202 -45.78 -20.21 -10.78
C MET F 202 -44.93 -21.21 -9.98
N LEU F 203 -44.17 -20.73 -9.00
CA LEU F 203 -43.27 -21.57 -8.15
C LEU F 203 -44.12 -22.56 -7.33
N LYS F 204 -45.20 -22.09 -6.72
CA LYS F 204 -46.14 -22.94 -5.93
C LYS F 204 -46.74 -23.97 -6.88
N ARG F 205 -47.16 -23.52 -8.06
CA ARG F 205 -47.75 -24.37 -9.13
C ARG F 205 -46.78 -25.50 -9.47
N LYS F 206 -45.50 -25.18 -9.75
CA LYS F 206 -44.52 -26.19 -10.12
C LYS F 206 -44.16 -27.06 -8.92
C28 SXA G . -21.88 -4.37 24.47
C29 SXA G . -21.76 -2.87 24.12
C30 SXA G . -20.30 -2.44 24.39
C31 SXA G . -22.64 -2.08 25.12
C32 SXA G . -22.20 -2.66 22.60
O33 SXA G . -23.56 -2.20 22.51
C34 SXA G . -21.29 -1.73 21.74
O35 SXA G . -21.53 -0.52 21.61
N36 SXA G . -20.20 -2.31 21.19
C37 SXA G . -19.22 -1.68 20.29
C38 SXA G . -17.95 -2.52 20.00
C39 SXA G . -16.66 -1.73 19.69
O40 SXA G . -16.76 -0.52 19.47
N41 SXA G . -15.50 -2.39 19.58
C42 SXA G . -14.31 -1.75 19.00
C43 SXA G . -12.95 -2.47 19.13
S1 SXA G . -12.22 -2.44 20.80
C1 SXA G . -10.64 -1.60 20.40
O1 SXA G . -9.99 -1.82 19.38
C2 SXA G . -10.28 -0.46 21.34
H28 SXA G . -21.63 -4.57 25.52
H28A SXA G . -22.90 -4.75 24.31
H30 SXA G . -19.99 -2.64 25.41
H30A SXA G . -19.59 -2.94 23.73
H30B SXA G . -20.17 -1.36 24.24
H31 SXA G . -22.30 -2.19 26.15
H31A SXA G . -22.64 -1.01 24.89
H31B SXA G . -23.69 -2.41 25.11
H32 SXA G . -22.19 -3.63 22.09
HO33 SXA G . -24.07 -2.68 23.18
HN36 SXA G . -20.08 -3.30 21.32
H37 SXA G . -19.53 -1.01 19.49
H37A SXA G . -18.84 -0.90 20.95
H38 SXA G . -17.77 -3.20 20.83
H38A SXA G . -18.17 -3.27 19.24
HN41 SXA G . -15.44 -3.36 19.83
H42 SXA G . -14.49 -1.50 17.96
H42A SXA G . -14.16 -0.78 19.48
H43 SXA G . -12.29 -2.20 18.30
H43A SXA G . -13.15 -3.53 18.93
H2 SXA G . -10.66 -0.63 22.35
H2A SXA G . -9.21 -0.32 21.38
H2B SXA G . -10.73 0.47 20.97
H15 SXA G . -21.22 -4.99 23.86
C10 O7S H . -10.06 21.61 2.07
C15 O7S H . -5.08 22.55 1.97
C17 O7S H . -4.03 23.79 3.31
C21 O7S H . -7.87 29.12 6.74
C22 O7S H . -6.83 29.87 6.31
C24 O7S H . -5.79 30.19 8.67
C26 O7S H . -6.47 32.05 10.24
C28 O7S H . -2.97 30.37 7.09
O01 O7S H . -9.07 29.07 4.72
C02 O7S H . -8.87 28.62 5.85
N03 O7S H . -9.56 27.58 6.35
C04 O7S H . -10.64 26.88 5.68
C05 O7S H . -10.31 25.41 5.44
C06 O7S H . -10.32 24.82 4.22
C07 O7S H . -10.15 23.40 3.95
C08 O7S H . -9.82 22.42 5.08
C09 O7S H . -10.24 23.00 2.66
C11 O7S H . -8.73 21.40 1.31
C12 O7S H . -7.49 21.78 2.11
C14 O7S H . -6.19 21.78 1.27
N16 O7S H . -5.20 23.20 3.09
C18 O7S H . -3.17 23.41 2.29
O19 O7S H . -3.85 22.63 1.41
O20 O7S H . -11.09 21.45 1.13
C23 O7S H . -5.64 30.37 7.15
C25 O7S H . -6.80 31.13 9.32
C27 O7S H . -4.32 29.78 6.59
C29 O7S H . -2.82 31.86 6.73
C30 O7S H . -1.78 29.58 6.52
O31 O7S H . -4.29 28.38 6.85
C32 O7S H . -4.53 27.49 5.86
C33 O7S H . -4.43 26.06 6.36
N34 O7S H . -4.68 25.03 5.33
C35 O7S H . -3.71 24.69 4.41
O36 O7S H . -2.57 25.15 4.47
C37 O7S H . -6.06 24.53 5.44
C38 O7S H . -6.69 25.26 6.63
C39 O7S H . -5.49 25.73 7.42
O40 O7S H . -4.79 27.79 4.69
F13 O7S H . -7.35 20.99 3.18
H1 O7S H . -10.18 20.85 2.84
H2 O7S H . -7.96 28.82 7.77
H3 O7S H . -6.76 30.11 5.26
H4 O7S H . -4.83 30.34 9.18
H5 O7S H . -6.06 29.17 8.92
H6 O7S H . -7.21 32.69 10.69
H7 O7S H . -5.44 32.19 10.56
H8 O7S H . -2.93 30.27 8.17
H9 O7S H . -9.35 27.31 7.29
H10 O7S H . -11.51 26.91 6.34
H11 O7S H . -10.94 27.36 4.75
H12 O7S H . -10.11 24.83 6.32
H13 O7S H . -10.51 25.47 3.38
H14 O7S H . -9.37 21.49 4.74
H15 O7S H . -9.10 22.85 5.77
H16 O7S H . -10.72 22.20 5.66
H17 O7S H . -10.47 23.74 1.90
H18 O7S H . -8.74 21.99 0.39
H19 O7S H . -8.64 20.35 1.00
H20 O7S H . -7.65 22.78 2.51
H21 O7S H . -6.38 22.23 0.30
H22 O7S H . -5.88 20.75 1.08
H23 O7S H . -2.14 23.63 2.07
H24 O7S H . -11.00 20.57 0.73
H25 O7S H . -5.61 31.44 6.95
H26 O7S H . -7.83 31.02 9.03
H27 O7S H . -4.31 29.96 5.51
H28 O7S H . -1.86 32.25 7.08
H29 O7S H . -2.86 32.02 5.66
H30 O7S H . -3.59 32.47 7.20
H31 O7S H . -0.82 30.04 6.76
H32 O7S H . -1.74 28.56 6.92
H33 O7S H . -1.84 29.49 5.43
H34 O7S H . -3.44 25.92 6.80
H35 O7S H . -6.65 24.73 4.55
H36 O7S H . -6.03 23.46 5.64
H37 O7S H . -7.37 24.64 7.21
H38 O7S H . -7.24 26.13 6.27
H39 O7S H . -5.72 26.57 8.09
H40 O7S H . -5.13 24.92 8.06
P PO4 I . -29.67 11.99 22.26
O1 PO4 I . -29.78 10.48 22.27
O2 PO4 I . -30.78 12.57 21.42
O3 PO4 I . -29.79 12.51 23.68
O4 PO4 I . -28.33 12.41 21.68
S SO4 J . 0.33 12.05 32.25
O1 SO4 J . 0.81 11.81 33.61
O2 SO4 J . -0.97 11.42 32.06
O3 SO4 J . 0.24 13.48 31.99
O4 SO4 J . 1.30 11.43 31.34
CL CL K . -5.23 16.04 6.92
C28 SXA L . 32.74 6.04 0.37
C29 SXA L . 32.31 4.57 0.20
C30 SXA L . 31.54 4.13 1.48
C31 SXA L . 33.60 3.71 0.15
C32 SXA L . 31.41 4.40 -1.11
O33 SXA L . 32.24 4.10 -2.25
C34 SXA L . 30.24 3.37 -1.04
O35 SXA L . 30.41 2.17 -1.26
N36 SXA L . 29.03 3.88 -0.70
C37 SXA L . 27.75 3.16 -0.64
C38 SXA L . 26.64 3.86 0.17
C39 SXA L . 25.58 2.96 0.83
O40 SXA L . 25.49 1.78 0.46
N41 SXA L . 24.72 3.49 1.71
C42 SXA L . 23.55 2.76 2.19
C43 SXA L . 22.67 3.45 3.25
S1 SXA L . 23.40 3.60 4.91
C1 SXA L . 22.11 2.70 5.85
O1 SXA L . 20.91 2.82 5.64
C2 SXA L . 22.64 1.64 6.80
H28 SXA L . 33.34 6.20 1.27
H28A SXA L . 33.34 6.39 -0.48
H30 SXA L . 32.08 4.36 2.38
H30A SXA L . 30.57 4.62 1.56
H30B SXA L . 31.36 3.05 1.49
H31 SXA L . 34.17 3.75 1.08
H31A SXA L . 33.36 2.66 -0.05
H31B SXA L . 34.29 4.03 -0.64
H32 SXA L . 30.96 5.37 -1.33
HO33 SXA L . 33.07 4.57 -2.13
HN36 SXA L . 28.98 4.88 -0.59
H37 SXA L . 27.40 2.56 -1.49
H37A SXA L . 28.02 2.31 0.00
H38 SXA L . 27.10 4.48 0.94
H38A SXA L . 26.20 4.67 -0.41
HN41 SXA L . 24.87 4.44 2.04
H42 SXA L . 22.93 2.43 1.35
H42A SXA L . 23.89 1.84 2.65
H43 SXA L . 21.64 3.09 3.20
H43A SXA L . 22.55 4.48 2.91
H2 SXA L . 23.20 0.89 6.25
H2A SXA L . 23.29 2.07 7.56
H2B SXA L . 21.82 1.13 7.30
H15 SXA L . 31.88 6.72 0.44
C10 O7S M . 9.19 -21.61 -4.70
C15 O7S M . 5.79 -22.41 -1.05
C17 O7S M . 6.12 -23.52 0.70
C21 O7S M . 11.54 -28.90 0.09
C22 O7S M . 10.43 -29.21 0.79
C24 O7S M . 11.61 -29.39 3.10
C26 O7S M . 13.40 -30.94 4.00
C28 O7S M . 8.61 -29.89 4.27
O01 O7S M . 10.74 -28.71 -2.11
C02 O7S M . 11.50 -28.33 -1.23
N03 O7S M . 12.37 -27.33 -1.36
C04 O7S M . 12.63 -26.56 -2.57
C05 O7S M . 12.10 -25.15 -2.49
C06 O7S M . 11.22 -24.62 -3.36
C07 O7S M . 10.77 -23.23 -3.42
C08 O7S M . 11.28 -22.19 -2.44
C09 O7S M . 9.85 -22.95 -4.37
C11 O7S M . 7.72 -21.51 -4.28
C12 O7S M . 7.48 -21.63 -2.77
C14 O7S M . 5.98 -21.71 -2.39
N16 O7S M . 6.72 -22.98 -0.34
C18 O7S M . 4.77 -23.20 0.63
O19 O7S M . 4.55 -22.50 -0.52
O20 O7S M . 9.21 -21.51 -6.09
C23 O7S M . 10.37 -29.73 2.22
C25 O7S M . 12.79 -30.35 2.96
C27 O7S M . 9.03 -29.29 2.89
C29 O7S M . 8.73 -31.42 4.34
C30 O7S M . 7.17 -29.46 4.62
O31 O7S M . 9.08 -27.88 3.07
C32 O7S M . 8.37 -27.07 2.27
C33 O7S M . 8.70 -25.61 2.56
N34 O7S M . 8.08 -24.66 1.61
C35 O7S M . 6.75 -24.31 1.73
O36 O7S M . 6.07 -24.69 2.68
C37 O7S M . 9.06 -24.27 0.60
C38 O7S M . 10.36 -25.00 0.92
C39 O7S M . 10.21 -25.32 2.39
O40 O7S M . 7.60 -27.44 1.39
F13 O7S M . 8.07 -20.64 -2.11
H1 O7S M . 9.78 -20.78 -4.29
H2 O7S M . 12.52 -29.07 0.49
H3 O7S M . 9.46 -29.01 0.33
H4 O7S M . 11.33 -29.40 4.15
H5 O7S M . 11.94 -28.37 2.91
H6 O7S M . 14.23 -31.62 3.84
H7 O7S M . 13.08 -30.76 5.00
H8 O7S M . 9.27 -29.48 5.03
H9 O7S M . 12.92 -27.09 -0.54
H10 O7S M . 13.71 -26.50 -2.69
H11 O7S M . 12.25 -27.08 -3.46
H12 O7S M . 12.51 -24.55 -1.69
H13 O7S M . 10.83 -25.30 -4.11
H14 O7S M . 10.64 -21.31 -2.37
H15 O7S M . 11.32 -22.60 -1.43
H16 O7S M . 12.29 -21.89 -2.71
H17 O7S M . 9.52 -23.73 -5.03
H18 O7S M . 7.14 -22.27 -4.80
H19 O7S M . 7.31 -20.54 -4.60
H20 O7S M . 7.99 -22.54 -2.46
H21 O7S M . 5.44 -22.26 -3.15
H22 O7S M . 5.56 -20.71 -2.37
H23 O7S M . 3.91 -23.41 1.26
H24 O7S M . 8.69 -20.75 -6.34
H25 O7S M . 10.31 -30.82 2.12
H26 O7S M . 13.16 -30.55 1.96
H27 O7S M . 8.22 -29.58 2.20
H28 O7S M . 8.45 -31.79 5.32
H29 O7S M . 8.07 -31.91 3.62
H30 O7S M . 9.75 -31.76 4.15
H31 O7S M . 6.82 -29.90 5.55
H32 O7S M . 7.08 -28.37 4.72
H33 O7S M . 6.47 -29.77 3.84
H34 O7S M . 8.41 -25.38 3.58
H35 O7S M . 8.73 -24.53 -0.42
H36 O7S M . 9.22 -23.19 0.65
H37 O7S M . 11.25 -24.42 0.68
H38 O7S M . 10.42 -25.94 0.35
H39 O7S M . 10.87 -26.11 2.73
H40 O7S M . 10.47 -24.43 2.96
C28 SXA N . 22.77 -23.21 -5.13
C29 SXA N . 22.76 -22.31 -6.41
C30 SXA N . 21.37 -22.48 -7.09
C31 SXA N . 23.79 -22.92 -7.39
C32 SXA N . 23.09 -20.80 -6.02
O33 SXA N . 24.41 -20.42 -6.41
C34 SXA N . 22.08 -19.72 -6.50
O35 SXA N . 22.22 -19.17 -7.60
N36 SXA N . 21.04 -19.44 -5.69
C37 SXA N . 20.02 -18.42 -5.90
C38 SXA N . 18.70 -18.56 -5.09
C39 SXA N . 17.45 -17.97 -5.76
O40 SXA N . 17.58 -17.24 -6.74
N41 SXA N . 16.25 -18.20 -5.20
C42 SXA N . 15.05 -17.48 -5.63
C43 SXA N . 13.71 -17.99 -5.09
S1 SXA N . 13.16 -19.61 -5.71
C1 SXA N . 11.53 -19.10 -6.38
O1 SXA N . 10.79 -18.29 -5.82
C2 SXA N . 11.23 -19.58 -7.80
H28 SXA N . 22.46 -24.23 -5.33
H28A SXA N . 23.78 -23.26 -4.69
H30 SXA N . 21.16 -23.51 -7.31
H30A SXA N . 20.56 -22.10 -6.47
H30B SXA N . 21.34 -21.93 -8.03
H31 SXA N . 23.54 -23.93 -7.67
H31A SXA N . 23.85 -22.32 -8.31
H31B SXA N . 24.81 -22.95 -6.98
H32 SXA N . 23.10 -20.72 -4.92
HO33 SXA N . 25.02 -21.12 -6.15
HN36 SXA N . 21.01 -19.91 -4.80
H37 SXA N . 20.32 -17.39 -6.14
H37A SXA N . 19.70 -18.66 -6.91
H38 SXA N . 18.54 -19.61 -4.88
H38A SXA N . 18.85 -18.21 -4.08
HN41 SXA N . 16.17 -18.83 -4.43
H42 SXA N . 15.14 -16.40 -5.44
H42A SXA N . 14.97 -17.52 -6.72
H43 SXA N . 12.95 -17.19 -5.07
H43A SXA N . 13.86 -18.18 -4.03
H2 SXA N . 11.89 -20.40 -8.08
H2A SXA N . 10.20 -19.93 -7.88
H2B SXA N . 11.37 -18.77 -8.50
H15 SXA N . 22.11 -22.82 -4.35
MG MG O . 28.53 -7.31 -11.86
P PO4 P . 8.48 -16.98 0.44
O1 PO4 P . 8.50 -18.45 0.14
O2 PO4 P . 7.55 -16.28 -0.52
O3 PO4 P . 8.00 -16.77 1.86
O4 PO4 P . 9.86 -16.40 0.28
P PO4 Q . -2.35 -40.55 -4.23
O1 PO4 Q . -3.74 -40.80 -4.74
O2 PO4 Q . -1.94 -41.68 -3.32
O3 PO4 Q . -2.29 -39.23 -3.50
O4 PO4 Q . -1.40 -40.50 -5.40
S SO4 R . 23.96 -9.92 22.54
O1 SO4 R . 24.34 -11.31 22.33
O2 SO4 R . 22.53 -9.76 22.27
O3 SO4 R . 24.22 -9.52 23.92
O4 SO4 R . 24.70 -9.08 21.62
S SO4 S . 36.86 -10.74 -6.55
O1 SO4 S . 35.91 -11.63 -5.87
O2 SO4 S . 36.53 -10.67 -7.97
O3 SO4 S . 38.22 -11.26 -6.39
O4 SO4 S . 36.79 -9.41 -5.95
C28 SXA T . 19.70 -1.37 -26.99
C29 SXA T . 20.54 -0.87 -25.77
C30 SXA T . 19.98 0.51 -25.34
C31 SXA T . 21.97 -0.61 -26.30
C32 SXA T . 20.49 -1.95 -24.61
O33 SXA T . 21.72 -2.70 -24.53
C34 SXA T . 20.12 -1.44 -23.17
O35 SXA T . 20.98 -1.06 -22.38
N36 SXA T . 18.81 -1.44 -22.86
C37 SXA T . 18.23 -1.10 -21.56
C38 SXA T . 16.71 -0.76 -21.55
C39 SXA T . 16.24 0.21 -20.45
O40 SXA T . 17.01 0.46 -19.51
N41 SXA T . 15.00 0.72 -20.50
C42 SXA T . 14.42 1.45 -19.38
C43 SXA T . 13.03 2.09 -19.59
S1 SXA T . 13.00 3.55 -20.68
C1 SXA T . 12.36 4.77 -19.48
O1 SXA T . 11.49 4.52 -18.66
C2 SXA T . 13.12 6.08 -19.43
H28 SXA T . 19.68 -0.65 -27.81
H28A SXA T . 20.09 -2.31 -27.39
H30 SXA T . 19.99 1.23 -26.15
H30A SXA T . 18.96 0.45 -24.97
H30B SXA T . 20.59 0.95 -24.54
H31 SXA T . 22.00 0.15 -27.08
H31A SXA T . 22.63 -0.27 -25.50
H31B SXA T . 22.44 -1.51 -26.73
H32 SXA T . 19.74 -2.70 -24.86
HO33 SXA T . 21.99 -2.92 -25.43
HN36 SXA T . 18.16 -1.82 -23.52
H37 SXA T . 18.61 -1.54 -20.64
H37A SXA T . 18.69 -0.12 -21.40
H38 SXA T . 16.44 -0.38 -22.52
H38A SXA T . 16.13 -1.68 -21.58
HN41 SXA T . 14.42 0.55 -21.32
H42 SXA T . 14.41 0.84 -18.48
H42A SXA T . 15.09 2.28 -19.11
H43 SXA T . 12.49 2.18 -18.65
H43A SXA T . 12.44 1.34 -20.11
H2 SXA T . 13.49 6.38 -20.42
H2A SXA T . 12.48 6.88 -19.04
H2B SXA T . 13.98 5.99 -18.77
H15 SXA T . 18.66 -1.56 -26.71
C10 O7S U . 21.60 5.25 8.63
C15 O7S U . 18.63 8.83 10.55
C17 O7S U . 19.00 10.91 10.50
C21 O7S U . 25.98 12.99 10.23
C22 O7S U . 25.64 13.77 11.28
C24 O7S U . 25.78 16.03 9.99
C26 O7S U . 27.92 17.39 9.84
C28 O7S U . 23.42 16.98 12.02
O01 O7S U . 26.28 10.97 11.41
C02 O7S U . 26.17 11.56 10.33
N03 O7S U . 26.18 10.93 9.15
C04 O7S U . 26.36 9.51 8.96
C05 O7S U . 25.16 8.84 8.31
C06 O7S U . 24.46 7.83 8.87
C07 O7S U . 23.33 7.14 8.26
C08 O7S U . 22.72 7.62 6.95
C09 O7S U . 22.81 6.10 8.96
C11 O7S U . 20.37 5.54 9.51
C12 O7S U . 19.85 6.98 9.34
C14 O7S U . 18.78 7.34 10.39
N16 O7S U . 19.43 9.74 10.05
C18 O7S U . 17.86 10.68 11.26
O19 O7S U . 17.63 9.34 11.32
O20 O7S U . 21.98 3.92 8.90
C23 O7S U . 25.33 15.27 11.27
C25 O7S U . 27.28 16.20 9.88
C27 O7S U . 23.85 15.53 11.67
C29 O7S U . 24.11 17.49 13.31
C30 O7S U . 21.88 17.13 12.18
O31 O7S U . 23.00 15.07 10.62
C32 O7S U . 22.35 13.89 10.75
C33 O7S U . 21.55 13.56 9.51
N34 O7S U . 20.80 12.29 9.58
C35 O7S U . 19.63 12.21 10.29
O36 O7S U . 19.09 13.20 10.78
C37 O7S U . 21.55 11.22 8.89
C38 O7S U . 22.78 11.88 8.29
C39 O7S U . 22.46 13.35 8.27
O40 O7S U . 22.41 13.16 11.73
F13 O7S U . 19.39 7.18 8.11
H1 O7S U . 21.35 5.31 7.58
H2 O7S U . 26.08 13.41 9.24
H3 O7S U . 25.52 13.29 12.25
H4 O7S U . 25.36 17.03 9.99
H5 O7S U . 25.36 15.56 9.09
H6 O7S U . 29.00 17.45 9.81
H7 O7S U . 27.36 18.31 9.83
H8 O7S U . 23.70 17.63 11.20
H9 O7S U . 26.13 11.51 8.33
H10 O7S U . 27.22 9.37 8.29
H11 O7S U . 26.62 8.99 9.88
H12 O7S U . 24.88 9.22 7.34
H13 O7S U . 24.80 7.49 9.84
H14 O7S U . 21.68 7.32 6.81
H15 O7S U . 22.70 8.72 6.92
H16 O7S U . 23.33 7.29 6.11
H17 O7S U . 23.28 5.80 9.88
H18 O7S U . 20.62 5.37 10.55
H19 O7S U . 19.57 4.86 9.25
H20 O7S U . 20.71 7.65 9.46
H21 O7S U . 19.04 6.92 11.35
H22 O7S U . 17.82 6.89 10.10
H23 O7S U . 17.19 11.33 11.81
H24 O7S U . 21.24 3.34 8.67
H25 O7S U . 25.94 15.67 12.08
H26 O7S U . 27.88 15.30 9.85
H27 O7S U . 23.66 14.97 12.59
H28 O7S U . 23.79 18.50 13.56
H29 O7S U . 23.86 16.84 14.16
H30 O7S U . 25.19 17.50 13.21
H31 O7S U . 21.61 18.13 12.53
H32 O7S U . 21.37 16.98 11.24
H33 O7S U . 21.49 16.42 12.90
H34 O7S U . 20.87 14.39 9.31
H35 O7S U . 21.85 10.44 9.57
H36 O7S U . 20.93 10.79 8.10
H37 O7S U . 23.03 11.48 7.31
H38 O7S U . 23.63 11.70 8.95
H39 O7S U . 23.35 13.98 8.26
H40 O7S U . 21.90 13.59 7.37
P PO4 V . 16.67 25.52 -17.26
O1 PO4 V . 15.90 24.63 -18.20
O2 PO4 V . 17.75 24.70 -16.58
O3 PO4 V . 15.74 26.11 -16.23
O4 PO4 V . 17.32 26.63 -18.05
P PO4 W . 34.42 0.03 -17.67
O1 PO4 W . 32.96 0.03 -18.11
O2 PO4 W . 34.87 -1.39 -17.42
O3 PO4 W . 34.57 0.84 -16.41
O4 PO4 W . 35.30 0.62 -18.75
P PO4 X . 35.60 15.32 15.61
O1 PO4 X . 35.33 14.05 16.39
O2 PO4 X . 34.28 15.93 15.17
O3 PO4 X . 36.33 16.29 16.49
O4 PO4 X . 36.45 15.01 14.40
CL CL Y . 16.37 8.14 3.46
C10 O7S Z . 9.66 6.25 -21.67
C15 O7S Z . 4.69 6.54 -22.57
C17 O7S Z . 3.69 5.62 -24.18
C21 O7S Z . 7.47 4.39 -30.29
C22 O7S Z . 6.43 5.02 -30.89
C24 O7S Z . 5.47 2.89 -32.04
C26 O7S Z . 6.21 2.26 -34.37
C28 O7S Z . 2.60 4.34 -31.71
O01 O7S Z . 8.59 6.31 -29.54
C02 O7S Z . 8.47 5.09 -29.52
N03 O7S Z . 9.22 4.29 -28.75
C04 O7S Z . 10.28 4.74 -27.86
C05 O7S Z . 10.01 4.42 -26.40
C06 O7S Z . 10.01 5.33 -25.40
C07 O7S Z . 9.81 5.09 -23.99
C08 O7S Z . 9.45 3.70 -23.46
C09 O7S Z . 9.90 6.16 -23.16
C11 O7S Z . 8.34 6.94 -21.29
C12 O7S Z . 7.10 6.24 -21.85
C14 O7S Z . 5.79 7.03 -21.63
N16 O7S Z . 4.85 5.72 -23.57
C18 O7S Z . 2.77 6.38 -23.45
O19 O7S Z . 3.42 6.99 -22.42
O20 O7S Z . 10.69 7.06 -21.16
C23 O7S Z . 5.27 4.38 -31.66
C25 O7S Z . 6.51 2.67 -33.13
C27 O7S Z . 3.91 4.64 -30.93
C29 O7S Z . 2.40 5.28 -32.90
C30 O7S Z . 1.34 4.40 -30.81
O31 O7S Z . 3.90 3.92 -29.70
C32 O7S Z . 4.18 4.55 -28.54
C33 O7S Z . 4.19 3.59 -27.37
N34 O7S Z . 4.41 4.22 -26.04
C35 O7S Z . 3.40 4.88 -25.39
O36 O7S Z . 2.25 4.89 -25.82
C37 O7S Z . 5.83 4.07 -25.66
C38 O7S Z . 6.49 3.21 -26.72
C39 O7S Z . 5.34 2.57 -27.46
O40 O7S Z . 4.42 5.75 -28.43
F13 O7S Z . 6.99 5.00 -21.37
H1 O7S Z . 9.73 5.26 -21.20
H2 O7S Z . 7.57 3.31 -30.32
H3 O7S Z . 6.37 6.09 -30.81
H4 O7S Z . 4.55 2.45 -32.40
H5 O7S Z . 5.73 2.29 -31.17
H6 O7S Z . 6.97 2.12 -35.12
H7 O7S Z . 5.18 2.07 -34.66
H8 O7S Z . 2.63 3.32 -32.10
H9 O7S Z . 9.07 3.29 -28.83
H10 O7S Z . 11.19 4.21 -28.15
H11 O7S Z . 10.50 5.80 -27.97
H12 O7S Z . 9.83 3.38 -26.17
H13 O7S Z . 10.19 6.36 -25.71
H14 O7S Z . 8.94 3.71 -22.50
H15 O7S Z . 8.75 3.21 -24.14
H16 O7S Z . 10.33 3.07 -23.42
H17 O7S Z . 10.17 7.12 -23.59
H18 O7S Z . 8.34 7.97 -21.63
H19 O7S Z . 8.24 6.98 -20.20
H20 O7S Z . 7.27 6.11 -22.93
H21 O7S Z . 5.95 8.09 -21.81
H22 O7S Z . 5.47 6.93 -20.59
H23 O7S Z . 1.71 6.57 -23.57
H24 O7S Z . 10.56 7.15 -20.22
H25 O7S Z . 5.22 4.93 -32.59
H26 O7S Z . 7.54 2.85 -32.86
H27 O7S Z . 3.86 5.71 -30.73
H28 O7S Z . 1.47 5.08 -33.44
H29 O7S Z . 2.35 6.32 -32.58
H30 O7S Z . 3.21 5.21 -33.64
H31 O7S Z . 0.42 4.28 -31.38
H32 O7S Z . 1.35 3.61 -30.05
H33 O7S Z . 1.29 5.35 -30.29
H34 O7S Z . 3.23 3.04 -27.37
H35 O7S Z . 6.32 5.03 -25.59
H36 O7S Z . 5.88 3.56 -24.70
H37 O7S Z . 7.21 2.50 -26.32
H38 O7S Z . 7.02 3.88 -27.41
H39 O7S Z . 5.61 2.29 -28.49
H40 O7S Z . 5.06 1.65 -26.96
P PO4 AA . 13.10 10.21 -40.11
O1 PO4 AA . 13.43 8.73 -39.95
O2 PO4 AA . 11.66 10.35 -40.53
O3 PO4 AA . 13.32 10.93 -38.80
O4 PO4 AA . 14.01 10.81 -41.16
P PO4 BA . 30.57 -14.79 -19.59
O1 PO4 BA . 30.50 -16.30 -19.47
O2 PO4 BA . 29.19 -14.24 -19.89
O3 PO4 BA . 31.09 -14.22 -18.29
O4 PO4 BA . 31.50 -14.44 -20.72
S SO4 CA . 0.77 -25.78 -23.47
O1 SO4 CA . 1.34 -25.68 -22.14
O2 SO4 CA . -0.48 -26.54 -23.41
O3 SO4 CA . 0.53 -24.44 -24.00
O4 SO4 CA . 1.72 -26.47 -24.34
CL CL DA . 5.66 1.94 -18.45
C28 SXA EA . -19.54 24.01 11.77
C29 SXA EA . -20.27 22.94 10.91
C30 SXA EA . -19.69 23.01 9.47
C31 SXA EA . -21.76 23.37 10.80
C32 SXA EA . -20.11 21.51 11.56
O33 SXA EA . -21.19 21.21 12.45
C34 SXA EA . -19.90 20.31 10.57
O35 SXA EA . -20.86 19.70 10.09
N36 SXA EA . -18.62 20.01 10.27
C37 SXA EA . -18.15 18.88 9.45
C38 SXA EA . -16.68 18.99 8.95
C39 SXA EA . -16.35 18.28 7.63
O40 SXA EA . -17.15 17.47 7.17
N41 SXA EA . -15.16 18.49 7.07
C42 SXA EA . -14.67 17.69 5.94
C43 SXA EA . -13.30 18.07 5.35
S1 SXA EA . -13.23 19.67 4.46
C1 SXA EA . -12.64 19.02 2.85
O1 SXA EA . -11.73 18.20 2.74
C2 SXA EA . -13.50 19.40 1.64
H28 SXA EA . -19.65 25.02 11.37
H28A SXA EA . -19.92 24.03 12.80
H30 SXA EA . -19.70 24.02 9.06
H30A SXA EA . -18.65 22.67 9.43
H30B SXA EA . -20.26 22.40 8.78
H31 SXA EA . -21.88 24.32 10.27
H31A SXA EA . -22.35 22.63 10.26
H31B SXA EA . -22.23 23.50 11.78
H32 SXA EA . -19.21 21.52 12.20
HO33 SXA EA . -21.43 22.03 12.91
HN36 SXA EA . -17.90 20.54 10.71
H37 SXA EA . -18.50 17.87 9.63
H37A SXA EA . -18.73 19.04 8.53
H38 SXA EA . -16.42 20.05 8.87
H38A SXA EA . -16.00 18.74 9.76
HN41 SXA EA . -14.55 19.21 7.42
H42 SXA EA . -14.71 16.62 6.15
H42A SXA EA . -15.38 17.80 5.12
H43 SXA EA . -12.84 17.21 4.84
H43A SXA EA . -12.63 18.22 6.20
H2 SXA EA . -13.99 20.36 1.77
H2A SXA EA . -12.90 19.41 0.73
H2B SXA EA . -14.27 18.64 1.52
H15 SXA EA . -18.47 23.81 11.85
C10 O7S FA . -22.18 -7.16 -7.24
C15 O7S FA . -19.37 -7.59 -11.42
C17 O7S FA . -19.87 -6.81 -13.31
C21 O7S FA . -27.52 -6.22 -14.55
C22 O7S FA . -26.69 -6.63 -15.53
C24 O7S FA . -27.04 -4.60 -17.11
C26 O7S FA . -29.10 -3.74 -18.29
C28 O7S FA . -24.94 -6.08 -19.07
O01 O7S FA . -27.49 -7.98 -12.99
C02 O7S FA . -27.47 -6.76 -13.23
N03 O7S FA . -27.38 -5.82 -12.29
C04 O7S FA . -27.35 -6.03 -10.86
C05 O7S FA . -26.02 -5.66 -10.22
C06 O7S FA . -25.26 -6.51 -9.50
C07 O7S FA . -24.05 -6.17 -8.75
C08 O7S FA . -23.49 -4.75 -8.75
C09 O7S FA . -23.44 -7.19 -8.10
C11 O7S FA . -20.97 -7.85 -7.90
C12 O7S FA . -20.53 -7.20 -9.21
C14 O7S FA . -19.41 -7.97 -9.95
N16 O7S FA . -20.20 -6.79 -12.03
C18 O7S FA . -18.72 -7.59 -13.44
O19 O7S FA . -18.41 -8.12 -12.22
O20 O7S FA . -22.48 -7.89 -6.08
C23 O7S FA . -26.62 -6.09 -16.96
C25 O7S FA . -28.53 -4.32 -17.22
C27 O7S FA . -25.20 -6.35 -17.56
C29 O7S FA . -25.99 -6.67 -20.01
C30 O7S FA . -23.54 -6.59 -19.47
O31 O7S FA . -24.27 -5.55 -16.84
C32 O7S FA . -23.37 -6.09 -16.02
C33 O7S FA . -22.61 -5.02 -15.26
N34 O7S FA . -21.78 -5.55 -14.14
C35 O7S FA . -20.57 -6.14 -14.38
O36 O7S FA . -20.07 -6.16 -15.51
C37 O7S FA . -22.51 -5.38 -12.87
C38 O7S FA . -23.83 -4.70 -13.20
C39 O7S FA . -23.54 -4.02 -14.54
O40 O7S FA . -23.20 -7.31 -15.86
F13 O7S FA . -20.14 -5.93 -9.01
H1 O7S FA . -21.93 -6.14 -6.95
H2 O7S FA . -28.28 -5.49 -14.69
H3 O7S FA . -25.96 -7.39 -15.29
H4 O7S FA . -26.57 -4.15 -17.99
H5 O7S FA . -26.65 -4.01 -16.28
H6 O7S FA . -30.17 -3.54 -18.31
H7 O7S FA . -28.52 -3.44 -19.14
H8 O7S FA . -24.93 -4.99 -19.22
H9 O7S FA . -27.36 -4.86 -12.61
H10 O7S FA . -28.12 -5.41 -10.41
H11 O7S FA . -27.62 -7.06 -10.59
H12 O7S FA . -25.74 -4.62 -10.34
H13 O7S FA . -25.60 -7.53 -9.46
H14 O7S FA . -22.43 -4.70 -8.49
H15 O7S FA . -23.55 -4.31 -9.75
H16 O7S FA . -24.08 -4.12 -8.09
H17 O7S FA . -23.89 -8.17 -8.14
H18 O7S FA . -21.20 -8.90 -8.09
H19 O7S FA . -20.12 -7.84 -7.22
H20 O7S FA . -21.41 -7.12 -9.84
H21 O7S FA . -19.60 -9.04 -9.88
H22 O7S FA . -18.45 -7.79 -9.47
H23 O7S FA . -18.10 -7.85 -14.28
H24 O7S FA . -21.70 -7.88 -5.52
H25 O7S FA . -27.31 -6.70 -17.54
H26 O7S FA . -29.16 -4.60 -16.39
H27 O7S FA . -25.00 -7.42 -17.42
H28 O7S FA . -25.78 -6.40 -21.05
H29 O7S FA . -26.01 -7.75 -19.95
H30 O7S FA . -27.00 -6.29 -19.79
H31 O7S FA . -23.34 -6.47 -20.54
H32 O7S FA . -22.74 -6.08 -18.93
H33 O7S FA . -23.44 -7.66 -19.24
H34 O7S FA . -21.99 -4.47 -15.97
H35 O7S FA . -22.70 -6.33 -12.38
H36 O7S FA . -21.92 -4.74 -12.21
H37 O7S FA . -24.17 -4.01 -12.42
H38 O7S FA . -24.61 -5.46 -13.34
H39 O7S FA . -24.45 -3.76 -15.08
H40 O7S FA . -23.01 -3.10 -14.35
MG MG GA . -28.07 7.56 11.75
P PO4 HA . -18.15 24.32 -16.79
O1 PO4 HA . -19.56 23.78 -16.93
O2 PO4 HA . -17.16 23.34 -17.37
O3 PO4 HA . -17.84 24.56 -15.33
O4 PO4 HA . -18.04 25.63 -17.54
P PO4 IA . -38.24 -11.98 -16.54
O1 PO4 IA . -39.62 -12.51 -16.26
O2 PO4 IA . -37.21 -12.93 -15.97
O3 PO4 IA . -38.08 -10.62 -15.90
O4 PO4 IA . -38.01 -11.85 -18.02
P PO4 JA . -35.05 14.83 8.25
O1 PO4 JA . -35.38 13.62 9.10
O2 PO4 JA . -36.22 15.78 8.24
O3 PO4 JA . -34.72 14.40 6.84
O4 PO4 JA . -33.86 15.55 8.84
P PO4 KA . -33.41 9.24 14.71
O1 PO4 KA . -33.78 9.11 16.17
O2 PO4 KA . -33.78 7.96 13.98
O3 PO4 KA . -31.92 9.47 14.59
O4 PO4 KA . -34.14 10.40 14.09
CL CL LA . -17.32 -2.67 -7.84
C28 SXA MA . -33.19 0.60 -3.82
C29 SXA MA . -32.82 0.11 -2.40
C30 SXA MA . -32.02 -1.22 -2.56
C31 SXA MA . -34.14 -0.26 -1.67
C32 SXA MA . -31.98 1.23 -1.64
O33 SXA MA . -32.82 1.99 -0.74
C34 SXA MA . -30.71 0.76 -0.88
O35 SXA MA . -30.75 0.43 0.31
N36 SXA MA . -29.56 0.70 -1.60
C37 SXA MA . -28.23 0.36 -1.10
C38 SXA MA . -27.16 0.06 -2.20
C39 SXA MA . -26.04 -0.90 -1.79
O40 SXA MA . -25.89 -1.19 -0.61
N41 SXA MA . -25.19 -1.34 -2.74
C42 SXA MA . -23.94 -2.03 -2.38
C43 SXA MA . -23.18 -2.76 -3.52
S1 SXA MA . -23.96 -4.29 -4.14
C1 SXA MA . -22.58 -5.46 -3.80
O1 SXA MA . -21.39 -5.19 -3.96
C2 SXA MA . -22.99 -6.75 -3.10
H28 SXA MA . -33.67 -0.17 -4.42
H28A SXA MA . -33.88 1.45 -3.79
H30 SXA MA . -32.58 -1.96 -3.11
H30A SXA MA . -31.07 -1.08 -3.08
H30B SXA MA . -31.79 -1.67 -1.59
H31 SXA MA . -34.66 -1.09 -2.17
H31A SXA MA . -33.96 -0.56 -0.65
H31B SXA MA . -34.84 0.58 -1.64
H32 SXA MA . -31.63 1.96 -2.37
HO33 SXA MA . -33.64 2.19 -1.20
HN36 SXA MA . -29.60 1.02 -2.55
H37 SXA MA . -27.85 0.80 -0.18
H37A SXA MA . -28.43 -0.63 -0.68
H38 SXA MA . -27.67 -0.31 -3.08
H38A SXA MA . -26.80 1.00 -2.61
HN41 SXA MA . -25.36 -1.13 -3.71
H42 SXA MA . -23.27 -1.34 -1.87
H42A SXA MA . -24.15 -2.78 -1.64
H43 SXA MA . -22.11 -2.82 -3.29
H43A SXA MA . -23.19 -2.09 -4.38
H2 SXA MA . -24.02 -7.02 -3.33
H2A SXA MA . -22.34 -7.58 -3.39
H2B SXA MA . -22.91 -6.63 -2.02
H15 SXA MA . -32.31 0.93 -4.37
C10 O7S NA . -8.18 -3.97 22.07
C15 O7S NA . -4.72 -7.60 21.42
C17 O7S NA . -4.99 -9.65 21.85
C21 O7S NA . -10.02 -11.35 26.98
C22 O7S NA . -8.99 -12.08 27.43
C24 O7S NA . -10.06 -14.37 26.75
C26 O7S NA . -11.65 -15.71 28.18
C28 O7S NA . -7.00 -15.41 26.52
O01 O7S NA . -9.37 -9.26 27.86
C02 O7S NA . -10.06 -9.91 27.08
N03 O7S NA . -10.92 -9.36 26.22
C04 O7S NA . -11.20 -7.93 26.09
C05 O7S NA . -10.82 -7.39 24.73
C06 O7S NA . -9.93 -6.41 24.52
C07 O7S NA . -9.63 -5.78 23.24
C08 O7S NA . -10.26 -6.29 21.95
C09 O7S NA . -8.73 -4.77 23.24
C11 O7S NA . -6.73 -4.29 21.70
C12 O7S NA . -6.47 -5.76 21.41
C14 O7S NA . -4.97 -6.12 21.26
N16 O7S NA . -5.61 -8.49 21.77
C18 O7S NA . -3.66 -9.43 21.49
O19 O7S NA . -3.48 -8.11 21.24
O20 O7S NA . -8.20 -2.62 22.48
C23 O7S NA . -8.82 -13.61 27.30
C25 O7S NA . -11.17 -14.52 27.78
C27 O7S NA . -7.51 -13.95 26.52
C29 O7S NA . -6.60 -15.89 27.92
C30 O7S NA . -5.79 -15.60 25.56
O31 O7S NA . -7.68 -13.54 25.16
C32 O7S NA . -7.11 -12.42 24.70
C33 O7S NA . -7.45 -12.20 23.23
N34 O7S NA . -6.87 -10.97 22.66
C35 O7S NA . -5.55 -10.91 22.29
O36 O7S NA . -4.82 -11.89 22.33
C37 O7S NA . -7.91 -9.92 22.63
C38 O7S NA . -9.18 -10.54 23.19
C39 O7S NA . -8.95 -12.02 23.00
O40 O7S NA . -6.40 -11.66 25.36
F13 O7S NA . -7.15 -6.17 20.34
H1 O7S NA . -8.84 -4.06 21.20
H2 O7S NA . -10.87 -11.80 26.49
H3 O7S NA . -8.16 -11.58 27.90
H4 O7S NA . -9.78 -15.37 26.46
H5 O7S NA . -10.44 -13.92 25.83
H6 O7S NA . -12.41 -15.78 28.95
H7 O7S NA . -11.28 -16.62 27.75
H8 O7S NA . -7.79 -16.06 26.15
H9 O7S NA . -11.46 -9.98 25.65
H10 O7S NA . -12.28 -7.80 26.22
H11 O7S NA . -10.73 -7.35 26.89
H12 O7S NA . -11.36 -7.83 23.91
H13 O7S NA . -9.41 -6.02 25.39
H14 O7S NA . -9.70 -6.04 21.05
H15 O7S NA . -10.29 -7.39 21.95
H16 O7S NA . -11.29 -5.96 21.87
H17 O7S NA . -8.31 -4.45 24.18
H18 O7S NA . -6.06 -3.96 22.50
H19 O7S NA . -6.44 -3.72 20.81
H20 O7S NA . -6.88 -6.34 22.25
H21 O7S NA . -4.39 -5.57 22.00
H22 O7S NA . -4.61 -5.77 20.29
H23 O7S NA . -2.79 -10.08 21.41
H24 O7S NA . -7.87 -2.07 21.77
H25 O7S NA . -8.67 -13.95 28.33
H26 O7S NA . -11.58 -13.61 28.22
H27 O7S NA . -6.70 -13.37 26.98
H28 O7S NA . -6.22 -16.91 27.89
H29 O7S NA . -5.83 -15.26 28.36
H30 O7S NA . -7.45 -15.89 28.62
H31 O7S NA . -5.34 -16.59 25.65
H32 O7S NA . -6.09 -15.48 24.52
H33 O7S NA . -5.01 -14.86 25.76
H34 O7S NA . -7.11 -13.08 22.67
H35 O7S NA . -7.62 -9.06 23.25
H36 O7S NA . -8.05 -9.58 21.61
H37 O7S NA . -10.08 -10.16 22.69
H38 O7S NA . -9.26 -10.31 24.24
H39 O7S NA . -9.60 -12.63 23.65
H40 O7S NA . -9.21 -12.30 21.98
P PO4 OA . -23.75 -25.50 2.24
O1 PO4 OA . -24.88 -26.49 2.13
O2 PO4 OA . -22.62 -26.11 3.04
O3 PO4 OA . -24.24 -24.25 2.92
O4 PO4 OA . -23.25 -25.16 0.85
P PO4 PA . -36.44 0.76 14.25
O1 PO4 PA . -37.71 0.01 14.59
O2 PO4 PA . -35.26 -0.18 14.28
O3 PO4 PA . -36.23 1.87 15.25
O4 PO4 PA . -36.58 1.37 12.87
CL CL QA . -8.22 -7.63 15.03
CL CL RA . -14.23 3.25 -0.18
#